data_7C7S
#
_entry.id   7C7S
#
_cell.length_a   1.00
_cell.length_b   1.00
_cell.length_c   1.00
_cell.angle_alpha   90.00
_cell.angle_beta   90.00
_cell.angle_gamma   90.00
#
_symmetry.space_group_name_H-M   'P 1'
#
loop_
_entity.id
_entity.type
_entity.pdbx_description
1 polymer 'Gamma-aminobutyric acid type B receptor subunit 1'
2 polymer 'Gamma-aminobutyric acid type B receptor subunit 2'
3 non-polymer 2-acetamido-2-deoxy-beta-D-glucopyranose
4 non-polymer '(R)-(cyclohexylmethyl)[(2S)-3-{[(1S)-1-(3,4-dichlorophenyl)ethyl]amino}-2-hydroxypropyl]phosphinic acid'
#
loop_
_entity_poly.entity_id
_entity_poly.type
_entity_poly.pdbx_seq_one_letter_code
_entity_poly.pdbx_strand_id
1 'polypeptide(L)'
;MKTIIALSYIFCLVFAPGAGGAQTPNATSEGCQIIHPPWEGGIRYRGLTRDQVKAINFLPVDYEIEYVCRGEREVVGPKV
RKCLANGSWTDMDTPSRCVRICSKSYLTLENGKVFLTGGDLPALDGARVDFRCDPDFHLVGSSRSICSQGQWSTPKPHCQ
VNRTPHSERRAVYIGALFPMSGGWPGGQACQPAVEMALEDVNSRRDILPDYELKLIHHDSKCDPGQATKYLYELLYNDPI
KIILMPGCSSVSTLVAEAARMWNLIVLSYGSSSPALSNRQRFPTFFRTHPSATLHNPTRVKLFEKWGWKKIATIQQTTEV
FTSTLDDLEERVKEAGIEITFRQSFFSDPAVPVKNLKRQDARIIVGLFYETEARKVFCEVYKERLFGKKYVWFLIGWYAD
NWFKIYDPSINCTVDEMTEAVEGHITTEIVMLNPANTRSISNMTSQEFVEKLTKRLKRHPEETGGFQEAPLAYDAIWALA
LALNKTSGGGGRSGVRLEDFNYNNQTITDQIYRAMNSSSFEGVSGHVVFDASGSRMAWTLIEQLQGGSYKKIGYYDSTKD
DLSWSKTDKWIGGSPPADQTLVIKTFRFLSQKLFISVSVLSSLGIVLAVVCLSFNIYNSHVRYIQNSQPNLNNLTAVGCS
LALAAVFPLGLDGYHIGRNQFPFVCQARLWLLGLGFSLGYGSMFTKIWWVHTVFTKKEEKKEWRKTLEPWKLYATVGLLV
GMDVLTLAIWQIVDPLHRTIETFAKEEPKEDIDVSILPQLEHCSSRKMNTWLGIFYGYKGLLLLLGIFLAYETKSVSTEK
INDHRAVGMAIYNVAVLCLITAPVTMILSSQQDAAFAFASLAIVFSSYITLVVLFVPKMRRLITRGEWQSEAQDTMKTGS
STNNNEEEKSRLLEKENRELEKIIAEKEERVSELRHQLQSRLEVLFQGPHHHHHHHH
;
A
2 'polypeptide(L)'
;MKTIIALSYIFCLVFADYKDDDDKGSGGSGWARGAPRPPPSSPPLSIMGLMPLTKEVAKGSIGRGVLPAVELAIEQIRNE
SLLRPYFLDLRLYDTECDNAKGLKAFYDAIKYGPNHLMVFGGVCPSVTSIIAESLQGWNLVQLSFAATTPVLADKKKYPY
FFRTVPSDNAVNPAILKLLKHYQWKRVGTLTQDVQRFSEVRNDLTGVLYGEDIEISDTESFSNDPCTSVKKLKGNDVRII
LGQFDQNMAAKVFCCAYEENMYGSKYQWIIPGWYEPSWWEQVHTEANSSRCLRKNLLAAMEGYIGVDFEPLSSKQIKTIS
GKTPQQYEREYNNKRSGVGPSKFHGYAYDGIWVIAKTLQRAMETLHASSRHQRIQDFNYTDHTLGRIILNAMNETNFFGV
TGQVVFRNGERMGTIKFTQFQDSREVKVGEYNAVADTLEIINDTIRFQGSEPPKDKTIILEQLRKISLPLYSILSALTIL
GMIMASAFLFFNIKNRNQKLIKMSSPYMNNLIILGGMLSYASIFLFGLDGSFVSEKTFETLCTVRTWILTVGYTTAFGAM
FAKTWRVHAIFKNVKMKKKIIKDQKLLVIVGGMLLIDLCILICWQAVDPLRRTVEKYSMEPDPAGRDISIRPLLEHCENT
HMTIWLGIVYAYKGLLMLFGCFLAWETRNVSIPALNDSKYIGMSVYNVGIMCIIGAAVSFLTRDQPNVQFCIVALVIIFC
STITLCLVFVPKLITLRTNPDAATQNRRFQFTQNQKKEDSKTSTSVTSVNQASTSRLEGLQSENHRLRMKITELDKDLEE
VTMQLQDT
;
B
#
# COMPACT_ATOMS: atom_id res chain seq x y z
N HIS A 166 41.07 -26.10 56.59
CA HIS A 166 41.88 -25.58 57.68
C HIS A 166 43.33 -25.41 57.25
N SER A 167 44.02 -26.53 57.02
CA SER A 167 45.42 -26.50 56.65
C SER A 167 45.63 -26.62 55.15
N GLU A 168 44.97 -27.57 54.49
CA GLU A 168 45.15 -27.73 53.06
C GLU A 168 44.70 -26.43 52.41
N ARG A 169 43.40 -26.13 52.46
CA ARG A 169 42.87 -24.83 52.06
C ARG A 169 43.41 -24.43 50.67
N ARG A 170 43.53 -25.42 49.79
CA ARG A 170 43.99 -25.20 48.43
C ARG A 170 43.03 -24.33 47.63
N ALA A 171 43.48 -23.13 47.27
CA ALA A 171 42.59 -22.12 46.72
C ALA A 171 42.16 -22.48 45.30
N VAL A 172 40.94 -22.05 44.96
CA VAL A 172 40.38 -22.17 43.62
C VAL A 172 40.01 -20.77 43.15
N TYR A 173 40.46 -20.42 41.95
CA TYR A 173 40.42 -19.04 41.48
C TYR A 173 39.31 -18.80 40.46
N ILE A 174 38.68 -17.63 40.58
CA ILE A 174 37.62 -17.18 39.70
C ILE A 174 38.09 -15.89 39.05
N GLY A 175 38.07 -15.85 37.72
CA GLY A 175 38.38 -14.63 36.99
C GLY A 175 37.12 -13.86 36.66
N ALA A 176 37.10 -12.58 37.04
CA ALA A 176 35.91 -11.76 36.88
C ALA A 176 36.26 -10.43 36.25
N LEU A 177 35.27 -9.87 35.55
CA LEU A 177 35.37 -8.56 34.90
C LEU A 177 34.22 -7.71 35.40
N PHE A 178 34.51 -6.69 36.19
CA PHE A 178 33.49 -5.86 36.80
C PHE A 178 33.50 -4.47 36.19
N PRO A 179 32.49 -4.08 35.43
CA PRO A 179 32.49 -2.76 34.79
C PRO A 179 32.21 -1.66 35.80
N MET A 180 33.24 -0.88 36.12
CA MET A 180 33.12 0.23 37.04
C MET A 180 32.74 1.53 36.35
N SER A 181 32.65 1.53 35.02
CA SER A 181 32.29 2.72 34.27
C SER A 181 31.66 2.27 32.95
N GLY A 182 31.33 3.24 32.13
CA GLY A 182 30.79 2.94 30.81
C GLY A 182 29.29 2.99 30.73
N GLY A 183 28.71 2.17 29.86
CA GLY A 183 27.28 2.20 29.67
C GLY A 183 26.48 1.67 30.84
N TRP A 184 27.07 0.79 31.63
CA TRP A 184 26.41 0.22 32.80
C TRP A 184 27.43 -0.05 33.87
N PRO A 185 27.61 0.87 34.82
CA PRO A 185 28.60 0.67 35.90
C PRO A 185 28.11 -0.27 36.99
N GLY A 186 27.91 -1.53 36.61
CA GLY A 186 27.40 -2.51 37.56
C GLY A 186 28.41 -2.88 38.63
N GLY A 187 29.69 -2.95 38.25
CA GLY A 187 30.73 -3.33 39.19
C GLY A 187 30.83 -2.42 40.38
N GLN A 188 30.23 -1.24 40.33
CA GLN A 188 30.24 -0.37 41.49
C GLN A 188 29.50 -0.98 42.68
N ALA A 189 28.58 -1.91 42.44
CA ALA A 189 27.87 -2.57 43.54
C ALA A 189 27.78 -4.07 43.41
N CYS A 190 28.05 -4.64 42.24
CA CYS A 190 28.10 -6.08 42.10
C CYS A 190 29.42 -6.67 42.55
N GLN A 191 30.48 -5.87 42.64
CA GLN A 191 31.75 -6.37 43.14
C GLN A 191 31.77 -6.50 44.65
N PRO A 192 31.34 -5.51 45.44
CA PRO A 192 31.17 -5.76 46.88
C PRO A 192 30.27 -6.93 47.20
N ALA A 193 29.18 -7.10 46.44
CA ALA A 193 28.26 -8.19 46.70
C ALA A 193 28.92 -9.53 46.45
N VAL A 194 29.82 -9.58 45.47
CA VAL A 194 30.54 -10.82 45.23
C VAL A 194 31.50 -11.09 46.39
N GLU A 195 32.27 -10.07 46.80
CA GLU A 195 33.23 -10.26 47.88
C GLU A 195 32.55 -10.79 49.13
N MET A 196 31.49 -10.12 49.57
CA MET A 196 30.72 -10.60 50.72
C MET A 196 30.30 -12.04 50.52
N ALA A 197 29.81 -12.38 49.33
CA ALA A 197 29.34 -13.73 49.07
C ALA A 197 30.44 -14.74 49.28
N LEU A 198 31.67 -14.42 48.83
CA LEU A 198 32.75 -15.38 48.97
C LEU A 198 33.05 -15.64 50.44
N GLU A 199 32.92 -14.60 51.27
CA GLU A 199 33.08 -14.81 52.70
C GLU A 199 32.10 -15.86 53.21
N ASP A 200 30.83 -15.76 52.81
CA ASP A 200 29.85 -16.70 53.31
C ASP A 200 30.09 -18.10 52.78
N VAL A 201 30.88 -18.24 51.71
CA VAL A 201 31.19 -19.58 51.23
C VAL A 201 32.46 -20.10 51.89
N ASN A 202 33.32 -19.20 52.37
CA ASN A 202 34.54 -19.61 53.05
C ASN A 202 34.35 -19.76 54.55
N SER A 203 33.44 -18.98 55.14
CA SER A 203 33.18 -19.05 56.57
C SER A 203 32.27 -20.20 56.94
N ARG A 204 31.60 -20.83 55.98
CA ARG A 204 30.74 -21.97 56.24
C ARG A 204 31.47 -23.25 55.88
N ARG A 205 31.66 -24.12 56.87
CA ARG A 205 32.44 -25.33 56.71
C ARG A 205 31.66 -26.45 56.02
N ASP A 206 30.40 -26.21 55.71
CA ASP A 206 29.57 -27.21 55.06
C ASP A 206 29.91 -27.34 53.58
N ILE A 207 30.08 -26.22 52.89
CA ILE A 207 30.37 -26.18 51.46
C ILE A 207 31.86 -25.95 51.22
N LEU A 208 32.46 -26.81 50.40
CA LEU A 208 33.85 -26.65 49.99
C LEU A 208 34.83 -26.50 51.15
N PRO A 209 34.75 -27.34 52.18
CA PRO A 209 35.69 -27.15 53.31
C PRO A 209 37.15 -27.31 52.91
N ASP A 210 37.48 -28.31 52.09
CA ASP A 210 38.86 -28.49 51.66
C ASP A 210 39.35 -27.34 50.79
N TYR A 211 38.52 -26.84 49.89
CA TYR A 211 38.87 -25.77 48.97
C TYR A 211 38.51 -24.39 49.51
N GLU A 212 39.10 -23.37 48.88
CA GLU A 212 38.78 -21.98 49.19
C GLU A 212 38.67 -21.16 47.91
N LEU A 213 37.54 -20.47 47.73
CA LEU A 213 37.33 -19.69 46.53
C LEU A 213 37.97 -18.31 46.67
N LYS A 214 38.70 -17.91 45.63
CA LYS A 214 39.36 -16.61 45.60
C LYS A 214 39.00 -15.90 44.30
N LEU A 215 39.24 -14.60 44.26
CA LEU A 215 38.76 -13.76 43.17
C LEU A 215 39.87 -12.85 42.65
N ILE A 216 40.25 -13.05 41.38
CA ILE A 216 41.03 -12.09 40.61
C ILE A 216 40.08 -11.36 39.67
N HIS A 217 40.15 -10.03 39.67
CA HIS A 217 39.18 -9.25 38.93
C HIS A 217 39.88 -8.07 38.24
N HIS A 218 39.28 -7.63 37.14
CA HIS A 218 39.75 -6.47 36.39
C HIS A 218 38.57 -5.59 36.03
N ASP A 219 38.85 -4.30 35.82
CA ASP A 219 37.84 -3.33 35.45
C ASP A 219 37.69 -3.30 33.93
N SER A 220 36.51 -3.64 33.45
CA SER A 220 36.28 -3.83 32.02
C SER A 220 35.76 -2.58 31.32
N LYS A 221 35.01 -1.73 32.02
CA LYS A 221 34.41 -0.51 31.48
C LYS A 221 33.40 -0.78 30.38
N CYS A 222 32.94 -2.03 30.26
CA CYS A 222 31.98 -2.43 29.24
C CYS A 222 32.49 -2.17 27.83
N ASP A 223 33.81 -2.14 27.66
CA ASP A 223 34.43 -2.01 26.35
C ASP A 223 35.12 -3.30 25.98
N PRO A 224 34.60 -4.06 25.02
CA PRO A 224 35.29 -5.30 24.60
C PRO A 224 36.74 -5.12 24.20
N GLY A 225 37.14 -3.94 23.74
CA GLY A 225 38.53 -3.72 23.39
C GLY A 225 39.47 -3.84 24.56
N GLN A 226 39.03 -3.45 25.74
CA GLN A 226 39.81 -3.59 26.97
C GLN A 226 39.60 -4.96 27.60
N ALA A 227 38.38 -5.49 27.51
CA ALA A 227 38.11 -6.83 27.98
C ALA A 227 38.94 -7.86 27.24
N THR A 228 39.37 -7.58 26.02
CA THR A 228 40.22 -8.53 25.30
C THR A 228 41.60 -8.62 25.95
N LYS A 229 42.17 -7.46 26.30
CA LYS A 229 43.45 -7.44 27.00
C LYS A 229 43.32 -8.09 28.37
N TYR A 230 42.23 -7.80 29.07
CA TYR A 230 42.07 -8.38 30.41
C TYR A 230 41.77 -9.86 30.37
N LEU A 231 41.15 -10.34 29.29
CA LEU A 231 40.98 -11.77 29.14
C LEU A 231 42.31 -12.44 28.85
N TYR A 232 43.19 -11.77 28.11
CA TYR A 232 44.56 -12.26 27.98
C TYR A 232 45.24 -12.32 29.34
N GLU A 233 45.08 -11.28 30.15
CA GLU A 233 45.72 -11.27 31.46
C GLU A 233 45.18 -12.39 32.36
N LEU A 234 43.88 -12.69 32.25
CA LEU A 234 43.31 -13.73 33.11
C LEU A 234 43.70 -15.13 32.65
N LEU A 235 43.80 -15.36 31.34
CA LEU A 235 44.06 -16.70 30.86
C LEU A 235 45.55 -17.00 30.69
N TYR A 236 46.40 -16.00 30.77
CA TYR A 236 47.84 -16.14 30.52
C TYR A 236 48.64 -15.55 31.67
N ASN A 237 48.18 -15.74 32.90
CA ASN A 237 48.93 -15.35 34.08
C ASN A 237 48.85 -16.46 35.12
N ASP A 238 49.55 -16.25 36.22
CA ASP A 238 49.97 -17.26 37.19
C ASP A 238 48.90 -18.28 37.61
N PRO A 239 47.80 -17.89 38.25
CA PRO A 239 46.88 -18.91 38.76
C PRO A 239 45.85 -19.33 37.72
N ILE A 240 45.63 -20.65 37.64
CA ILE A 240 44.69 -21.20 36.68
C ILE A 240 43.26 -20.99 37.17
N LYS A 241 42.46 -20.28 36.37
CA LYS A 241 41.08 -20.00 36.72
C LYS A 241 40.21 -21.20 36.42
N ILE A 242 39.16 -21.37 37.22
CA ILE A 242 38.21 -22.46 36.97
C ILE A 242 36.93 -21.97 36.31
N ILE A 243 36.63 -20.67 36.37
CA ILE A 243 35.42 -20.12 35.79
C ILE A 243 35.67 -18.66 35.48
N LEU A 244 34.90 -18.10 34.56
CA LEU A 244 34.97 -16.69 34.23
C LEU A 244 33.64 -16.03 34.59
N MET A 245 33.70 -14.81 35.11
CA MET A 245 32.50 -14.09 35.54
C MET A 245 32.47 -12.70 34.91
N PRO A 246 32.04 -12.60 33.66
CA PRO A 246 31.89 -11.29 33.03
C PRO A 246 30.57 -10.62 33.41
N GLY A 247 30.56 -9.30 33.20
CA GLY A 247 29.42 -8.49 33.56
C GLY A 247 28.47 -8.20 32.42
N CYS A 248 28.56 -7.01 31.83
CA CYS A 248 27.63 -6.56 30.81
C CYS A 248 27.74 -7.41 29.55
N SER A 249 26.85 -7.11 28.60
CA SER A 249 26.46 -8.07 27.58
C SER A 249 27.47 -8.20 26.44
N SER A 250 28.09 -7.09 26.03
CA SER A 250 29.07 -7.17 24.94
C SER A 250 30.32 -7.93 25.37
N VAL A 251 30.83 -7.61 26.56
CA VAL A 251 31.93 -8.37 27.14
C VAL A 251 31.54 -9.82 27.29
N SER A 252 30.29 -10.08 27.66
CA SER A 252 29.85 -11.45 27.85
C SER A 252 29.82 -12.20 26.54
N THR A 253 29.45 -11.53 25.45
CA THR A 253 29.46 -12.17 24.14
C THR A 253 30.87 -12.54 23.73
N LEU A 254 31.80 -11.60 23.90
CA LEU A 254 33.20 -11.88 23.60
C LEU A 254 33.72 -13.06 24.41
N VAL A 255 33.59 -12.98 25.74
CA VAL A 255 34.17 -13.99 26.61
C VAL A 255 33.49 -15.33 26.43
N ALA A 256 32.19 -15.34 26.19
CA ALA A 256 31.47 -16.60 26.06
C ALA A 256 31.71 -17.27 24.72
N GLU A 257 32.11 -16.49 23.70
CA GLU A 257 32.52 -17.14 22.46
C GLU A 257 33.97 -17.62 22.53
N ALA A 258 34.83 -16.91 23.25
CA ALA A 258 36.24 -17.28 23.30
C ALA A 258 36.46 -18.53 24.14
N ALA A 259 35.83 -18.62 25.31
CA ALA A 259 36.14 -19.65 26.30
C ALA A 259 35.90 -21.08 25.83
N ARG A 260 35.34 -21.27 24.64
CA ARG A 260 35.23 -22.62 24.10
C ARG A 260 36.60 -23.24 23.89
N MET A 261 37.62 -22.43 23.59
CA MET A 261 38.95 -22.93 23.29
C MET A 261 39.76 -23.24 24.54
N TRP A 262 39.39 -22.69 25.69
CA TRP A 262 40.09 -22.93 26.93
C TRP A 262 39.35 -23.88 27.85
N ASN A 263 38.23 -24.44 27.42
CA ASN A 263 37.43 -25.37 28.22
C ASN A 263 37.03 -24.75 29.55
N LEU A 264 36.46 -23.55 29.48
CA LEU A 264 36.06 -22.83 30.68
C LEU A 264 34.56 -22.60 30.70
N ILE A 265 34.00 -22.60 31.90
CA ILE A 265 32.62 -22.19 32.13
C ILE A 265 32.58 -20.68 32.26
N VAL A 266 31.58 -20.07 31.64
CA VAL A 266 31.35 -18.63 31.76
C VAL A 266 30.01 -18.45 32.45
N LEU A 267 30.00 -17.67 33.53
CA LEU A 267 28.81 -17.47 34.36
C LEU A 267 28.62 -15.97 34.55
N SER A 268 27.85 -15.37 33.65
CA SER A 268 27.61 -13.94 33.73
C SER A 268 26.56 -13.62 34.78
N TYR A 269 26.64 -12.42 35.33
CA TYR A 269 25.72 -11.98 36.36
C TYR A 269 24.91 -10.76 35.96
N GLY A 270 25.18 -10.17 34.80
CA GLY A 270 24.51 -8.94 34.45
C GLY A 270 24.15 -8.74 32.99
N SER A 271 24.13 -9.80 32.19
CA SER A 271 23.88 -9.67 30.75
C SER A 271 22.47 -10.08 30.41
N SER A 272 21.76 -9.23 29.66
CA SER A 272 20.36 -9.42 29.36
C SER A 272 20.08 -9.63 27.88
N SER A 273 21.09 -9.81 27.06
CA SER A 273 20.89 -9.90 25.63
C SER A 273 20.23 -11.21 25.26
N PRO A 274 19.20 -11.20 24.41
CA PRO A 274 18.67 -12.45 23.88
C PRO A 274 19.70 -13.25 23.09
N ALA A 275 20.65 -12.57 22.45
CA ALA A 275 21.60 -13.26 21.58
C ALA A 275 22.43 -14.28 22.34
N LEU A 276 22.63 -14.07 23.63
CA LEU A 276 23.42 -14.98 24.45
C LEU A 276 22.69 -16.27 24.78
N SER A 277 21.44 -16.43 24.36
CA SER A 277 20.72 -17.68 24.54
C SER A 277 20.95 -18.65 23.40
N ASN A 278 21.99 -18.45 22.61
CA ASN A 278 22.34 -19.34 21.51
C ASN A 278 23.31 -20.39 22.02
N ARG A 279 22.84 -21.63 22.13
CA ARG A 279 23.67 -22.70 22.64
C ARG A 279 24.65 -23.24 21.59
N GLN A 280 24.56 -22.78 20.35
CA GLN A 280 25.54 -23.17 19.34
C GLN A 280 26.79 -22.31 19.40
N ARG A 281 26.65 -21.01 19.65
CA ARG A 281 27.82 -20.15 19.76
C ARG A 281 28.44 -20.22 21.14
N PHE A 282 27.62 -20.36 22.19
CA PHE A 282 28.06 -20.28 23.56
C PHE A 282 27.68 -21.58 24.27
N PRO A 283 28.41 -22.66 24.02
CA PRO A 283 27.98 -23.97 24.52
C PRO A 283 28.17 -24.17 26.02
N THR A 284 28.82 -23.24 26.72
CA THR A 284 29.07 -23.37 28.15
C THR A 284 28.74 -22.08 28.90
N PHE A 285 27.76 -21.32 28.42
CA PHE A 285 27.39 -20.05 29.03
C PHE A 285 26.20 -20.24 29.97
N PHE A 286 26.28 -19.60 31.14
CA PHE A 286 25.18 -19.52 32.09
C PHE A 286 25.06 -18.08 32.58
N ARG A 287 23.88 -17.72 33.06
CA ARG A 287 23.71 -16.40 33.63
C ARG A 287 22.56 -16.41 34.62
N THR A 288 22.74 -15.65 35.71
CA THR A 288 21.68 -15.44 36.67
C THR A 288 20.82 -14.23 36.32
N HIS A 289 21.26 -13.41 35.37
CA HIS A 289 20.43 -12.34 34.84
C HIS A 289 19.56 -12.89 33.72
N PRO A 290 18.24 -12.78 33.80
CA PRO A 290 17.39 -13.34 32.76
C PRO A 290 17.55 -12.61 31.44
N SER A 291 17.23 -13.33 30.36
CA SER A 291 17.19 -12.71 29.04
C SER A 291 16.13 -11.62 29.01
N ALA A 292 16.33 -10.65 28.11
CA ALA A 292 15.35 -9.58 27.96
C ALA A 292 14.04 -10.07 27.37
N THR A 293 14.00 -11.27 26.81
CA THR A 293 12.76 -11.80 26.25
C THR A 293 11.83 -12.35 27.32
N LEU A 294 12.24 -12.38 28.58
CA LEU A 294 11.37 -12.84 29.65
C LEU A 294 10.19 -11.91 29.87
N HIS A 295 10.25 -10.69 29.33
CA HIS A 295 9.09 -9.81 29.37
C HIS A 295 7.99 -10.30 28.45
N ASN A 296 8.34 -11.02 27.39
CA ASN A 296 7.38 -11.35 26.35
C ASN A 296 6.30 -12.34 26.81
N PRO A 297 6.65 -13.43 27.52
CA PRO A 297 5.58 -14.26 28.09
C PRO A 297 4.62 -13.50 28.98
N THR A 298 5.10 -12.48 29.68
CA THR A 298 4.22 -11.68 30.53
C THR A 298 3.24 -10.88 29.70
N ARG A 299 3.75 -10.16 28.70
CA ARG A 299 2.91 -9.30 27.87
C ARG A 299 1.79 -10.12 27.23
N VAL A 300 2.13 -11.26 26.63
CA VAL A 300 1.12 -12.11 26.03
C VAL A 300 0.08 -12.52 27.07
N LYS A 301 0.52 -12.80 28.30
CA LYS A 301 -0.43 -13.19 29.33
C LYS A 301 -1.43 -12.07 29.61
N LEU A 302 -1.02 -10.82 29.46
CA LEU A 302 -1.98 -9.74 29.62
C LEU A 302 -2.88 -9.62 28.40
N PHE A 303 -2.34 -9.87 27.20
CA PHE A 303 -3.15 -9.72 26.01
C PHE A 303 -4.24 -10.78 25.94
N GLU A 304 -4.01 -11.95 26.53
CA GLU A 304 -5.05 -12.94 26.65
C GLU A 304 -6.00 -12.64 27.80
N LYS A 305 -5.52 -11.90 28.81
CA LYS A 305 -6.37 -11.59 29.95
C LYS A 305 -7.36 -10.49 29.60
N TRP A 306 -6.92 -9.50 28.83
CA TRP A 306 -7.76 -8.37 28.44
C TRP A 306 -8.32 -8.52 27.03
N GLY A 307 -8.09 -9.66 26.38
CA GLY A 307 -8.74 -10.00 25.14
C GLY A 307 -8.28 -9.25 23.91
N TRP A 308 -7.17 -8.53 23.98
CA TRP A 308 -6.69 -7.79 22.81
C TRP A 308 -6.06 -8.74 21.81
N LYS A 309 -6.32 -8.50 20.52
CA LYS A 309 -5.87 -9.43 19.49
C LYS A 309 -5.21 -8.78 18.28
N LYS A 310 -4.96 -7.48 18.29
CA LYS A 310 -4.08 -6.91 17.26
C LYS A 310 -3.28 -5.77 17.86
N ILE A 311 -1.98 -5.75 17.58
CA ILE A 311 -1.00 -5.00 18.35
C ILE A 311 -0.05 -4.24 17.44
N ALA A 312 0.39 -3.07 17.90
CA ALA A 312 1.43 -2.30 17.23
C ALA A 312 2.72 -2.35 18.03
N THR A 313 3.85 -2.29 17.33
CA THR A 313 5.18 -2.41 17.95
C THR A 313 6.13 -1.35 17.37
N ILE A 314 6.20 -0.20 18.03
CA ILE A 314 7.21 0.80 17.72
C ILE A 314 8.44 0.53 18.58
N GLN A 315 9.62 0.52 17.95
CA GLN A 315 10.86 0.24 18.66
C GLN A 315 11.95 1.17 18.21
N GLN A 316 13.01 1.23 19.01
CA GLN A 316 14.30 1.77 18.62
C GLN A 316 15.12 0.65 18.01
N THR A 317 16.10 1.04 17.18
CA THR A 317 16.74 0.06 16.30
C THR A 317 17.98 -0.57 16.91
N THR A 318 18.04 -0.68 18.23
CA THR A 318 19.09 -1.45 18.88
C THR A 318 18.85 -2.94 18.71
N GLU A 319 19.94 -3.70 18.59
CA GLU A 319 19.83 -5.12 18.28
C GLU A 319 19.12 -5.88 19.40
N VAL A 320 19.31 -5.48 20.66
CA VAL A 320 18.59 -6.13 21.76
C VAL A 320 17.10 -5.99 21.56
N PHE A 321 16.64 -4.81 21.14
CA PHE A 321 15.21 -4.61 20.95
C PHE A 321 14.70 -5.34 19.73
N THR A 322 15.53 -5.50 18.70
CA THR A 322 15.13 -6.27 17.54
C THR A 322 14.98 -7.75 17.88
N SER A 323 15.92 -8.30 18.64
CA SER A 323 15.82 -9.70 19.07
C SER A 323 14.63 -9.90 20.00
N THR A 324 14.36 -8.93 20.87
CA THR A 324 13.21 -9.04 21.75
C THR A 324 11.91 -9.07 20.96
N LEU A 325 11.79 -8.20 19.95
CA LEU A 325 10.55 -8.18 19.19
C LEU A 325 10.43 -9.35 18.24
N ASP A 326 11.53 -9.84 17.67
CA ASP A 326 11.40 -11.03 16.84
C ASP A 326 11.07 -12.26 17.67
N ASP A 327 11.40 -12.25 18.96
CA ASP A 327 10.88 -13.31 19.81
C ASP A 327 9.40 -13.09 20.13
N LEU A 328 9.00 -11.85 20.36
CA LEU A 328 7.59 -11.56 20.65
C LEU A 328 6.67 -11.97 19.51
N GLU A 329 7.12 -11.78 18.26
CA GLU A 329 6.29 -12.20 17.12
C GLU A 329 5.98 -13.68 17.18
N GLU A 330 7.00 -14.51 17.38
CA GLU A 330 6.79 -15.95 17.46
C GLU A 330 6.02 -16.32 18.71
N ARG A 331 6.13 -15.52 19.77
CA ARG A 331 5.41 -15.84 21.00
C ARG A 331 3.93 -15.56 20.87
N VAL A 332 3.55 -14.53 20.10
CA VAL A 332 2.13 -14.22 19.92
C VAL A 332 1.51 -15.08 18.82
N LYS A 333 2.24 -15.32 17.73
CA LYS A 333 1.63 -16.10 16.65
C LYS A 333 1.39 -17.55 17.03
N GLU A 334 1.98 -18.02 18.12
CA GLU A 334 1.59 -19.32 18.66
C GLU A 334 0.24 -19.26 19.36
N ALA A 335 -0.20 -18.07 19.77
CA ALA A 335 -1.46 -17.90 20.49
C ALA A 335 -2.56 -17.27 19.64
N GLY A 336 -2.28 -16.93 18.39
CA GLY A 336 -3.28 -16.35 17.51
C GLY A 336 -3.33 -14.84 17.47
N ILE A 337 -2.56 -14.14 18.28
CA ILE A 337 -2.52 -12.69 18.23
C ILE A 337 -1.66 -12.24 17.06
N GLU A 338 -1.94 -11.05 16.53
CA GLU A 338 -1.29 -10.54 15.33
C GLU A 338 -0.63 -9.20 15.62
N ILE A 339 0.58 -9.04 15.11
CA ILE A 339 1.30 -7.77 15.16
C ILE A 339 1.03 -7.04 13.86
N THR A 340 0.18 -6.01 13.90
CA THR A 340 -0.26 -5.35 12.68
C THR A 340 0.70 -4.27 12.19
N PHE A 341 1.49 -3.67 13.08
CA PHE A 341 2.34 -2.56 12.69
C PHE A 341 3.68 -2.63 13.40
N ARG A 342 4.75 -2.33 12.66
CA ARG A 342 6.12 -2.39 13.16
C ARG A 342 6.88 -1.20 12.59
N GLN A 343 7.43 -0.38 13.46
CA GLN A 343 8.20 0.79 13.06
C GLN A 343 9.49 0.85 13.86
N SER A 344 10.55 1.31 13.22
CA SER A 344 11.85 1.41 13.85
C SER A 344 12.44 2.79 13.56
N PHE A 345 12.99 3.42 14.59
CA PHE A 345 13.61 4.73 14.47
C PHE A 345 14.96 4.72 15.16
N PHE A 346 15.77 5.71 14.82
CA PHE A 346 17.12 5.85 15.38
C PHE A 346 17.15 6.78 16.58
N SER A 347 16.80 8.05 16.37
CA SER A 347 16.77 9.00 17.49
C SER A 347 15.48 9.81 17.54
N ASP A 348 14.88 10.09 16.39
CA ASP A 348 13.69 10.94 16.31
C ASP A 348 12.48 10.13 15.86
N PRO A 349 11.50 9.93 16.74
CA PRO A 349 10.36 9.07 16.41
C PRO A 349 9.16 9.75 15.74
N ALA A 350 9.34 10.94 15.19
CA ALA A 350 8.24 11.67 14.57
C ALA A 350 7.49 10.82 13.57
N VAL A 351 8.19 10.32 12.55
CA VAL A 351 7.55 9.52 11.51
C VAL A 351 6.89 8.25 12.05
N PRO A 352 7.55 7.44 12.88
CA PRO A 352 6.86 6.25 13.42
C PRO A 352 5.58 6.57 14.17
N VAL A 353 5.59 7.55 15.06
CA VAL A 353 4.39 7.83 15.84
C VAL A 353 3.31 8.44 14.97
N LYS A 354 3.69 9.21 13.94
CA LYS A 354 2.69 9.73 13.03
C LYS A 354 2.06 8.62 12.20
N ASN A 355 2.85 7.62 11.83
CA ASN A 355 2.26 6.48 11.11
C ASN A 355 1.39 5.65 12.04
N LEU A 356 1.71 5.60 13.33
CA LEU A 356 0.82 4.92 14.28
C LEU A 356 -0.50 5.65 14.42
N LYS A 357 -0.47 6.99 14.45
CA LYS A 357 -1.71 7.75 14.52
C LYS A 357 -2.52 7.60 13.23
N ARG A 358 -1.82 7.51 12.09
CA ARG A 358 -2.52 7.35 10.82
C ARG A 358 -3.18 5.98 10.73
N GLN A 359 -2.47 4.93 11.13
CA GLN A 359 -2.97 3.57 10.96
C GLN A 359 -3.99 3.19 12.02
N ASP A 360 -4.18 4.02 13.05
CA ASP A 360 -5.19 3.81 14.09
C ASP A 360 -4.88 2.54 14.89
N ALA A 361 -3.68 2.51 15.46
CA ALA A 361 -3.29 1.43 16.36
C ALA A 361 -3.70 1.73 17.79
N ARG A 362 -4.19 0.72 18.50
CA ARG A 362 -4.72 0.90 19.85
C ARG A 362 -3.75 0.45 20.93
N ILE A 363 -3.31 -0.81 20.87
CA ILE A 363 -2.40 -1.39 21.85
C ILE A 363 -0.98 -1.29 21.29
N ILE A 364 -0.10 -0.63 22.02
CA ILE A 364 1.24 -0.31 21.52
C ILE A 364 2.28 -0.88 22.48
N VAL A 365 3.39 -1.36 21.93
CA VAL A 365 4.49 -1.93 22.70
C VAL A 365 5.75 -1.16 22.35
N GLY A 366 6.12 -0.20 23.20
CA GLY A 366 7.27 0.64 22.95
C GLY A 366 8.53 0.15 23.64
N LEU A 367 9.53 -0.19 22.84
CA LEU A 367 10.79 -0.75 23.32
C LEU A 367 11.91 0.23 22.99
N PHE A 368 12.25 1.10 23.95
CA PHE A 368 13.32 2.07 23.74
C PHE A 368 13.85 2.55 25.08
N TYR A 369 15.02 3.17 25.04
CA TYR A 369 15.68 3.63 26.25
C TYR A 369 15.01 4.92 26.76
N GLU A 370 15.46 5.37 27.93
CA GLU A 370 14.77 6.45 28.63
C GLU A 370 14.83 7.75 27.85
N THR A 371 15.98 8.07 27.28
CA THR A 371 16.12 9.34 26.54
C THR A 371 15.27 9.31 25.28
N GLU A 372 15.15 8.16 24.63
CA GLU A 372 14.26 8.06 23.49
C GLU A 372 12.80 8.10 23.93
N ALA A 373 12.51 7.59 25.12
CA ALA A 373 11.14 7.58 25.62
C ALA A 373 10.66 9.00 25.92
N ARG A 374 11.51 9.82 26.53
CA ARG A 374 11.11 11.17 26.89
C ARG A 374 10.90 12.04 25.64
N LYS A 375 11.29 11.57 24.47
CA LYS A 375 10.99 12.22 23.20
C LYS A 375 9.79 11.61 22.50
N VAL A 376 9.71 10.27 22.49
CA VAL A 376 8.53 9.59 21.96
C VAL A 376 7.28 10.13 22.60
N PHE A 377 7.29 10.29 23.93
CA PHE A 377 6.06 10.69 24.59
C PHE A 377 5.76 12.16 24.49
N CYS A 378 6.76 13.00 24.21
CA CYS A 378 6.44 14.39 23.89
C CYS A 378 5.79 14.49 22.52
N GLU A 379 6.24 13.66 21.57
CA GLU A 379 5.56 13.63 20.28
C GLU A 379 4.20 12.94 20.37
N VAL A 380 4.01 12.04 21.34
CA VAL A 380 2.69 11.46 21.57
C VAL A 380 1.74 12.48 22.18
N TYR A 381 2.23 13.31 23.10
CA TYR A 381 1.37 14.37 23.61
C TYR A 381 1.03 15.39 22.52
N LYS A 382 2.00 15.70 21.65
CA LYS A 382 1.71 16.63 20.56
C LYS A 382 0.70 16.05 19.59
N GLU A 383 0.84 14.77 19.25
CA GLU A 383 -0.06 14.11 18.32
C GLU A 383 -1.34 13.60 18.96
N ARG A 384 -1.48 13.71 20.28
CA ARG A 384 -2.68 13.23 20.99
C ARG A 384 -2.91 11.73 20.78
N LEU A 385 -1.83 10.96 20.80
CA LEU A 385 -1.93 9.50 20.68
C LEU A 385 -2.13 8.84 22.03
N PHE A 386 -2.32 9.63 23.08
CA PHE A 386 -2.67 9.15 24.40
C PHE A 386 -4.17 9.24 24.61
N GLY A 387 -4.61 8.93 25.83
CA GLY A 387 -5.97 9.19 26.24
C GLY A 387 -6.69 7.92 26.66
N LYS A 388 -8.00 7.93 26.42
CA LYS A 388 -8.90 6.92 26.99
C LYS A 388 -8.91 5.62 26.19
N LYS A 389 -8.51 5.64 24.93
CA LYS A 389 -8.62 4.46 24.08
C LYS A 389 -7.28 3.84 23.71
N TYR A 390 -6.16 4.43 24.15
CA TYR A 390 -4.83 3.91 23.87
C TYR A 390 -4.17 3.42 25.15
N VAL A 391 -3.37 2.36 25.02
CA VAL A 391 -2.57 1.85 26.12
C VAL A 391 -1.15 1.60 25.64
N TRP A 392 -0.19 1.91 26.48
CA TRP A 392 1.23 1.80 26.16
C TRP A 392 1.88 0.75 27.04
N PHE A 393 2.63 -0.16 26.45
CA PHE A 393 3.38 -1.19 27.16
C PHE A 393 4.86 -0.85 27.05
N LEU A 394 5.42 -0.31 28.12
CA LEU A 394 6.82 0.08 28.14
C LEU A 394 7.65 -0.91 28.95
N ILE A 395 8.91 -0.55 29.17
CA ILE A 395 9.85 -1.35 29.96
C ILE A 395 9.94 -0.73 31.35
N GLY A 396 10.19 -1.56 32.35
CA GLY A 396 10.06 -1.12 33.71
C GLY A 396 11.28 -0.58 34.40
N TRP A 397 12.47 -0.68 33.81
CA TRP A 397 13.69 -0.28 34.52
C TRP A 397 14.11 1.15 34.23
N TYR A 398 13.18 2.04 33.89
CA TYR A 398 13.52 3.45 33.88
C TYR A 398 13.49 3.97 35.32
N ALA A 399 14.01 5.17 35.50
CA ALA A 399 13.88 5.82 36.79
C ALA A 399 12.42 6.18 37.04
N ASP A 400 12.01 6.11 38.30
CA ASP A 400 10.60 6.31 38.64
C ASP A 400 10.12 7.74 38.41
N ASN A 401 10.96 8.64 37.93
CA ASN A 401 10.55 10.00 37.61
C ASN A 401 11.08 10.42 36.24
N TRP A 402 11.21 9.46 35.32
CA TRP A 402 11.81 9.76 34.03
C TRP A 402 11.02 10.75 33.20
N PHE A 403 9.78 11.03 33.56
CA PHE A 403 8.95 11.96 32.80
C PHE A 403 8.85 13.33 33.44
N LYS A 404 9.55 13.55 34.55
CA LYS A 404 9.48 14.82 35.26
C LYS A 404 10.79 15.59 35.28
N ILE A 405 11.88 15.01 34.77
CA ILE A 405 13.18 15.66 34.84
C ILE A 405 13.32 16.68 33.71
N TYR A 406 14.18 17.66 33.94
CA TYR A 406 14.46 18.67 32.93
C TYR A 406 15.15 18.04 31.73
N ASP A 407 14.69 18.38 30.54
CA ASP A 407 15.34 17.92 29.32
C ASP A 407 15.12 18.94 28.21
N PRO A 408 16.18 19.56 27.69
CA PRO A 408 16.00 20.61 26.69
C PRO A 408 15.72 20.10 25.28
N SER A 409 15.93 18.81 25.02
CA SER A 409 15.68 18.25 23.70
C SER A 409 14.21 18.05 23.38
N ILE A 410 13.31 18.36 24.32
CA ILE A 410 11.88 18.16 24.12
C ILE A 410 11.16 19.48 24.35
N ASN A 411 9.96 19.60 23.78
CA ASN A 411 9.14 20.79 23.90
C ASN A 411 7.76 20.37 24.40
N CYS A 412 7.64 20.21 25.71
CA CYS A 412 6.38 20.01 26.39
C CYS A 412 6.61 20.12 27.89
N THR A 413 6.03 21.14 28.51
CA THR A 413 6.28 21.41 29.92
C THR A 413 5.86 20.23 30.78
N VAL A 414 6.49 20.12 31.95
CA VAL A 414 6.32 18.95 32.83
C VAL A 414 4.88 18.76 33.27
N ASP A 415 4.03 19.79 33.15
CA ASP A 415 2.62 19.58 33.44
C ASP A 415 1.98 18.69 32.37
N GLU A 416 2.40 18.82 31.13
CA GLU A 416 2.20 17.76 30.16
C GLU A 416 3.34 16.76 30.30
N MET A 417 3.31 15.72 29.46
CA MET A 417 4.33 14.66 29.50
C MET A 417 4.12 13.81 30.75
N THR A 418 3.26 14.29 31.64
CA THR A 418 2.64 13.50 32.69
C THR A 418 1.27 13.02 32.28
N GLU A 419 0.57 13.81 31.47
CA GLU A 419 -0.75 13.48 30.99
C GLU A 419 -0.70 12.49 29.84
N ALA A 420 0.42 12.45 29.11
CA ALA A 420 0.56 11.52 28.00
C ALA A 420 0.90 10.11 28.46
N VAL A 421 1.33 9.95 29.71
CA VAL A 421 1.84 8.68 30.20
C VAL A 421 0.92 8.01 31.20
N GLU A 422 -0.09 8.70 31.71
CA GLU A 422 -0.95 8.15 32.73
C GLU A 422 -1.64 6.89 32.22
N GLY A 423 -1.44 5.79 32.93
CA GLY A 423 -2.14 4.56 32.64
C GLY A 423 -1.43 3.56 31.77
N HIS A 424 -0.10 3.60 31.69
CA HIS A 424 0.62 2.66 30.86
C HIS A 424 1.22 1.54 31.71
N ILE A 425 1.22 0.33 31.16
CA ILE A 425 1.65 -0.88 31.85
C ILE A 425 3.14 -1.09 31.62
N THR A 426 3.86 -1.51 32.66
CA THR A 426 5.27 -1.81 32.57
C THR A 426 5.57 -3.14 33.24
N THR A 427 6.42 -3.92 32.60
CA THR A 427 6.90 -5.20 33.11
C THR A 427 8.36 -5.07 33.47
N GLU A 428 8.75 -5.57 34.64
CA GLU A 428 10.16 -5.66 34.98
C GLU A 428 10.45 -7.00 35.63
N ILE A 429 11.72 -7.32 35.75
CA ILE A 429 12.15 -8.56 36.40
C ILE A 429 12.34 -8.29 37.88
N VAL A 430 11.88 -9.24 38.70
CA VAL A 430 11.99 -9.12 40.15
C VAL A 430 13.36 -9.61 40.56
N MET A 431 14.25 -8.67 40.92
CA MET A 431 15.62 -9.04 41.28
C MET A 431 15.72 -9.50 42.72
N LEU A 432 15.03 -8.83 43.63
CA LEU A 432 15.05 -9.14 45.05
C LEU A 432 13.81 -9.95 45.41
N ASN A 433 13.89 -10.64 46.52
CA ASN A 433 12.76 -11.49 46.89
C ASN A 433 11.71 -10.64 47.61
N PRO A 434 10.45 -10.65 47.15
CA PRO A 434 9.45 -9.80 47.80
C PRO A 434 8.96 -10.33 49.13
N ALA A 435 9.25 -11.58 49.46
CA ALA A 435 8.93 -12.14 50.76
C ALA A 435 9.98 -11.68 51.78
N ASN A 436 9.94 -12.25 52.97
CA ASN A 436 10.87 -11.95 54.04
C ASN A 436 11.39 -13.23 54.68
N THR A 437 11.60 -14.25 53.86
CA THR A 437 12.07 -15.55 54.31
C THR A 437 13.59 -15.67 54.19
N ARG A 438 14.11 -16.76 54.72
CA ARG A 438 15.55 -17.04 54.70
C ARG A 438 15.93 -17.80 53.44
N SER A 439 17.04 -17.39 52.82
CA SER A 439 17.61 -18.06 51.67
C SER A 439 18.58 -19.14 52.12
N ILE A 440 19.30 -19.74 51.16
CA ILE A 440 20.26 -20.81 51.43
C ILE A 440 21.51 -20.25 52.11
N SER A 441 21.44 -19.00 52.56
CA SER A 441 22.55 -18.39 53.26
C SER A 441 22.10 -17.75 54.57
N ASN A 442 20.92 -18.15 55.06
CA ASN A 442 20.35 -17.63 56.31
C ASN A 442 20.36 -16.11 56.35
N MET A 443 19.76 -15.49 55.34
CA MET A 443 19.69 -14.05 55.31
C MET A 443 18.50 -13.61 54.47
N THR A 444 17.78 -12.61 54.97
CA THR A 444 16.61 -12.11 54.27
C THR A 444 17.00 -10.97 53.34
N SER A 445 16.08 -10.63 52.44
CA SER A 445 16.35 -9.59 51.45
C SER A 445 16.61 -8.24 52.12
N GLN A 446 15.83 -7.89 53.14
CA GLN A 446 15.99 -6.60 53.81
C GLN A 446 17.38 -6.48 54.44
N GLU A 447 17.83 -7.53 55.11
CA GLU A 447 19.13 -7.43 55.76
C GLU A 447 20.27 -7.63 54.79
N PHE A 448 20.04 -8.29 53.66
CA PHE A 448 21.07 -8.30 52.62
C PHE A 448 21.28 -6.91 52.07
N VAL A 449 20.18 -6.19 51.80
CA VAL A 449 20.31 -4.82 51.34
C VAL A 449 20.98 -3.96 52.41
N GLU A 450 20.57 -4.12 53.67
CA GLU A 450 21.17 -3.34 54.75
C GLU A 450 22.65 -3.63 54.90
N LYS A 451 23.07 -4.87 54.66
CA LYS A 451 24.46 -5.25 54.81
C LYS A 451 25.30 -4.76 53.64
N LEU A 452 24.72 -4.80 52.43
CA LEU A 452 25.43 -4.28 51.28
C LEU A 452 25.59 -2.77 51.36
N THR A 453 24.57 -2.08 51.88
CA THR A 453 24.66 -0.63 52.02
C THR A 453 25.77 -0.24 52.97
N LYS A 454 26.20 -1.14 53.85
CA LYS A 454 27.29 -0.83 54.78
C LYS A 454 28.64 -0.88 54.10
N ARG A 455 28.75 -1.55 52.95
CA ARG A 455 30.00 -1.67 52.21
C ARG A 455 30.18 -0.52 51.23
N LEU A 456 29.15 -0.19 50.46
CA LEU A 456 29.24 0.88 49.50
C LEU A 456 29.68 2.18 50.16
N LYS A 457 30.60 2.88 49.50
CA LYS A 457 31.12 4.15 50.00
C LYS A 457 30.27 5.34 49.56
N ARG A 458 29.23 5.09 48.75
CA ARG A 458 28.27 6.10 48.37
C ARG A 458 26.86 5.55 48.61
N HIS A 459 25.88 6.44 48.49
CA HIS A 459 24.50 6.03 48.70
C HIS A 459 24.06 5.09 47.59
N PRO A 460 23.17 4.14 47.88
CA PRO A 460 22.67 3.25 46.83
C PRO A 460 21.79 3.92 45.79
N GLU A 461 21.44 5.20 45.96
CA GLU A 461 20.70 5.90 44.92
C GLU A 461 21.62 6.36 43.80
N GLU A 462 22.87 6.67 44.10
CA GLU A 462 23.82 7.17 43.12
C GLU A 462 24.87 6.15 42.73
N THR A 463 24.86 4.97 43.35
CA THR A 463 25.74 3.88 42.97
C THR A 463 25.07 3.05 41.88
N GLY A 464 25.87 2.60 40.91
CA GLY A 464 25.36 1.82 39.81
C GLY A 464 25.42 0.33 40.07
N GLY A 465 24.51 -0.40 39.43
CA GLY A 465 24.44 -1.83 39.64
C GLY A 465 23.87 -2.27 40.96
N PHE A 466 23.23 -1.37 41.70
CA PHE A 466 22.66 -1.74 42.99
C PHE A 466 21.50 -2.70 42.84
N GLN A 467 20.69 -2.52 41.79
CA GLN A 467 19.54 -3.38 41.57
C GLN A 467 19.92 -4.77 41.06
N GLU A 468 21.20 -5.02 40.79
CA GLU A 468 21.65 -6.30 40.26
C GLU A 468 22.55 -7.07 41.23
N ALA A 469 22.93 -6.48 42.35
CA ALA A 469 23.82 -7.17 43.29
C ALA A 469 23.29 -8.52 43.76
N PRO A 470 22.00 -8.70 44.03
CA PRO A 470 21.51 -10.06 44.32
C PRO A 470 21.89 -11.08 43.27
N LEU A 471 21.95 -10.68 42.00
CA LEU A 471 22.30 -11.63 40.95
C LEU A 471 23.76 -12.04 41.04
N ALA A 472 24.64 -11.12 41.41
CA ALA A 472 26.04 -11.48 41.62
C ALA A 472 26.19 -12.41 42.82
N TYR A 473 25.48 -12.11 43.91
CA TYR A 473 25.49 -12.98 45.09
C TYR A 473 25.03 -14.38 44.72
N ASP A 474 23.93 -14.49 43.98
CA ASP A 474 23.39 -15.79 43.62
C ASP A 474 24.27 -16.50 42.59
N ALA A 475 25.00 -15.77 41.76
CA ALA A 475 25.94 -16.42 40.86
C ALA A 475 27.10 -17.03 41.62
N ILE A 476 27.61 -16.31 42.63
CA ILE A 476 28.64 -16.87 43.48
C ILE A 476 28.14 -18.12 44.19
N TRP A 477 26.89 -18.08 44.67
CA TRP A 477 26.37 -19.22 45.41
C TRP A 477 26.08 -20.41 44.49
N ALA A 478 25.57 -20.17 43.29
CA ALA A 478 25.36 -21.27 42.34
C ALA A 478 26.68 -21.93 41.97
N LEU A 479 27.72 -21.12 41.77
CA LEU A 479 29.04 -21.67 41.48
C LEU A 479 29.54 -22.51 42.64
N ALA A 480 29.39 -22.00 43.87
CA ALA A 480 29.82 -22.75 45.04
C ALA A 480 29.08 -24.08 45.15
N LEU A 481 27.77 -24.09 44.93
CA LEU A 481 27.02 -25.33 45.05
C LEU A 481 27.34 -26.31 43.93
N ALA A 482 27.73 -25.82 42.76
CA ALA A 482 28.10 -26.73 41.68
C ALA A 482 29.46 -27.35 41.97
N LEU A 483 30.39 -26.55 42.51
CA LEU A 483 31.68 -27.08 42.87
C LEU A 483 31.55 -28.04 44.04
N ASN A 484 30.59 -27.78 44.94
CA ASN A 484 30.39 -28.65 46.09
C ASN A 484 29.68 -29.94 45.69
N LYS A 485 29.05 -29.95 44.53
CA LYS A 485 28.40 -31.16 44.08
C LYS A 485 29.32 -32.01 43.22
N THR A 486 30.21 -31.38 42.45
CA THR A 486 31.15 -32.14 41.62
C THR A 486 32.18 -32.85 42.48
N SER A 487 32.80 -32.14 43.42
CA SER A 487 33.82 -32.72 44.26
C SER A 487 33.22 -33.59 45.36
N GLY A 494 34.59 -37.82 43.05
CA GLY A 494 35.75 -37.25 43.72
C GLY A 494 36.65 -36.47 42.77
N VAL A 495 36.03 -35.65 41.92
CA VAL A 495 36.79 -34.90 40.93
C VAL A 495 37.61 -33.82 41.62
N ARG A 496 38.91 -33.79 41.32
CA ARG A 496 39.82 -32.84 41.92
C ARG A 496 39.84 -31.55 41.10
N LEU A 497 39.71 -30.42 41.79
CA LEU A 497 39.70 -29.13 41.13
C LEU A 497 41.08 -28.48 41.12
N GLU A 498 42.04 -28.99 41.88
CA GLU A 498 43.38 -28.44 41.90
C GLU A 498 44.21 -28.85 40.69
N ASP A 499 43.75 -29.82 39.91
CA ASP A 499 44.46 -30.27 38.72
C ASP A 499 43.71 -29.92 37.44
N PHE A 500 42.94 -28.83 37.46
CA PHE A 500 42.27 -28.35 36.26
C PHE A 500 43.28 -27.64 35.37
N ASN A 501 43.25 -27.97 34.08
CA ASN A 501 44.07 -27.30 33.08
C ASN A 501 43.24 -27.14 31.82
N TYR A 502 43.61 -26.15 31.00
CA TYR A 502 42.72 -25.79 29.91
C TYR A 502 42.60 -26.84 28.81
N ASN A 503 43.30 -27.98 28.85
CA ASN A 503 43.10 -28.95 27.78
C ASN A 503 42.11 -30.08 28.10
N ASN A 504 41.91 -30.44 29.37
CA ASN A 504 40.95 -31.49 29.68
C ASN A 504 39.55 -30.91 29.66
N GLN A 505 38.64 -31.62 29.02
CA GLN A 505 37.25 -31.22 28.86
C GLN A 505 36.31 -32.06 29.72
N THR A 506 36.85 -32.99 30.52
CA THR A 506 36.00 -33.81 31.38
C THR A 506 35.57 -33.04 32.62
N ILE A 507 36.52 -32.41 33.31
CA ILE A 507 36.16 -31.69 34.54
C ILE A 507 35.19 -30.57 34.23
N THR A 508 35.33 -29.94 33.06
CA THR A 508 34.39 -28.91 32.65
C THR A 508 33.02 -29.52 32.38
N ASP A 509 32.98 -30.73 31.85
CA ASP A 509 31.69 -31.40 31.67
C ASP A 509 31.04 -31.74 33.01
N GLN A 510 31.85 -32.11 34.01
CA GLN A 510 31.29 -32.35 35.35
C GLN A 510 30.68 -31.08 35.91
N ILE A 511 31.43 -29.98 35.84
CA ILE A 511 30.91 -28.73 36.38
C ILE A 511 29.71 -28.26 35.59
N TYR A 512 29.68 -28.53 34.29
CA TYR A 512 28.53 -28.15 33.48
C TYR A 512 27.29 -28.93 33.85
N ARG A 513 27.43 -30.25 34.04
CA ARG A 513 26.26 -31.05 34.40
C ARG A 513 25.79 -30.76 35.83
N ALA A 514 26.69 -30.32 36.71
CA ALA A 514 26.23 -29.93 38.03
C ALA A 514 25.65 -28.52 38.05
N MET A 515 26.09 -27.65 37.13
CA MET A 515 25.58 -26.29 37.06
C MET A 515 24.22 -26.27 36.39
N ASN A 516 24.05 -27.11 35.37
CA ASN A 516 22.79 -27.20 34.65
C ASN A 516 21.65 -27.52 35.60
N SER A 517 21.73 -28.67 36.27
CA SER A 517 20.71 -29.12 37.21
C SER A 517 20.89 -28.39 38.54
N SER A 518 20.64 -27.10 38.51
CA SER A 518 20.79 -26.23 39.67
C SER A 518 19.41 -25.75 40.10
N SER A 519 19.14 -25.85 41.41
CA SER A 519 17.86 -25.42 41.95
C SER A 519 18.04 -25.12 43.42
N PHE A 520 17.94 -23.85 43.81
CA PHE A 520 18.09 -23.47 45.20
C PHE A 520 17.43 -22.12 45.42
N GLU A 521 17.34 -21.73 46.68
CA GLU A 521 16.71 -20.48 47.08
C GLU A 521 17.80 -19.48 47.45
N GLY A 522 17.91 -18.39 46.68
CA GLY A 522 18.85 -17.34 46.95
C GLY A 522 18.15 -16.04 47.30
N VAL A 523 18.98 -15.02 47.53
CA VAL A 523 18.47 -13.69 47.86
C VAL A 523 17.59 -13.17 46.73
N SER A 524 17.84 -13.61 45.51
CA SER A 524 17.08 -13.19 44.35
C SER A 524 15.87 -14.09 44.05
N GLY A 525 15.61 -15.09 44.87
CA GLY A 525 14.52 -16.00 44.65
C GLY A 525 14.98 -17.39 44.26
N HIS A 526 14.08 -18.09 43.57
CA HIS A 526 14.39 -19.44 43.13
C HIS A 526 15.29 -19.39 41.90
N VAL A 527 16.40 -20.12 41.94
CA VAL A 527 17.43 -20.03 40.91
C VAL A 527 17.44 -21.33 40.12
N VAL A 528 16.89 -21.30 38.91
CA VAL A 528 16.92 -22.44 37.99
C VAL A 528 17.24 -21.90 36.60
N PHE A 529 17.97 -22.66 35.81
CA PHE A 529 18.38 -22.26 34.48
C PHE A 529 17.61 -23.03 33.42
N ASP A 530 17.50 -22.44 32.24
CA ASP A 530 16.85 -23.07 31.10
C ASP A 530 17.76 -24.16 30.53
N ALA A 531 17.33 -24.73 29.39
CA ALA A 531 18.23 -25.54 28.58
C ALA A 531 19.26 -24.72 27.85
N SER A 532 19.06 -23.40 27.78
CA SER A 532 19.99 -22.49 27.14
C SER A 532 20.80 -21.68 28.14
N GLY A 533 20.63 -21.92 29.44
CA GLY A 533 21.45 -21.30 30.45
C GLY A 533 20.96 -19.97 30.98
N SER A 534 19.78 -19.51 30.57
CA SER A 534 19.23 -18.27 31.09
C SER A 534 18.33 -18.56 32.29
N ARG A 535 18.38 -17.69 33.28
CA ARG A 535 17.63 -17.90 34.50
C ARG A 535 16.16 -17.55 34.34
N MET A 536 15.30 -18.32 35.00
CA MET A 536 13.86 -18.07 35.05
C MET A 536 13.53 -17.27 36.29
N ALA A 537 12.71 -16.23 36.13
CA ALA A 537 12.40 -15.34 37.24
C ALA A 537 10.97 -14.85 37.14
N TRP A 538 10.58 -14.05 38.12
CA TRP A 538 9.27 -13.43 38.19
C TRP A 538 9.26 -12.11 37.43
N THR A 539 8.07 -11.66 37.07
CA THR A 539 7.89 -10.38 36.40
C THR A 539 6.88 -9.56 37.19
N LEU A 540 7.32 -8.42 37.69
CA LEU A 540 6.43 -7.46 38.33
C LEU A 540 5.78 -6.60 37.27
N ILE A 541 4.44 -6.59 37.26
CA ILE A 541 3.64 -5.76 36.37
C ILE A 541 3.07 -4.61 37.17
N GLU A 542 3.31 -3.39 36.71
CA GLU A 542 2.84 -2.21 37.42
C GLU A 542 2.34 -1.18 36.41
N GLN A 543 1.65 -0.17 36.92
CA GLN A 543 0.94 0.79 36.08
C GLN A 543 1.09 2.18 36.68
N LEU A 544 1.34 3.16 35.82
CA LEU A 544 1.48 4.55 36.27
C LEU A 544 0.10 5.11 36.55
N GLN A 545 -0.16 5.44 37.81
CA GLN A 545 -1.47 5.94 38.26
C GLN A 545 -1.24 7.25 39.01
N GLY A 546 -1.55 8.36 38.36
CA GLY A 546 -1.41 9.65 39.01
C GLY A 546 0.02 10.08 39.27
N GLY A 547 0.94 9.75 38.36
CA GLY A 547 2.32 10.15 38.53
C GLY A 547 3.14 9.29 39.45
N SER A 548 2.65 8.11 39.83
CA SER A 548 3.41 7.21 40.69
C SER A 548 3.06 5.78 40.33
N TYR A 549 4.09 4.94 40.17
CA TYR A 549 3.87 3.56 39.78
C TYR A 549 3.18 2.78 40.88
N LYS A 550 2.27 1.91 40.50
CA LYS A 550 1.55 1.07 41.44
C LYS A 550 1.62 -0.38 40.98
N LYS A 551 1.99 -1.28 41.87
CA LYS A 551 2.17 -2.68 41.53
C LYS A 551 0.80 -3.34 41.35
N ILE A 552 0.49 -3.75 40.14
CA ILE A 552 -0.79 -4.36 39.84
C ILE A 552 -0.70 -5.86 39.65
N GLY A 553 0.47 -6.46 39.75
CA GLY A 553 0.50 -7.91 39.73
C GLY A 553 1.89 -8.47 39.58
N TYR A 554 1.94 -9.80 39.68
CA TYR A 554 3.17 -10.55 39.44
C TYR A 554 2.85 -11.69 38.50
N TYR A 555 3.87 -12.19 37.82
CA TYR A 555 3.66 -13.33 36.94
C TYR A 555 4.90 -14.21 36.92
N ASP A 556 4.69 -15.52 37.04
CA ASP A 556 5.76 -16.50 36.91
C ASP A 556 5.46 -17.36 35.71
N SER A 557 6.40 -17.40 34.77
CA SER A 557 6.19 -18.03 33.47
C SER A 557 6.42 -19.53 33.50
N THR A 558 7.09 -20.05 34.52
CA THR A 558 7.43 -21.46 34.53
C THR A 558 6.23 -22.33 34.87
N LYS A 559 5.57 -22.05 36.00
CA LYS A 559 4.34 -22.73 36.35
C LYS A 559 3.11 -21.99 35.85
N ASP A 560 3.32 -20.85 35.18
CA ASP A 560 2.27 -20.07 34.54
C ASP A 560 1.22 -19.59 35.54
N ASP A 561 1.68 -18.85 36.54
CA ASP A 561 0.82 -18.36 37.61
C ASP A 561 0.87 -16.84 37.64
N LEU A 562 -0.28 -16.23 37.40
CA LEU A 562 -0.42 -14.78 37.46
C LEU A 562 -1.16 -14.41 38.73
N SER A 563 -0.52 -13.59 39.57
CA SER A 563 -1.09 -13.16 40.83
C SER A 563 -1.48 -11.69 40.69
N TRP A 564 -2.76 -11.46 40.48
CA TRP A 564 -3.30 -10.12 40.32
C TRP A 564 -3.62 -9.52 41.67
N SER A 565 -3.50 -8.20 41.76
CA SER A 565 -3.75 -7.46 42.99
C SER A 565 -5.00 -6.60 42.92
N LYS A 566 -5.66 -6.51 41.77
CA LYS A 566 -6.94 -5.81 41.62
C LYS A 566 -6.77 -4.32 41.89
N THR A 567 -5.78 -3.72 41.23
CA THR A 567 -5.49 -2.30 41.43
C THR A 567 -5.38 -1.53 40.12
N ASP A 568 -5.62 -2.16 38.98
CA ASP A 568 -5.49 -1.48 37.70
C ASP A 568 -6.64 -0.51 37.50
N LYS A 569 -6.40 0.76 37.79
CA LYS A 569 -7.40 1.82 37.70
C LYS A 569 -7.46 2.30 36.24
N TRP A 570 -8.45 1.83 35.51
CA TRP A 570 -8.65 2.29 34.15
C TRP A 570 -9.53 3.53 34.10
N ILE A 571 -9.55 4.18 32.94
CA ILE A 571 -10.24 5.45 32.80
C ILE A 571 -11.74 5.25 32.62
N GLY A 572 -12.13 4.19 31.90
CA GLY A 572 -13.53 3.91 31.70
C GLY A 572 -14.08 2.76 32.51
N GLY A 573 -13.36 2.35 33.54
CA GLY A 573 -13.75 1.17 34.30
C GLY A 573 -13.24 -0.14 33.73
N SER A 574 -13.45 -0.35 32.44
CA SER A 574 -12.95 -1.49 31.69
C SER A 574 -11.81 -1.06 30.77
N PRO A 575 -10.85 -1.95 30.48
CA PRO A 575 -9.77 -1.58 29.58
C PRO A 575 -10.26 -1.43 28.15
N PRO A 576 -9.69 -0.52 27.38
CA PRO A 576 -10.08 -0.35 25.97
C PRO A 576 -9.91 -1.62 25.15
N ALA A 577 -10.47 -1.59 23.96
CA ALA A 577 -10.45 -2.72 23.03
C ALA A 577 -9.41 -2.51 21.94
N ASP A 578 -9.16 -3.58 21.19
CA ASP A 578 -8.11 -3.55 20.17
C ASP A 578 -8.52 -2.80 18.93
N GLN A 579 -9.81 -2.75 18.60
CA GLN A 579 -10.29 -1.91 17.49
C GLN A 579 -11.75 -1.57 17.72
N THR A 580 -12.21 -0.54 17.01
CA THR A 580 -13.59 -0.08 17.13
C THR A 580 -14.52 -1.01 16.35
N LEU A 581 -15.63 -1.39 16.98
CA LEU A 581 -16.60 -2.29 16.38
C LEU A 581 -17.66 -1.51 15.61
N VAL A 582 -18.13 -2.10 14.52
CA VAL A 582 -19.19 -1.53 13.69
C VAL A 582 -20.42 -2.42 13.77
N ILE A 583 -21.57 -1.82 14.06
CA ILE A 583 -22.84 -2.54 14.15
C ILE A 583 -23.67 -2.18 12.93
N LYS A 584 -24.02 -3.20 12.14
CA LYS A 584 -24.80 -2.99 10.92
C LYS A 584 -26.27 -2.91 11.29
N THR A 585 -26.80 -1.70 11.33
CA THR A 585 -28.19 -1.45 11.71
C THR A 585 -29.06 -1.39 10.47
N PHE A 586 -30.14 -2.17 10.47
CA PHE A 586 -31.11 -2.07 9.39
C PHE A 586 -32.07 -0.92 9.64
N ARG A 587 -32.55 -0.32 8.55
CA ARG A 587 -33.57 0.71 8.60
C ARG A 587 -34.90 0.16 8.13
N PHE A 588 -35.97 0.55 8.81
CA PHE A 588 -37.32 0.14 8.45
C PHE A 588 -38.22 1.37 8.37
N LEU A 589 -39.22 1.30 7.48
CA LEU A 589 -40.24 2.33 7.44
C LEU A 589 -41.12 2.25 8.67
N SER A 590 -41.55 3.42 9.15
CA SER A 590 -42.32 3.46 10.39
C SER A 590 -43.61 2.69 10.23
N GLN A 591 -43.83 1.71 11.12
CA GLN A 591 -44.95 0.79 10.98
C GLN A 591 -46.30 1.50 11.03
N LYS A 592 -46.34 2.67 11.68
CA LYS A 592 -47.59 3.42 11.79
C LYS A 592 -48.14 3.77 10.41
N LEU A 593 -47.31 4.38 9.57
CA LEU A 593 -47.75 4.80 8.25
C LEU A 593 -48.11 3.60 7.38
N PHE A 594 -47.33 2.53 7.51
CA PHE A 594 -47.62 1.31 6.76
C PHE A 594 -49.00 0.78 7.10
N ILE A 595 -49.30 0.66 8.39
CA ILE A 595 -50.57 0.05 8.77
C ILE A 595 -51.74 0.98 8.43
N SER A 596 -51.53 2.29 8.51
CA SER A 596 -52.60 3.21 8.11
C SER A 596 -52.93 3.06 6.63
N VAL A 597 -51.90 3.09 5.78
CA VAL A 597 -52.17 2.94 4.36
C VAL A 597 -52.72 1.56 4.05
N SER A 598 -52.33 0.54 4.82
CA SER A 598 -52.85 -0.79 4.56
C SER A 598 -54.33 -0.90 4.90
N VAL A 599 -54.77 -0.26 5.99
CA VAL A 599 -56.18 -0.32 6.31
C VAL A 599 -57.01 0.50 5.33
N LEU A 600 -56.46 1.62 4.84
CA LEU A 600 -57.16 2.35 3.80
C LEU A 600 -57.28 1.52 2.53
N SER A 601 -56.24 0.80 2.18
CA SER A 601 -56.31 -0.05 0.99
C SER A 601 -57.26 -1.21 1.18
N SER A 602 -57.41 -1.73 2.39
CA SER A 602 -58.36 -2.82 2.60
C SER A 602 -59.80 -2.33 2.47
N LEU A 603 -60.11 -1.16 3.03
CA LEU A 603 -61.46 -0.64 2.81
C LEU A 603 -61.68 -0.30 1.34
N GLY A 604 -60.61 0.10 0.64
CA GLY A 604 -60.74 0.37 -0.78
C GLY A 604 -61.01 -0.88 -1.59
N ILE A 605 -60.35 -1.98 -1.26
CA ILE A 605 -60.58 -3.20 -2.03
C ILE A 605 -61.95 -3.77 -1.72
N VAL A 606 -62.45 -3.59 -0.50
CA VAL A 606 -63.80 -4.08 -0.25
C VAL A 606 -64.82 -3.21 -0.99
N LEU A 607 -64.55 -1.90 -1.12
CA LEU A 607 -65.42 -1.07 -1.96
C LEU A 607 -65.36 -1.49 -3.42
N ALA A 608 -64.17 -1.87 -3.89
CA ALA A 608 -64.04 -2.32 -5.27
C ALA A 608 -64.84 -3.58 -5.53
N VAL A 609 -64.81 -4.53 -4.59
CA VAL A 609 -65.57 -5.76 -4.82
C VAL A 609 -67.07 -5.50 -4.67
N VAL A 610 -67.46 -4.53 -3.84
CA VAL A 610 -68.87 -4.15 -3.76
C VAL A 610 -69.34 -3.59 -5.09
N CYS A 611 -68.54 -2.71 -5.70
CA CYS A 611 -68.96 -2.11 -6.97
C CYS A 611 -68.96 -3.15 -8.09
N LEU A 612 -68.01 -4.08 -8.07
CA LEU A 612 -68.02 -5.14 -9.08
C LEU A 612 -69.26 -6.01 -8.94
N SER A 613 -69.65 -6.34 -7.71
CA SER A 613 -70.87 -7.13 -7.52
C SER A 613 -72.10 -6.36 -7.98
N PHE A 614 -72.15 -5.06 -7.71
CA PHE A 614 -73.27 -4.25 -8.16
C PHE A 614 -73.37 -4.23 -9.68
N ASN A 615 -72.22 -4.09 -10.36
CA ASN A 615 -72.26 -4.05 -11.82
C ASN A 615 -72.65 -5.40 -12.39
N ILE A 616 -72.19 -6.50 -11.79
CA ILE A 616 -72.52 -7.80 -12.34
C ILE A 616 -73.95 -8.20 -12.03
N TYR A 617 -74.57 -7.61 -11.00
CA TYR A 617 -75.95 -7.97 -10.68
C TYR A 617 -76.92 -7.45 -11.74
N ASN A 618 -76.70 -6.24 -12.24
CA ASN A 618 -77.66 -5.56 -13.11
C ASN A 618 -77.32 -5.73 -14.58
N SER A 619 -76.79 -6.89 -14.98
CA SER A 619 -76.30 -7.09 -16.34
C SER A 619 -77.37 -6.88 -17.40
N HIS A 620 -78.66 -6.97 -17.06
CA HIS A 620 -79.72 -6.94 -18.05
C HIS A 620 -80.54 -5.66 -18.03
N VAL A 621 -80.14 -4.66 -17.26
CA VAL A 621 -80.90 -3.40 -17.20
C VAL A 621 -80.87 -2.69 -18.55
N ARG A 622 -79.82 -2.92 -19.41
CA ARG A 622 -79.73 -2.45 -20.79
C ARG A 622 -79.32 -0.98 -20.81
N TYR A 623 -79.28 -0.35 -19.65
CA TYR A 623 -78.63 0.95 -19.60
C TYR A 623 -77.16 0.78 -19.22
N ILE A 624 -76.86 -0.21 -18.39
CA ILE A 624 -75.48 -0.53 -18.10
C ILE A 624 -75.03 -1.59 -19.09
N GLN A 625 -75.87 -1.92 -20.06
CA GLN A 625 -75.40 -2.72 -21.17
C GLN A 625 -74.95 -1.87 -22.33
N ASN A 626 -75.46 -0.63 -22.41
CA ASN A 626 -74.95 0.32 -23.38
C ASN A 626 -73.57 0.83 -23.01
N SER A 627 -73.23 0.75 -21.74
CA SER A 627 -71.85 0.91 -21.30
C SER A 627 -71.21 -0.46 -21.24
N GLN A 628 -70.02 -0.61 -21.84
CA GLN A 628 -69.43 -1.93 -21.92
C GLN A 628 -69.23 -2.47 -20.51
N PRO A 629 -69.98 -3.47 -20.10
CA PRO A 629 -69.95 -3.88 -18.68
C PRO A 629 -68.71 -4.65 -18.30
N ASN A 630 -68.30 -5.60 -19.15
CA ASN A 630 -67.14 -6.42 -18.83
C ASN A 630 -65.86 -5.60 -18.75
N LEU A 631 -65.80 -4.51 -19.51
CA LEU A 631 -64.61 -3.68 -19.47
C LEU A 631 -64.50 -2.94 -18.15
N ASN A 632 -65.63 -2.46 -17.62
CA ASN A 632 -65.58 -1.83 -16.31
C ASN A 632 -65.38 -2.86 -15.21
N ASN A 633 -65.83 -4.10 -15.43
CA ASN A 633 -65.52 -5.16 -14.47
C ASN A 633 -64.03 -5.43 -14.43
N LEU A 634 -63.38 -5.48 -15.60
CA LEU A 634 -61.94 -5.67 -15.62
C LEU A 634 -61.20 -4.47 -15.06
N THR A 635 -61.74 -3.27 -15.24
CA THR A 635 -61.12 -2.10 -14.62
C THR A 635 -61.16 -2.19 -13.11
N ALA A 636 -62.31 -2.59 -12.54
CA ALA A 636 -62.41 -2.74 -11.11
C ALA A 636 -61.53 -3.88 -10.59
N VAL A 637 -61.40 -4.96 -11.35
CA VAL A 637 -60.54 -6.06 -10.94
C VAL A 637 -59.08 -5.63 -10.91
N GLY A 638 -58.63 -4.90 -11.93
CA GLY A 638 -57.27 -4.39 -11.92
C GLY A 638 -57.02 -3.41 -10.79
N CYS A 639 -58.02 -2.56 -10.51
CA CYS A 639 -57.91 -1.64 -9.38
C CYS A 639 -57.76 -2.39 -8.07
N SER A 640 -58.55 -3.47 -7.89
CA SER A 640 -58.44 -4.27 -6.68
C SER A 640 -57.09 -4.95 -6.58
N LEU A 641 -56.54 -5.42 -7.71
CA LEU A 641 -55.22 -6.04 -7.66
C LEU A 641 -54.14 -5.04 -7.30
N ALA A 642 -54.26 -3.80 -7.76
CA ALA A 642 -53.27 -2.80 -7.37
C ALA A 642 -53.40 -2.48 -5.87
N LEU A 643 -54.63 -2.37 -5.38
CA LEU A 643 -54.81 -2.10 -3.96
C LEU A 643 -54.34 -3.28 -3.11
N ALA A 644 -54.42 -4.50 -3.63
CA ALA A 644 -53.89 -5.64 -2.91
C ALA A 644 -52.37 -5.69 -2.95
N ALA A 645 -51.76 -5.25 -4.05
CA ALA A 645 -50.31 -5.19 -4.14
C ALA A 645 -49.69 -4.05 -3.36
N VAL A 646 -50.46 -3.07 -2.92
CA VAL A 646 -49.89 -2.09 -1.98
C VAL A 646 -49.35 -2.81 -0.74
N PHE A 647 -50.05 -3.86 -0.30
CA PHE A 647 -49.67 -4.60 0.92
C PHE A 647 -48.22 -5.09 0.89
N PRO A 648 -47.82 -6.00 0.00
CA PRO A 648 -46.44 -6.51 0.08
C PRO A 648 -45.39 -5.48 -0.28
N LEU A 649 -45.79 -4.32 -0.80
CA LEU A 649 -44.80 -3.28 -1.10
C LEU A 649 -44.26 -2.66 0.17
N GLY A 650 -45.03 -2.68 1.25
CA GLY A 650 -44.59 -2.11 2.51
C GLY A 650 -43.81 -3.08 3.38
N LEU A 651 -43.92 -4.38 3.09
CA LEU A 651 -43.21 -5.37 3.89
C LEU A 651 -41.72 -5.31 3.62
N ASP A 652 -40.94 -5.60 4.66
CA ASP A 652 -39.48 -5.46 4.60
C ASP A 652 -38.87 -6.49 5.54
N GLY A 653 -37.59 -6.30 5.87
CA GLY A 653 -36.91 -7.19 6.81
C GLY A 653 -37.47 -7.16 8.22
N TYR A 654 -38.34 -6.20 8.54
CA TYR A 654 -38.98 -6.20 9.84
C TYR A 654 -39.87 -7.42 10.04
N HIS A 655 -40.45 -7.95 8.95
CA HIS A 655 -41.39 -9.05 9.03
C HIS A 655 -40.98 -10.27 8.23
N ILE A 656 -40.43 -10.09 7.03
CA ILE A 656 -40.30 -11.21 6.10
C ILE A 656 -39.12 -12.09 6.47
N GLY A 657 -37.93 -11.52 6.59
CA GLY A 657 -36.72 -12.30 6.70
C GLY A 657 -36.07 -12.54 5.36
N ARG A 658 -34.88 -13.14 5.41
CA ARG A 658 -34.05 -13.23 4.21
C ARG A 658 -34.59 -14.25 3.22
N ASN A 659 -35.07 -15.40 3.70
CA ASN A 659 -35.40 -16.48 2.78
C ASN A 659 -36.66 -16.16 1.98
N GLN A 660 -37.64 -15.52 2.60
CA GLN A 660 -38.92 -15.26 1.96
C GLN A 660 -38.96 -13.91 1.24
N PHE A 661 -37.84 -13.19 1.18
CA PHE A 661 -37.84 -11.86 0.58
C PHE A 661 -38.13 -11.87 -0.92
N PRO A 662 -37.46 -12.70 -1.73
CA PRO A 662 -37.67 -12.57 -3.19
C PRO A 662 -39.06 -12.96 -3.61
N PHE A 663 -39.72 -13.85 -2.88
CA PHE A 663 -41.10 -14.18 -3.21
C PHE A 663 -42.01 -12.99 -2.96
N VAL A 664 -41.81 -12.26 -1.87
CA VAL A 664 -42.63 -11.07 -1.63
C VAL A 664 -42.41 -10.02 -2.71
N CYS A 665 -41.14 -9.76 -3.08
CA CYS A 665 -40.93 -8.74 -4.10
C CYS A 665 -41.48 -9.17 -5.45
N GLN A 666 -41.26 -10.42 -5.84
CA GLN A 666 -41.78 -10.90 -7.12
C GLN A 666 -43.30 -10.87 -7.14
N ALA A 667 -43.93 -11.21 -6.02
CA ALA A 667 -45.39 -11.19 -5.95
C ALA A 667 -45.89 -9.76 -6.10
N ARG A 668 -45.26 -8.81 -5.41
CA ARG A 668 -45.72 -7.42 -5.52
C ARG A 668 -45.49 -6.88 -6.92
N LEU A 669 -44.39 -7.29 -7.56
CA LEU A 669 -44.16 -6.86 -8.94
C LEU A 669 -45.25 -7.36 -9.86
N TRP A 670 -45.55 -8.66 -9.81
CA TRP A 670 -46.56 -9.21 -10.72
C TRP A 670 -47.94 -8.62 -10.43
N LEU A 671 -48.29 -8.45 -9.16
CA LEU A 671 -49.61 -7.91 -8.85
C LEU A 671 -49.76 -6.46 -9.28
N LEU A 672 -48.76 -5.62 -9.01
CA LEU A 672 -48.90 -4.22 -9.42
C LEU A 672 -48.88 -4.10 -10.94
N GLY A 673 -48.03 -4.88 -11.60
CA GLY A 673 -48.00 -4.84 -13.05
C GLY A 673 -49.31 -5.27 -13.68
N LEU A 674 -49.85 -6.40 -13.24
CA LEU A 674 -51.11 -6.87 -13.81
C LEU A 674 -52.26 -5.94 -13.46
N GLY A 675 -52.26 -5.38 -12.25
CA GLY A 675 -53.34 -4.47 -11.88
C GLY A 675 -53.37 -3.24 -12.76
N PHE A 676 -52.21 -2.58 -12.91
CA PHE A 676 -52.17 -1.40 -13.76
C PHE A 676 -52.46 -1.76 -15.21
N SER A 677 -51.87 -2.85 -15.70
CA SER A 677 -52.09 -3.22 -17.09
C SER A 677 -53.57 -3.46 -17.35
N LEU A 678 -54.25 -4.22 -16.49
CA LEU A 678 -55.64 -4.55 -16.75
C LEU A 678 -56.54 -3.33 -16.62
N GLY A 679 -56.32 -2.52 -15.58
CA GLY A 679 -57.15 -1.33 -15.41
C GLY A 679 -57.01 -0.35 -16.56
N TYR A 680 -55.76 0.07 -16.83
CA TYR A 680 -55.58 1.07 -17.86
C TYR A 680 -55.81 0.49 -19.25
N GLY A 681 -55.67 -0.82 -19.43
CA GLY A 681 -56.01 -1.40 -20.72
C GLY A 681 -57.51 -1.38 -20.95
N SER A 682 -58.28 -1.72 -19.92
CA SER A 682 -59.73 -1.70 -20.06
C SER A 682 -60.28 -0.28 -20.21
N MET A 683 -59.52 0.72 -19.75
CA MET A 683 -59.99 2.10 -19.88
C MET A 683 -59.51 2.74 -21.18
N PHE A 684 -58.38 2.25 -21.68
CA PHE A 684 -57.83 2.77 -22.92
C PHE A 684 -58.45 2.11 -24.14
N THR A 685 -58.81 0.84 -24.06
CA THR A 685 -59.45 0.26 -25.24
C THR A 685 -60.79 0.92 -25.49
N LYS A 686 -61.51 1.29 -24.43
CA LYS A 686 -62.76 2.02 -24.59
C LYS A 686 -62.52 3.38 -25.23
N ILE A 687 -61.59 4.17 -24.69
CA ILE A 687 -61.35 5.48 -25.29
C ILE A 687 -60.87 5.32 -26.73
N TRP A 688 -60.02 4.34 -26.99
CA TRP A 688 -59.45 4.17 -28.32
C TRP A 688 -60.52 3.79 -29.33
N TRP A 689 -61.40 2.85 -28.97
CA TRP A 689 -62.42 2.44 -29.94
C TRP A 689 -63.52 3.48 -30.10
N VAL A 690 -63.82 4.27 -29.07
CA VAL A 690 -64.75 5.39 -29.31
C VAL A 690 -64.14 6.34 -30.33
N HIS A 691 -62.83 6.64 -30.19
CA HIS A 691 -62.21 7.52 -31.17
C HIS A 691 -62.19 6.90 -32.56
N THR A 692 -61.83 5.62 -32.67
CA THR A 692 -61.68 5.03 -33.99
C THR A 692 -63.02 4.76 -34.66
N VAL A 693 -64.10 4.63 -33.92
CA VAL A 693 -65.41 4.56 -34.55
C VAL A 693 -65.93 5.95 -34.90
N PHE A 694 -65.59 6.95 -34.10
CA PHE A 694 -65.98 8.32 -34.40
C PHE A 694 -65.39 8.76 -35.72
N THR A 695 -64.13 8.43 -35.97
CA THR A 695 -63.46 8.84 -37.19
C THR A 695 -63.69 7.86 -38.35
N LYS A 696 -64.46 6.82 -38.09
CA LYS A 696 -64.72 5.78 -39.09
C LYS A 696 -63.47 4.95 -39.37
N LEU A 707 -67.30 -1.11 -31.67
CA LEU A 707 -68.57 -1.44 -32.29
C LEU A 707 -68.85 -2.93 -32.20
N GLU A 708 -67.79 -3.74 -32.12
CA GLU A 708 -67.99 -5.18 -32.06
C GLU A 708 -67.41 -5.72 -30.76
N PRO A 709 -68.13 -6.63 -30.09
CA PRO A 709 -67.62 -7.13 -28.80
C PRO A 709 -66.31 -7.89 -28.84
N TRP A 710 -66.13 -8.84 -29.77
CA TRP A 710 -64.87 -9.59 -29.76
C TRP A 710 -63.67 -8.73 -30.09
N LYS A 711 -63.79 -7.78 -31.01
CA LYS A 711 -62.62 -6.95 -31.30
C LYS A 711 -62.24 -6.14 -30.06
N LEU A 712 -63.26 -5.63 -29.36
CA LEU A 712 -63.06 -4.84 -28.16
C LEU A 712 -62.40 -5.67 -27.06
N TYR A 713 -62.76 -6.95 -26.92
CA TYR A 713 -62.15 -7.77 -25.88
C TYR A 713 -60.76 -8.24 -26.27
N ALA A 714 -60.56 -8.57 -27.54
CA ALA A 714 -59.28 -9.06 -28.02
C ALA A 714 -58.21 -7.99 -28.01
N THR A 715 -58.57 -6.72 -28.20
CA THR A 715 -57.54 -5.68 -28.14
C THR A 715 -56.96 -5.57 -26.73
N VAL A 716 -57.81 -5.55 -25.71
CA VAL A 716 -57.27 -5.45 -24.36
C VAL A 716 -56.59 -6.75 -23.97
N GLY A 717 -57.07 -7.88 -24.49
CA GLY A 717 -56.38 -9.14 -24.24
C GLY A 717 -54.98 -9.18 -24.81
N LEU A 718 -54.81 -8.67 -26.04
CA LEU A 718 -53.47 -8.62 -26.64
C LEU A 718 -52.58 -7.67 -25.86
N LEU A 719 -53.13 -6.54 -25.42
CA LEU A 719 -52.32 -5.57 -24.67
C LEU A 719 -51.81 -6.18 -23.36
N VAL A 720 -52.72 -6.79 -22.58
CA VAL A 720 -52.25 -7.35 -21.32
C VAL A 720 -51.37 -8.56 -21.56
N GLY A 721 -51.57 -9.29 -22.66
CA GLY A 721 -50.70 -10.42 -22.95
C GLY A 721 -49.29 -10.00 -23.33
N MET A 722 -49.14 -8.92 -24.08
CA MET A 722 -47.79 -8.43 -24.38
C MET A 722 -47.12 -7.91 -23.11
N ASP A 723 -47.88 -7.24 -22.24
CA ASP A 723 -47.27 -6.81 -20.98
C ASP A 723 -46.87 -8.00 -20.11
N VAL A 724 -47.71 -9.04 -20.08
CA VAL A 724 -47.38 -10.25 -19.33
C VAL A 724 -46.10 -10.88 -19.86
N LEU A 725 -45.96 -10.94 -21.19
CA LEU A 725 -44.75 -11.50 -21.77
C LEU A 725 -43.53 -10.65 -21.44
N THR A 726 -43.69 -9.33 -21.42
CA THR A 726 -42.58 -8.46 -21.03
C THR A 726 -42.14 -8.75 -19.59
N LEU A 727 -43.10 -8.88 -18.67
CA LEU A 727 -42.71 -9.14 -17.29
C LEU A 727 -42.14 -10.54 -17.13
N ALA A 728 -42.59 -11.50 -17.91
CA ALA A 728 -42.01 -12.84 -17.84
C ALA A 728 -40.59 -12.87 -18.36
N ILE A 729 -40.31 -12.15 -19.45
CA ILE A 729 -38.91 -12.09 -19.91
C ILE A 729 -38.05 -11.38 -18.89
N TRP A 730 -38.56 -10.32 -18.26
CA TRP A 730 -37.83 -9.68 -17.17
C TRP A 730 -37.47 -10.70 -16.08
N GLN A 731 -38.46 -11.41 -15.56
CA GLN A 731 -38.20 -12.42 -14.54
C GLN A 731 -37.15 -13.43 -15.01
N ILE A 732 -37.28 -13.92 -16.24
CA ILE A 732 -36.48 -15.07 -16.64
C ILE A 732 -35.03 -14.67 -16.96
N VAL A 733 -34.82 -13.52 -17.62
CA VAL A 733 -33.47 -13.19 -18.02
C VAL A 733 -32.67 -12.55 -16.89
N ASP A 734 -33.34 -11.87 -15.96
CA ASP A 734 -32.67 -11.15 -14.88
C ASP A 734 -33.58 -11.09 -13.67
N PRO A 735 -33.65 -12.18 -12.90
CA PRO A 735 -34.54 -12.21 -11.73
C PRO A 735 -34.21 -11.11 -10.75
N LEU A 736 -35.22 -10.74 -9.96
CA LEU A 736 -35.05 -9.75 -8.90
C LEU A 736 -34.57 -10.46 -7.65
N HIS A 737 -33.60 -9.85 -6.96
CA HIS A 737 -33.10 -10.47 -5.75
C HIS A 737 -32.75 -9.38 -4.75
N ARG A 738 -32.52 -9.79 -3.51
CA ARG A 738 -32.25 -8.82 -2.45
C ARG A 738 -30.91 -8.13 -2.69
N THR A 739 -30.85 -6.86 -2.31
CA THR A 739 -29.64 -6.06 -2.40
C THR A 739 -29.62 -5.02 -1.28
N ILE A 740 -28.49 -4.91 -0.61
CA ILE A 740 -28.34 -4.01 0.52
C ILE A 740 -27.52 -2.81 0.07
N GLU A 741 -27.95 -1.62 0.43
CA GLU A 741 -27.16 -0.41 0.16
C GLU A 741 -26.93 0.32 1.48
N THR A 742 -25.68 0.71 1.71
CA THR A 742 -25.23 1.29 2.96
C THR A 742 -25.11 2.79 2.88
N PHE A 743 -25.13 3.43 4.05
CA PHE A 743 -25.05 4.88 4.19
C PHE A 743 -23.74 5.29 4.82
N ALA A 744 -23.58 6.60 5.00
CA ALA A 744 -22.43 7.15 5.71
C ALA A 744 -22.53 6.87 7.20
N LYS A 745 -21.39 6.59 7.80
CA LYS A 745 -21.36 6.25 9.23
C LYS A 745 -21.78 7.43 10.09
N GLU A 746 -22.61 7.13 11.08
CA GLU A 746 -23.11 8.10 12.05
C GLU A 746 -22.77 7.64 13.46
N GLU A 747 -22.51 8.61 14.33
CA GLU A 747 -22.14 8.35 15.72
C GLU A 747 -23.43 8.12 16.50
N PRO A 748 -23.64 6.93 17.05
CA PRO A 748 -24.95 6.63 17.65
C PRO A 748 -25.07 7.07 19.11
N LYS A 749 -23.95 7.24 19.80
CA LYS A 749 -23.85 7.92 21.08
C LYS A 749 -24.38 7.10 22.27
N GLU A 750 -24.91 5.90 22.06
CA GLU A 750 -25.26 5.10 23.24
C GLU A 750 -24.02 4.75 24.04
N ASP A 751 -22.87 4.62 23.37
CA ASP A 751 -21.56 4.49 23.97
C ASP A 751 -20.68 5.59 23.40
N ILE A 752 -19.72 6.05 24.20
CA ILE A 752 -18.84 7.13 23.74
C ILE A 752 -18.02 6.67 22.54
N ASP A 753 -17.69 5.38 22.47
CA ASP A 753 -16.92 4.82 21.35
C ASP A 753 -17.71 3.60 20.85
N VAL A 754 -18.67 3.86 19.98
CA VAL A 754 -19.31 2.87 19.12
C VAL A 754 -19.62 3.56 17.80
N SER A 755 -19.58 2.78 16.73
CA SER A 755 -19.92 3.30 15.40
C SER A 755 -20.78 2.29 14.66
N ILE A 756 -21.88 2.77 14.08
CA ILE A 756 -22.87 1.93 13.42
C ILE A 756 -23.14 2.47 12.03
N LEU A 757 -23.30 1.56 11.06
CA LEU A 757 -23.57 1.95 9.69
C LEU A 757 -24.96 1.47 9.29
N PRO A 758 -25.84 2.35 8.84
CA PRO A 758 -27.19 1.90 8.46
C PRO A 758 -27.21 1.21 7.10
N GLN A 759 -28.22 0.37 6.93
CA GLN A 759 -28.40 -0.42 5.71
C GLN A 759 -29.85 -0.40 5.29
N LEU A 760 -30.09 -0.27 3.99
CA LEU A 760 -31.43 -0.32 3.41
C LEU A 760 -31.52 -1.52 2.48
N GLU A 761 -32.55 -2.34 2.67
CA GLU A 761 -32.78 -3.54 1.87
C GLU A 761 -33.77 -3.28 0.74
N HIS A 762 -33.33 -3.49 -0.51
CA HIS A 762 -34.19 -3.43 -1.68
C HIS A 762 -34.28 -4.79 -2.37
N CYS A 763 -35.27 -4.92 -3.25
CA CYS A 763 -35.31 -5.98 -4.26
C CYS A 763 -34.93 -5.35 -5.59
N SER A 764 -33.85 -5.82 -6.20
CA SER A 764 -33.37 -5.28 -7.44
C SER A 764 -32.62 -6.35 -8.24
N SER A 765 -32.66 -6.19 -9.56
CA SER A 765 -31.94 -7.03 -10.51
C SER A 765 -30.59 -6.37 -10.75
N ARG A 766 -29.76 -6.97 -11.63
CA ARG A 766 -28.46 -6.37 -11.87
C ARG A 766 -28.58 -4.97 -12.45
N LYS A 767 -29.50 -4.76 -13.38
CA LYS A 767 -29.72 -3.45 -13.99
C LYS A 767 -31.21 -3.13 -13.95
N MET A 768 -31.75 -2.95 -12.75
CA MET A 768 -33.17 -2.66 -12.60
C MET A 768 -33.55 -1.32 -13.20
N ASN A 769 -32.70 -0.30 -13.01
CA ASN A 769 -33.04 1.03 -13.54
C ASN A 769 -33.16 1.04 -15.05
N THR A 770 -32.24 0.38 -15.76
CA THR A 770 -32.39 0.34 -17.21
C THR A 770 -33.65 -0.40 -17.62
N TRP A 771 -33.91 -1.57 -17.01
CA TRP A 771 -35.08 -2.35 -17.33
C TRP A 771 -36.38 -1.69 -16.92
N LEU A 772 -36.44 -1.04 -15.77
CA LEU A 772 -37.64 -0.37 -15.31
C LEU A 772 -37.91 0.88 -16.12
N GLY A 773 -36.86 1.59 -16.54
CA GLY A 773 -37.03 2.82 -17.30
C GLY A 773 -37.78 2.60 -18.59
N ILE A 774 -37.50 1.49 -19.29
CA ILE A 774 -38.19 1.22 -20.55
C ILE A 774 -39.66 0.93 -20.29
N PHE A 775 -39.96 0.22 -19.20
CA PHE A 775 -41.35 -0.11 -18.90
C PHE A 775 -42.10 1.14 -18.49
N TYR A 776 -41.47 2.00 -17.69
CA TYR A 776 -42.11 3.24 -17.27
C TYR A 776 -42.32 4.16 -18.47
N GLY A 777 -41.39 4.18 -19.41
CA GLY A 777 -41.56 4.98 -20.61
C GLY A 777 -42.67 4.46 -21.50
N TYR A 778 -42.73 3.14 -21.68
CA TYR A 778 -43.82 2.53 -22.45
C TYR A 778 -45.17 2.91 -21.85
N LYS A 779 -45.31 2.75 -20.54
CA LYS A 779 -46.58 3.08 -19.90
C LYS A 779 -46.87 4.58 -19.94
N GLY A 780 -45.82 5.41 -19.87
CA GLY A 780 -46.04 6.85 -19.97
C GLY A 780 -46.50 7.27 -21.35
N LEU A 781 -45.97 6.62 -22.38
CA LEU A 781 -46.43 6.92 -23.73
C LEU A 781 -47.86 6.48 -23.92
N LEU A 782 -48.24 5.32 -23.38
CA LEU A 782 -49.64 4.92 -23.47
C LEU A 782 -50.53 5.88 -22.70
N LEU A 783 -50.06 6.38 -21.56
CA LEU A 783 -50.89 7.30 -20.77
C LEU A 783 -51.06 8.63 -21.48
N LEU A 784 -50.01 9.14 -22.11
CA LEU A 784 -50.14 10.41 -22.82
C LEU A 784 -50.99 10.25 -24.07
N LEU A 785 -50.87 9.11 -24.76
CA LEU A 785 -51.76 8.83 -25.88
C LEU A 785 -53.20 8.75 -25.43
N GLY A 786 -53.43 8.16 -24.26
CA GLY A 786 -54.78 8.11 -23.72
C GLY A 786 -55.33 9.48 -23.36
N ILE A 787 -54.48 10.34 -22.79
CA ILE A 787 -54.94 11.70 -22.49
C ILE A 787 -55.35 12.42 -23.77
N PHE A 788 -54.50 12.33 -24.80
CA PHE A 788 -54.81 13.01 -26.05
C PHE A 788 -56.09 12.47 -26.68
N LEU A 789 -56.24 11.15 -26.71
CA LEU A 789 -57.44 10.56 -27.30
C LEU A 789 -58.69 10.92 -26.50
N ALA A 790 -58.56 11.00 -25.17
CA ALA A 790 -59.72 11.35 -24.36
C ALA A 790 -60.10 12.80 -24.52
N TYR A 791 -59.13 13.67 -24.81
CA TYR A 791 -59.49 15.06 -25.07
C TYR A 791 -60.01 15.27 -26.47
N GLU A 792 -59.55 14.46 -27.43
CA GLU A 792 -60.04 14.61 -28.79
C GLU A 792 -61.47 14.10 -28.93
N THR A 793 -61.81 13.04 -28.21
CA THR A 793 -63.14 12.43 -28.29
C THR A 793 -63.97 12.84 -27.08
N LYS A 794 -63.91 14.14 -26.75
CA LYS A 794 -64.57 14.63 -25.56
C LYS A 794 -66.08 14.73 -25.73
N SER A 795 -66.53 15.40 -26.80
CA SER A 795 -67.94 15.70 -26.99
C SER A 795 -68.64 14.75 -27.95
N VAL A 796 -67.92 13.79 -28.53
CA VAL A 796 -68.55 12.82 -29.41
C VAL A 796 -69.51 11.96 -28.59
N SER A 797 -70.61 11.56 -29.21
CA SER A 797 -71.64 10.78 -28.53
C SER A 797 -71.87 9.48 -29.29
N THR A 798 -71.83 8.36 -28.58
CA THR A 798 -72.09 7.06 -29.14
C THR A 798 -72.91 6.26 -28.14
N GLU A 799 -73.80 5.42 -28.65
CA GLU A 799 -74.70 4.66 -27.79
C GLU A 799 -74.18 3.29 -27.40
N LYS A 800 -73.28 2.70 -28.18
CA LYS A 800 -72.72 1.42 -27.76
C LYS A 800 -71.76 1.57 -26.58
N ILE A 801 -71.19 2.76 -26.38
CA ILE A 801 -70.41 3.10 -25.19
C ILE A 801 -70.78 4.53 -24.79
N ASN A 802 -71.58 4.67 -23.74
CA ASN A 802 -72.19 5.92 -23.36
C ASN A 802 -71.54 6.61 -22.17
N ASP A 803 -70.44 6.07 -21.62
CA ASP A 803 -69.82 6.63 -20.43
C ASP A 803 -68.43 7.20 -20.67
N HIS A 804 -68.00 7.34 -21.93
CA HIS A 804 -66.67 7.85 -22.21
C HIS A 804 -66.44 9.25 -21.64
N ARG A 805 -67.50 10.03 -21.42
CA ARG A 805 -67.36 11.37 -20.88
C ARG A 805 -66.77 11.35 -19.47
N ALA A 806 -67.04 10.31 -18.70
CA ALA A 806 -66.46 10.15 -17.38
C ALA A 806 -65.20 9.31 -17.38
N VAL A 807 -65.10 8.35 -18.31
CA VAL A 807 -63.87 7.59 -18.44
C VAL A 807 -62.71 8.50 -18.81
N GLY A 808 -62.99 9.55 -19.56
CA GLY A 808 -61.94 10.52 -19.87
C GLY A 808 -61.41 11.24 -18.65
N MET A 809 -62.31 11.70 -17.77
CA MET A 809 -61.82 12.32 -16.56
C MET A 809 -61.21 11.31 -15.60
N ALA A 810 -61.53 10.03 -15.75
CA ALA A 810 -60.85 9.02 -14.94
C ALA A 810 -59.40 8.90 -15.41
N ILE A 811 -59.22 8.82 -16.73
CA ILE A 811 -57.89 8.69 -17.32
C ILE A 811 -57.03 9.90 -17.00
N TYR A 812 -57.61 11.10 -17.03
CA TYR A 812 -56.80 12.27 -16.76
C TYR A 812 -56.17 12.19 -15.37
N ASN A 813 -56.97 11.86 -14.36
CA ASN A 813 -56.45 11.74 -13.00
C ASN A 813 -55.45 10.60 -12.87
N VAL A 814 -55.76 9.44 -13.47
CA VAL A 814 -54.83 8.33 -13.33
C VAL A 814 -53.48 8.67 -13.96
N ALA A 815 -53.51 9.27 -15.15
CA ALA A 815 -52.28 9.62 -15.84
C ALA A 815 -51.49 10.68 -15.08
N VAL A 816 -52.17 11.70 -14.55
CA VAL A 816 -51.43 12.73 -13.83
C VAL A 816 -50.75 12.15 -12.61
N LEU A 817 -51.47 11.33 -11.84
CA LEU A 817 -50.86 10.74 -10.66
C LEU A 817 -49.72 9.78 -10.99
N CYS A 818 -49.89 8.94 -12.01
CA CYS A 818 -48.84 7.99 -12.37
C CYS A 818 -47.61 8.65 -12.97
N LEU A 819 -47.77 9.65 -13.85
CA LEU A 819 -46.60 10.24 -14.48
C LEU A 819 -45.85 11.19 -13.56
N ILE A 820 -46.40 11.52 -12.40
CA ILE A 820 -45.71 12.36 -11.46
C ILE A 820 -45.17 11.57 -10.26
N THR A 821 -45.79 10.44 -9.90
CA THR A 821 -45.28 9.61 -8.82
C THR A 821 -44.49 8.41 -9.31
N ALA A 822 -44.33 8.24 -10.63
CA ALA A 822 -43.37 7.29 -11.16
C ALA A 822 -41.93 7.79 -11.06
N PRO A 823 -41.62 9.06 -11.37
CA PRO A 823 -40.25 9.54 -11.17
C PRO A 823 -39.90 9.81 -9.71
N VAL A 824 -40.89 10.19 -8.89
CA VAL A 824 -40.60 10.51 -7.50
C VAL A 824 -40.24 9.24 -6.73
N THR A 825 -40.81 8.10 -7.10
CA THR A 825 -40.43 6.85 -6.45
C THR A 825 -38.98 6.48 -6.75
N MET A 826 -38.42 6.99 -7.84
CA MET A 826 -37.02 6.73 -8.18
C MET A 826 -36.07 7.77 -7.62
N ILE A 827 -36.43 9.06 -7.68
CA ILE A 827 -35.53 10.07 -7.16
C ILE A 827 -35.39 9.90 -5.65
N LEU A 828 -36.46 9.51 -4.99
CA LEU A 828 -36.42 9.22 -3.55
C LEU A 828 -36.41 7.71 -3.33
N SER A 829 -35.37 7.06 -3.84
CA SER A 829 -35.17 5.65 -3.55
C SER A 829 -34.70 5.46 -2.11
N SER A 830 -33.82 6.34 -1.64
CA SER A 830 -33.52 6.45 -0.23
C SER A 830 -34.65 7.21 0.46
N GLN A 831 -34.61 7.20 1.80
CA GLN A 831 -35.73 7.69 2.61
C GLN A 831 -36.99 6.89 2.29
N GLN A 832 -36.90 5.58 2.57
CA GLN A 832 -37.92 4.62 2.19
C GLN A 832 -39.32 5.01 2.65
N ASP A 833 -39.42 5.77 3.75
CA ASP A 833 -40.74 6.15 4.24
C ASP A 833 -41.44 7.07 3.25
N ALA A 834 -40.72 8.06 2.72
CA ALA A 834 -41.33 8.98 1.76
C ALA A 834 -41.61 8.27 0.43
N ALA A 835 -40.75 7.35 0.02
CA ALA A 835 -41.00 6.59 -1.19
C ALA A 835 -42.29 5.78 -1.08
N PHE A 836 -42.42 5.04 0.03
CA PHE A 836 -43.64 4.26 0.24
C PHE A 836 -44.85 5.17 0.34
N ALA A 837 -44.73 6.29 1.05
CA ALA A 837 -45.84 7.22 1.18
C ALA A 837 -46.33 7.67 -0.19
N PHE A 838 -45.42 8.19 -1.01
CA PHE A 838 -45.81 8.70 -2.32
C PHE A 838 -46.42 7.60 -3.17
N ALA A 839 -45.75 6.45 -3.27
CA ALA A 839 -46.21 5.40 -4.16
C ALA A 839 -47.58 4.90 -3.73
N SER A 840 -47.75 4.61 -2.44
CA SER A 840 -48.99 3.99 -1.99
C SER A 840 -50.14 5.00 -1.91
N LEU A 841 -49.86 6.26 -1.57
CA LEU A 841 -50.93 7.26 -1.65
C LEU A 841 -51.36 7.50 -3.08
N ALA A 842 -50.43 7.44 -4.04
CA ALA A 842 -50.83 7.55 -5.43
C ALA A 842 -51.70 6.38 -5.84
N ILE A 843 -51.33 5.17 -5.43
CA ILE A 843 -52.14 4.00 -5.81
C ILE A 843 -53.54 4.11 -5.20
N VAL A 844 -53.63 4.43 -3.91
CA VAL A 844 -54.94 4.42 -3.26
C VAL A 844 -55.81 5.57 -3.73
N PHE A 845 -55.22 6.74 -4.02
CA PHE A 845 -56.04 7.84 -4.51
C PHE A 845 -56.49 7.60 -5.94
N SER A 846 -55.60 7.08 -6.78
CA SER A 846 -56.01 6.68 -8.12
C SER A 846 -57.16 5.67 -8.07
N SER A 847 -57.06 4.69 -7.17
CA SER A 847 -58.11 3.68 -7.07
C SER A 847 -59.43 4.30 -6.64
N TYR A 848 -59.40 5.13 -5.59
CA TYR A 848 -60.62 5.73 -5.08
C TYR A 848 -61.29 6.61 -6.14
N ILE A 849 -60.53 7.53 -6.74
CA ILE A 849 -61.15 8.44 -7.68
C ILE A 849 -61.60 7.71 -8.95
N THR A 850 -60.85 6.69 -9.38
CA THR A 850 -61.28 5.91 -10.53
C THR A 850 -62.62 5.25 -10.27
N LEU A 851 -62.72 4.49 -9.18
CA LEU A 851 -63.96 3.76 -8.92
C LEU A 851 -65.11 4.72 -8.66
N VAL A 852 -64.85 5.84 -7.98
CA VAL A 852 -65.91 6.81 -7.72
C VAL A 852 -66.43 7.38 -9.03
N VAL A 853 -65.56 8.02 -9.81
CA VAL A 853 -66.03 8.70 -11.03
C VAL A 853 -66.43 7.72 -12.12
N LEU A 854 -66.21 6.42 -11.94
CA LEU A 854 -66.67 5.47 -12.92
C LEU A 854 -67.87 4.63 -12.47
N PHE A 855 -68.24 4.66 -11.19
CA PHE A 855 -69.38 3.87 -10.74
C PHE A 855 -70.42 4.60 -9.90
N VAL A 856 -70.11 5.78 -9.35
CA VAL A 856 -71.09 6.48 -8.52
C VAL A 856 -72.26 6.97 -9.36
N PRO A 857 -72.05 7.65 -10.49
CA PRO A 857 -73.21 8.00 -11.33
C PRO A 857 -73.95 6.80 -11.87
N LYS A 858 -73.23 5.75 -12.28
CA LYS A 858 -73.88 4.60 -12.88
C LYS A 858 -74.70 3.79 -11.89
N MET A 859 -74.63 4.09 -10.60
CA MET A 859 -75.55 3.53 -9.63
C MET A 859 -76.54 4.55 -9.10
N ARG A 860 -76.15 5.82 -9.04
CA ARG A 860 -77.07 6.86 -8.59
C ARG A 860 -78.21 7.04 -9.59
N ARG A 861 -77.93 6.90 -10.88
CA ARG A 861 -79.01 6.97 -11.86
C ARG A 861 -79.94 5.77 -11.82
N LEU A 862 -79.62 4.74 -11.03
CA LEU A 862 -80.47 3.57 -10.93
C LEU A 862 -81.15 3.43 -9.58
N ILE A 863 -80.88 4.35 -8.64
CA ILE A 863 -81.61 4.41 -7.38
C ILE A 863 -82.34 5.73 -7.20
N THR A 864 -82.37 6.57 -8.24
CA THR A 864 -83.18 7.77 -8.26
C THR A 864 -84.03 7.91 -9.52
N ARG A 865 -83.79 7.06 -10.53
CA ARG A 865 -84.50 7.16 -11.81
C ARG A 865 -84.91 5.80 -12.33
N GLY A 866 -84.99 4.79 -11.47
CA GLY A 866 -85.39 3.46 -11.89
C GLY A 866 -84.67 2.36 -11.13
N SER B 42 71.78 -9.75 11.86
CA SER B 42 70.72 -8.85 11.45
C SER B 42 69.60 -8.83 12.49
N PRO B 43 69.43 -7.71 13.17
CA PRO B 43 68.33 -7.58 14.13
C PRO B 43 66.99 -7.54 13.41
N PRO B 44 66.11 -8.49 13.68
CA PRO B 44 64.85 -8.56 12.93
C PRO B 44 63.83 -7.54 13.37
N LEU B 45 62.97 -7.17 12.42
CA LEU B 45 61.72 -6.47 12.69
C LEU B 45 60.60 -7.44 12.42
N SER B 46 59.92 -7.87 13.47
CA SER B 46 58.92 -8.93 13.37
C SER B 46 57.54 -8.35 13.08
N ILE B 47 56.82 -9.02 12.18
CA ILE B 47 55.48 -8.62 11.80
C ILE B 47 54.56 -9.82 11.99
N MET B 48 53.39 -9.56 12.57
CA MET B 48 52.41 -10.61 12.86
C MET B 48 51.46 -10.76 11.68
N GLY B 49 51.48 -11.92 11.03
CA GLY B 49 50.57 -12.13 9.91
C GLY B 49 49.45 -13.10 10.20
N LEU B 50 48.25 -12.60 10.46
CA LEU B 50 47.11 -13.42 10.81
C LEU B 50 46.30 -13.72 9.57
N MET B 51 46.36 -14.97 9.09
CA MET B 51 45.61 -15.35 7.91
C MET B 51 45.10 -16.77 8.07
N PRO B 52 44.00 -17.11 7.40
CA PRO B 52 43.58 -18.51 7.30
C PRO B 52 44.37 -19.23 6.24
N LEU B 53 45.19 -20.19 6.67
CA LEU B 53 46.08 -20.91 5.77
C LEU B 53 45.69 -22.37 5.61
N THR B 54 44.62 -22.81 6.26
CA THR B 54 44.24 -24.21 6.27
C THR B 54 43.78 -24.66 4.89
N LYS B 55 43.47 -25.94 4.79
CA LYS B 55 42.98 -26.54 3.55
C LYS B 55 41.46 -26.60 3.47
N GLU B 56 40.78 -26.72 4.61
CA GLU B 56 39.33 -26.94 4.62
C GLU B 56 38.54 -25.63 4.68
N VAL B 57 39.11 -24.58 5.26
CA VAL B 57 38.39 -23.31 5.34
C VAL B 57 38.27 -22.72 3.95
N ALA B 58 37.08 -22.20 3.63
CA ALA B 58 36.83 -21.69 2.29
C ALA B 58 37.74 -20.53 1.94
N LYS B 59 37.92 -19.60 2.88
CA LYS B 59 38.77 -18.43 2.64
C LYS B 59 40.25 -18.75 2.72
N GLY B 60 40.63 -20.00 2.99
CA GLY B 60 42.04 -20.35 2.95
C GLY B 60 42.66 -20.10 1.59
N SER B 61 41.86 -20.20 0.53
CA SER B 61 42.35 -19.90 -0.80
C SER B 61 42.87 -18.47 -0.90
N ILE B 62 42.32 -17.56 -0.11
CA ILE B 62 42.86 -16.21 -0.06
C ILE B 62 44.24 -16.21 0.59
N GLY B 63 44.37 -16.90 1.73
CA GLY B 63 45.64 -16.93 2.41
C GLY B 63 46.70 -17.78 1.73
N ARG B 64 46.33 -18.57 0.74
CA ARG B 64 47.28 -19.36 -0.03
C ARG B 64 47.58 -18.76 -1.39
N GLY B 65 46.82 -17.77 -1.83
CA GLY B 65 47.07 -17.14 -3.11
C GLY B 65 47.81 -15.83 -2.97
N VAL B 66 47.83 -15.26 -1.77
CA VAL B 66 48.55 -14.02 -1.54
C VAL B 66 49.96 -14.25 -1.02
N LEU B 67 50.30 -15.46 -0.62
CA LEU B 67 51.63 -15.74 -0.09
C LEU B 67 52.72 -15.64 -1.15
N PRO B 68 52.49 -16.08 -2.40
CA PRO B 68 53.48 -15.77 -3.44
C PRO B 68 53.84 -14.29 -3.53
N ALA B 69 52.85 -13.40 -3.42
CA ALA B 69 53.13 -11.99 -3.51
C ALA B 69 53.88 -11.49 -2.29
N VAL B 70 53.58 -12.05 -1.11
CA VAL B 70 54.28 -11.63 0.09
C VAL B 70 55.72 -12.11 0.05
N GLU B 71 55.96 -13.32 -0.47
CA GLU B 71 57.31 -13.80 -0.65
C GLU B 71 58.08 -12.93 -1.63
N LEU B 72 57.42 -12.52 -2.72
CA LEU B 72 58.06 -11.63 -3.68
C LEU B 72 58.47 -10.32 -3.02
N ALA B 73 57.55 -9.73 -2.27
CA ALA B 73 57.84 -8.44 -1.67
C ALA B 73 58.93 -8.56 -0.61
N ILE B 74 58.89 -9.63 0.19
CA ILE B 74 59.90 -9.81 1.23
C ILE B 74 61.27 -10.02 0.62
N GLU B 75 61.37 -10.90 -0.38
CA GLU B 75 62.67 -11.16 -0.98
C GLU B 75 63.20 -9.94 -1.72
N GLN B 76 62.32 -9.10 -2.26
CA GLN B 76 62.81 -7.91 -2.95
C GLN B 76 63.24 -6.83 -1.97
N ILE B 77 62.54 -6.70 -0.84
CA ILE B 77 63.01 -5.79 0.20
C ILE B 77 64.32 -6.29 0.80
N ARG B 78 64.53 -7.60 0.81
CA ARG B 78 65.78 -8.16 1.31
C ARG B 78 66.93 -7.89 0.35
N ASN B 79 66.70 -8.08 -0.95
CA ASN B 79 67.75 -7.84 -1.93
C ASN B 79 68.07 -6.36 -2.04
N GLU B 80 67.04 -5.52 -2.07
CA GLU B 80 67.26 -4.08 -2.22
C GLU B 80 67.90 -3.48 -0.97
N SER B 81 67.69 -4.10 0.19
CA SER B 81 68.25 -3.63 1.46
C SER B 81 67.65 -2.28 1.83
N LEU B 82 66.34 -2.15 1.67
CA LEU B 82 65.65 -0.92 2.05
C LEU B 82 65.83 -0.64 3.53
N LEU B 83 65.64 -1.64 4.38
CA LEU B 83 65.86 -1.54 5.82
C LEU B 83 67.25 -2.10 6.07
N ARG B 84 68.26 -1.25 5.93
CA ARG B 84 69.65 -1.72 5.79
C ARG B 84 70.14 -2.48 7.02
N PRO B 85 70.13 -1.90 8.23
CA PRO B 85 70.66 -2.68 9.36
C PRO B 85 69.75 -3.81 9.80
N TYR B 86 68.43 -3.62 9.73
CA TYR B 86 67.48 -4.63 10.17
C TYR B 86 67.11 -5.54 9.01
N PHE B 87 66.12 -6.41 9.23
CA PHE B 87 65.51 -7.14 8.14
C PHE B 87 64.11 -7.54 8.56
N LEU B 88 63.20 -7.56 7.59
CA LEU B 88 61.78 -7.77 7.85
C LEU B 88 61.49 -9.26 7.96
N ASP B 89 60.75 -9.64 8.99
CA ASP B 89 60.46 -11.05 9.26
C ASP B 89 58.97 -11.19 9.52
N LEU B 90 58.25 -11.84 8.60
CA LEU B 90 56.82 -12.04 8.73
C LEU B 90 56.56 -13.40 9.35
N ARG B 91 56.02 -13.42 10.57
CA ARG B 91 55.63 -14.66 11.23
C ARG B 91 54.17 -14.94 10.91
N LEU B 92 53.90 -16.09 10.31
CA LEU B 92 52.56 -16.43 9.84
C LEU B 92 51.80 -17.24 10.89
N TYR B 93 50.59 -16.79 11.21
CA TYR B 93 49.72 -17.46 12.16
C TYR B 93 48.38 -17.72 11.51
N ASP B 94 47.74 -18.80 11.96
CA ASP B 94 46.56 -19.36 11.33
C ASP B 94 45.33 -19.03 12.16
N THR B 95 44.59 -18.02 11.72
CA THR B 95 43.27 -17.72 12.25
C THR B 95 42.27 -18.29 11.27
N GLU B 96 41.56 -19.34 11.68
CA GLU B 96 40.81 -20.15 10.73
C GLU B 96 39.45 -19.53 10.43
N CYS B 97 39.37 -18.21 10.58
CA CYS B 97 38.15 -17.42 10.40
C CYS B 97 37.10 -17.75 11.43
N ASP B 98 37.52 -18.31 12.57
CA ASP B 98 36.66 -18.56 13.71
C ASP B 98 37.09 -17.60 14.81
N ASN B 99 36.12 -16.96 15.45
CA ASN B 99 36.43 -15.97 16.48
C ASN B 99 37.29 -16.56 17.58
N ALA B 100 36.98 -17.78 18.03
CA ALA B 100 37.71 -18.39 19.13
C ALA B 100 39.11 -18.80 18.69
N LYS B 101 39.22 -19.48 17.56
CA LYS B 101 40.54 -19.87 17.07
C LYS B 101 41.38 -18.66 16.70
N GLY B 102 40.74 -17.63 16.14
CA GLY B 102 41.48 -16.43 15.81
C GLY B 102 41.99 -15.69 17.03
N LEU B 103 41.18 -15.63 18.09
CA LEU B 103 41.66 -14.96 19.29
C LEU B 103 42.70 -15.81 20.01
N LYS B 104 42.61 -17.13 19.92
CA LYS B 104 43.65 -17.96 20.52
C LYS B 104 44.96 -17.85 19.74
N ALA B 105 44.89 -17.74 18.41
CA ALA B 105 46.11 -17.53 17.63
C ALA B 105 46.73 -16.17 17.91
N PHE B 106 45.91 -15.14 18.08
CA PHE B 106 46.45 -13.83 18.43
C PHE B 106 47.09 -13.84 19.82
N TYR B 107 46.47 -14.55 20.77
CA TYR B 107 47.04 -14.63 22.11
C TYR B 107 48.32 -15.45 22.15
N ASP B 108 48.35 -16.59 21.46
CA ASP B 108 49.56 -17.39 21.38
C ASP B 108 50.67 -16.68 20.63
N ALA B 109 50.32 -15.76 19.72
CA ALA B 109 51.36 -14.96 19.10
C ALA B 109 51.90 -13.90 20.05
N ILE B 110 51.02 -13.28 20.84
CA ILE B 110 51.50 -12.29 21.80
C ILE B 110 52.38 -12.94 22.88
N LYS B 111 52.07 -14.17 23.28
CA LYS B 111 52.82 -14.78 24.38
C LYS B 111 54.04 -15.57 23.91
N TYR B 112 53.83 -16.55 23.03
CA TYR B 112 54.89 -17.45 22.61
C TYR B 112 55.52 -17.02 21.30
N GLY B 113 55.60 -15.73 21.05
CA GLY B 113 56.17 -15.23 19.83
C GLY B 113 57.13 -14.08 20.06
N PRO B 114 57.84 -13.70 19.02
CA PRO B 114 58.82 -12.61 19.17
C PRO B 114 58.15 -11.27 19.31
N ASN B 115 58.95 -10.22 19.45
CA ASN B 115 58.44 -8.86 19.59
C ASN B 115 57.89 -8.41 18.26
N HIS B 116 56.56 -8.39 18.14
CA HIS B 116 55.90 -7.95 16.92
C HIS B 116 55.72 -6.44 16.96
N LEU B 117 55.90 -5.79 15.81
CA LEU B 117 55.73 -4.35 15.70
C LEU B 117 54.43 -3.94 15.02
N MET B 118 53.87 -4.82 14.20
CA MET B 118 52.63 -4.55 13.49
C MET B 118 51.86 -5.86 13.36
N VAL B 119 50.61 -5.74 12.93
CA VAL B 119 49.82 -6.89 12.53
C VAL B 119 49.56 -6.73 11.04
N PHE B 120 49.57 -7.84 10.31
CA PHE B 120 49.38 -7.83 8.87
C PHE B 120 48.33 -8.87 8.52
N GLY B 121 47.17 -8.42 8.09
CA GLY B 121 46.16 -9.34 7.62
C GLY B 121 44.89 -9.39 8.41
N GLY B 122 44.19 -10.52 8.31
CA GLY B 122 42.82 -10.64 8.75
C GLY B 122 41.88 -10.50 7.57
N VAL B 123 41.32 -11.61 7.13
CA VAL B 123 40.47 -11.62 5.94
C VAL B 123 38.99 -11.77 6.28
N CYS B 124 38.64 -12.34 7.43
CA CYS B 124 37.25 -12.48 7.83
C CYS B 124 36.85 -11.36 8.77
N PRO B 125 35.60 -10.87 8.64
CA PRO B 125 35.25 -9.60 9.28
C PRO B 125 35.06 -9.70 10.78
N SER B 126 34.58 -10.83 11.29
CA SER B 126 34.36 -10.96 12.73
C SER B 126 35.68 -11.01 13.49
N VAL B 127 36.63 -11.82 13.02
CA VAL B 127 37.92 -11.93 13.68
C VAL B 127 38.69 -10.62 13.54
N THR B 128 38.63 -10.02 12.35
CA THR B 128 39.31 -8.75 12.13
C THR B 128 38.75 -7.66 13.03
N SER B 129 37.44 -7.70 13.27
CA SER B 129 36.82 -6.71 14.16
C SER B 129 37.26 -6.93 15.60
N ILE B 130 37.25 -8.19 16.05
CA ILE B 130 37.68 -8.51 17.41
C ILE B 130 39.09 -8.00 17.65
N ILE B 131 39.99 -8.24 16.70
CA ILE B 131 41.38 -7.85 16.92
C ILE B 131 41.58 -6.35 16.75
N ALA B 132 40.92 -5.75 15.74
CA ALA B 132 41.09 -4.34 15.48
C ALA B 132 40.58 -3.48 16.62
N GLU B 133 39.56 -3.94 17.34
CA GLU B 133 39.07 -3.13 18.45
C GLU B 133 40.02 -3.16 19.64
N SER B 134 40.81 -4.23 19.77
CA SER B 134 41.70 -4.41 20.91
C SER B 134 43.15 -4.00 20.63
N LEU B 135 43.48 -3.68 19.38
CA LEU B 135 44.85 -3.30 19.03
C LEU B 135 45.42 -2.23 19.97
N GLN B 136 44.59 -1.27 20.37
CA GLN B 136 45.10 -0.12 21.12
C GLN B 136 45.60 -0.50 22.50
N GLY B 137 45.32 -1.71 22.99
CA GLY B 137 45.81 -2.12 24.29
C GLY B 137 47.25 -2.58 24.28
N TRP B 138 47.70 -3.16 23.18
CA TRP B 138 49.10 -3.56 23.02
C TRP B 138 49.88 -2.59 22.14
N ASN B 139 49.27 -1.51 21.69
CA ASN B 139 49.88 -0.48 20.85
C ASN B 139 50.27 -1.00 19.47
N LEU B 140 49.61 -2.05 18.99
CA LEU B 140 49.89 -2.59 17.67
C LEU B 140 49.03 -1.90 16.62
N VAL B 141 49.61 -1.68 15.45
CA VAL B 141 48.93 -1.09 14.30
C VAL B 141 48.67 -2.20 13.31
N GLN B 142 47.41 -2.36 12.91
CA GLN B 142 47.05 -3.40 11.95
C GLN B 142 46.85 -2.80 10.56
N LEU B 143 47.32 -3.52 9.56
CA LEU B 143 47.10 -3.21 8.16
C LEU B 143 46.48 -4.44 7.51
N SER B 144 45.22 -4.34 7.11
CA SER B 144 44.54 -5.42 6.43
C SER B 144 44.61 -5.22 4.92
N PHE B 145 44.34 -6.30 4.20
CA PHE B 145 44.29 -6.24 2.74
C PHE B 145 43.10 -6.99 2.17
N ALA B 146 42.27 -7.61 2.99
CA ALA B 146 41.14 -8.37 2.51
C ALA B 146 39.86 -8.11 3.30
N ALA B 147 39.88 -7.25 4.30
CA ALA B 147 38.70 -6.96 5.12
C ALA B 147 38.00 -5.74 4.53
N THR B 148 36.91 -5.97 3.81
CA THR B 148 36.23 -4.93 3.06
C THR B 148 34.98 -4.41 3.74
N THR B 149 34.62 -4.96 4.89
CA THR B 149 33.37 -4.60 5.53
C THR B 149 33.36 -3.14 5.97
N PRO B 150 32.30 -2.38 5.67
CA PRO B 150 32.28 -0.96 6.01
C PRO B 150 32.46 -0.67 7.49
N VAL B 151 32.12 -1.63 8.36
CA VAL B 151 32.13 -1.41 9.80
C VAL B 151 33.47 -0.85 10.26
N LEU B 152 34.56 -1.43 9.75
CA LEU B 152 35.91 -1.12 10.20
C LEU B 152 36.32 0.30 9.87
N ALA B 153 35.48 1.06 9.16
CA ALA B 153 35.81 2.44 8.85
C ALA B 153 35.54 3.38 10.01
N ASP B 154 34.90 2.90 11.08
CA ASP B 154 34.62 3.72 12.26
C ASP B 154 35.91 3.90 13.05
N LYS B 155 36.45 5.12 13.05
CA LYS B 155 37.74 5.39 13.67
C LYS B 155 37.62 5.81 15.13
N LYS B 156 36.46 5.60 15.76
CA LYS B 156 36.37 5.69 17.21
C LYS B 156 36.62 4.34 17.86
N LYS B 157 36.14 3.27 17.24
CA LYS B 157 36.36 1.92 17.72
C LYS B 157 37.67 1.33 17.21
N TYR B 158 38.11 1.74 16.02
CA TYR B 158 39.29 1.14 15.37
C TYR B 158 40.27 2.22 14.94
N PRO B 159 40.82 2.99 15.89
CA PRO B 159 41.72 4.08 15.51
C PRO B 159 43.11 3.62 15.06
N TYR B 160 43.43 2.33 15.19
CA TYR B 160 44.74 1.80 14.81
C TYR B 160 44.65 0.87 13.61
N PHE B 161 43.55 0.89 12.89
CA PHE B 161 43.32 -0.01 11.77
C PHE B 161 43.49 0.74 10.46
N PHE B 162 44.16 0.09 9.50
CA PHE B 162 44.30 0.58 8.14
C PHE B 162 44.03 -0.56 7.18
N ARG B 163 43.73 -0.24 5.94
CA ARG B 163 43.62 -1.29 4.93
C ARG B 163 43.97 -0.73 3.56
N THR B 164 44.59 -1.57 2.74
CA THR B 164 44.96 -1.22 1.38
C THR B 164 43.88 -1.55 0.36
N VAL B 165 42.88 -2.33 0.75
CA VAL B 165 41.79 -2.72 -0.14
C VAL B 165 40.66 -1.71 0.03
N PRO B 166 39.98 -1.30 -1.05
CA PRO B 166 38.83 -0.41 -0.90
C PRO B 166 37.69 -1.06 -0.13
N SER B 167 36.92 -0.21 0.57
CA SER B 167 35.79 -0.66 1.35
C SER B 167 34.67 -1.18 0.44
N ASP B 168 33.66 -1.79 1.06
CA ASP B 168 32.50 -2.26 0.31
C ASP B 168 31.61 -1.12 -0.15
N ASN B 169 31.54 -0.03 0.61
CA ASN B 169 30.74 1.12 0.22
C ASN B 169 31.56 2.17 -0.50
N ALA B 170 32.73 1.81 -1.01
CA ALA B 170 33.50 2.69 -1.87
C ALA B 170 33.01 2.66 -3.32
N VAL B 171 32.04 1.80 -3.65
CA VAL B 171 31.49 1.76 -5.00
C VAL B 171 30.39 2.78 -5.20
N ASN B 172 29.95 3.45 -4.15
CA ASN B 172 28.83 4.38 -4.26
C ASN B 172 29.21 5.66 -5.02
N PRO B 173 30.36 6.29 -4.75
CA PRO B 173 30.77 7.42 -5.59
C PRO B 173 30.96 7.04 -7.06
N ALA B 174 31.41 5.82 -7.34
CA ALA B 174 31.53 5.40 -8.73
C ALA B 174 30.16 5.29 -9.40
N ILE B 175 29.17 4.76 -8.68
CA ILE B 175 27.81 4.73 -9.20
C ILE B 175 27.29 6.14 -9.43
N LEU B 176 27.56 7.04 -8.49
CA LEU B 176 27.14 8.43 -8.64
C LEU B 176 27.75 9.06 -9.89
N LYS B 177 29.03 8.79 -10.16
CA LYS B 177 29.65 9.35 -11.36
C LYS B 177 29.09 8.71 -12.62
N LEU B 178 28.81 7.41 -12.60
CA LEU B 178 28.21 6.79 -13.78
C LEU B 178 26.81 7.34 -14.05
N LEU B 179 26.08 7.69 -13.00
CA LEU B 179 24.75 8.25 -13.19
C LEU B 179 24.85 9.67 -13.72
N LYS B 180 25.69 10.50 -13.10
CA LYS B 180 25.82 11.86 -13.61
C LYS B 180 26.51 11.89 -14.96
N HIS B 181 27.12 10.78 -15.38
CA HIS B 181 27.72 10.68 -16.70
C HIS B 181 26.69 10.26 -17.75
N TYR B 182 25.62 9.58 -17.37
CA TYR B 182 24.60 9.19 -18.33
C TYR B 182 23.25 9.84 -18.06
N GLN B 183 23.21 10.85 -17.19
CA GLN B 183 22.03 11.66 -16.92
C GLN B 183 20.88 10.87 -16.30
N TRP B 184 21.17 9.70 -15.74
CA TRP B 184 20.16 8.94 -15.02
C TRP B 184 19.88 9.62 -13.68
N LYS B 185 18.60 9.93 -13.42
CA LYS B 185 18.24 10.59 -12.17
C LYS B 185 17.12 9.90 -11.41
N ARG B 186 16.42 8.95 -12.02
CA ARG B 186 15.40 8.16 -11.34
C ARG B 186 15.95 6.75 -11.19
N VAL B 187 16.28 6.36 -9.97
CA VAL B 187 16.89 5.07 -9.71
C VAL B 187 16.09 4.34 -8.62
N GLY B 188 15.94 3.04 -8.80
CA GLY B 188 15.24 2.21 -7.83
C GLY B 188 16.15 1.16 -7.23
N THR B 189 16.21 1.09 -5.91
CA THR B 189 17.15 0.23 -5.22
C THR B 189 16.48 -1.06 -4.82
N LEU B 190 17.12 -2.19 -5.13
CA LEU B 190 16.66 -3.51 -4.73
C LEU B 190 17.74 -4.12 -3.84
N THR B 191 17.66 -3.83 -2.54
CA THR B 191 18.66 -4.28 -1.58
C THR B 191 18.28 -5.65 -1.05
N GLN B 192 19.00 -6.10 -0.02
CA GLN B 192 18.68 -7.35 0.67
C GLN B 192 18.96 -7.17 2.15
N ASP B 193 18.13 -7.80 2.97
CA ASP B 193 18.13 -7.53 4.41
C ASP B 193 19.14 -8.44 5.12
N VAL B 194 20.41 -8.18 4.82
CA VAL B 194 21.52 -8.64 5.63
C VAL B 194 22.33 -7.40 6.00
N GLN B 195 23.25 -7.57 6.95
CA GLN B 195 23.95 -6.41 7.49
C GLN B 195 24.77 -5.68 6.43
N ARG B 196 25.58 -6.43 5.66
CA ARG B 196 26.52 -5.80 4.74
C ARG B 196 25.81 -5.00 3.65
N PHE B 197 24.75 -5.57 3.08
CA PHE B 197 24.02 -4.88 2.04
C PHE B 197 23.23 -3.72 2.61
N SER B 198 22.83 -3.82 3.88
CA SER B 198 22.17 -2.70 4.53
C SER B 198 23.14 -1.54 4.73
N GLU B 199 24.41 -1.82 5.06
CA GLU B 199 25.37 -0.71 5.18
C GLU B 199 25.66 -0.08 3.83
N VAL B 200 25.80 -0.91 2.79
CA VAL B 200 26.03 -0.33 1.46
C VAL B 200 24.83 0.52 1.03
N ARG B 201 23.64 0.03 1.31
CA ARG B 201 22.42 0.76 0.98
C ARG B 201 22.31 2.08 1.74
N ASN B 202 22.63 2.08 3.04
CA ASN B 202 22.58 3.29 3.84
C ASN B 202 23.61 4.30 3.38
N ASP B 203 24.81 3.83 3.01
CA ASP B 203 25.79 4.77 2.49
C ASP B 203 25.38 5.31 1.12
N LEU B 204 24.65 4.51 0.34
CA LEU B 204 24.09 5.02 -0.91
C LEU B 204 23.10 6.15 -0.66
N THR B 205 22.27 5.97 0.36
CA THR B 205 21.32 6.98 0.74
C THR B 205 22.07 8.23 1.17
N GLY B 206 23.18 8.04 1.88
CA GLY B 206 23.94 9.17 2.39
C GLY B 206 24.74 9.91 1.33
N VAL B 207 25.13 9.23 0.25
CA VAL B 207 25.99 9.88 -0.73
C VAL B 207 25.17 10.58 -1.82
N LEU B 208 23.97 10.09 -2.12
CA LEU B 208 23.12 10.76 -3.10
C LEU B 208 22.45 12.01 -2.52
N TYR B 209 22.59 12.25 -1.22
CA TYR B 209 22.13 13.50 -0.65
C TYR B 209 22.96 14.66 -1.20
N GLY B 210 22.29 15.79 -1.44
CA GLY B 210 22.93 16.95 -1.99
C GLY B 210 23.01 16.97 -3.50
N GLU B 211 22.86 15.83 -4.14
CA GLU B 211 22.87 15.72 -5.59
C GLU B 211 21.44 15.65 -6.12
N ASP B 212 21.29 15.93 -7.41
CA ASP B 212 19.98 15.94 -8.04
C ASP B 212 19.45 14.55 -8.35
N ILE B 213 20.13 13.50 -7.92
CA ILE B 213 19.66 12.13 -8.11
C ILE B 213 18.73 11.79 -6.95
N GLU B 214 17.52 11.35 -7.26
CA GLU B 214 16.56 10.94 -6.25
C GLU B 214 16.28 9.44 -6.37
N ILE B 215 16.06 8.82 -5.22
CA ILE B 215 15.67 7.41 -5.17
C ILE B 215 14.14 7.36 -5.10
N SER B 216 13.53 6.70 -6.08
CA SER B 216 12.07 6.64 -6.13
C SER B 216 11.52 5.59 -5.18
N ASP B 217 12.11 4.41 -5.17
CA ASP B 217 11.58 3.31 -4.37
C ASP B 217 12.73 2.46 -3.85
N THR B 218 12.45 1.73 -2.77
CA THR B 218 13.41 0.87 -2.11
C THR B 218 12.72 -0.46 -1.81
N GLU B 219 13.37 -1.55 -2.17
CA GLU B 219 12.87 -2.89 -1.91
C GLU B 219 13.89 -3.67 -1.11
N SER B 220 13.42 -4.43 -0.13
CA SER B 220 14.27 -5.04 0.89
C SER B 220 13.91 -6.50 1.08
N PHE B 221 13.84 -7.24 -0.02
CA PHE B 221 13.44 -8.63 0.01
C PHE B 221 14.39 -9.46 0.87
N SER B 222 13.89 -10.59 1.36
CA SER B 222 14.64 -11.43 2.28
C SER B 222 15.17 -12.70 1.63
N ASN B 223 14.30 -13.56 1.12
CA ASN B 223 14.72 -14.84 0.56
C ASN B 223 14.14 -15.14 -0.81
N ASP B 224 13.00 -14.58 -1.17
CA ASP B 224 12.41 -14.77 -2.50
C ASP B 224 12.22 -13.41 -3.14
N PRO B 225 13.05 -13.02 -4.12
CA PRO B 225 13.03 -11.65 -4.61
C PRO B 225 11.93 -11.33 -5.61
N CYS B 226 11.06 -12.29 -5.95
CA CYS B 226 10.10 -12.04 -7.02
C CYS B 226 8.78 -11.48 -6.49
N THR B 227 8.82 -10.74 -5.39
CA THR B 227 7.66 -10.01 -4.92
C THR B 227 7.82 -8.51 -5.17
N SER B 228 9.01 -8.08 -5.61
CA SER B 228 9.30 -6.73 -6.03
C SER B 228 8.57 -6.35 -7.32
N VAL B 229 7.85 -7.30 -7.92
CA VAL B 229 7.13 -7.03 -9.17
C VAL B 229 6.09 -5.95 -8.96
N LYS B 230 5.40 -5.99 -7.82
CA LYS B 230 4.35 -5.01 -7.58
C LYS B 230 4.91 -3.64 -7.20
N LYS B 231 6.21 -3.53 -7.01
CA LYS B 231 6.81 -2.27 -6.56
C LYS B 231 7.76 -1.66 -7.57
N LEU B 232 8.71 -2.46 -8.09
CA LEU B 232 9.69 -1.90 -9.03
C LEU B 232 9.05 -1.55 -10.37
N LYS B 233 8.37 -2.54 -10.93
CA LYS B 233 7.63 -2.35 -12.16
C LYS B 233 6.47 -1.38 -11.88
N GLY B 234 5.87 -1.49 -10.69
CA GLY B 234 4.71 -0.70 -10.34
C GLY B 234 5.01 0.78 -10.33
N ASN B 235 6.19 1.16 -9.84
CA ASN B 235 6.61 2.54 -9.96
C ASN B 235 7.31 2.81 -11.29
N ASP B 236 7.54 1.78 -12.12
CA ASP B 236 8.13 1.93 -13.44
C ASP B 236 9.48 2.64 -13.40
N VAL B 237 10.44 1.95 -12.76
CA VAL B 237 11.81 2.44 -12.66
C VAL B 237 12.64 1.76 -13.74
N ARG B 238 13.54 2.54 -14.36
CA ARG B 238 14.35 2.05 -15.46
C ARG B 238 15.79 1.76 -15.07
N ILE B 239 16.32 2.40 -14.04
CA ILE B 239 17.69 2.22 -13.60
C ILE B 239 17.65 1.59 -12.22
N ILE B 240 17.98 0.31 -12.13
CA ILE B 240 17.90 -0.45 -10.89
C ILE B 240 19.29 -0.59 -10.30
N LEU B 241 19.43 -0.25 -9.03
CA LEU B 241 20.66 -0.44 -8.27
C LEU B 241 20.46 -1.62 -7.35
N GLY B 242 21.11 -2.74 -7.65
CA GLY B 242 21.00 -3.94 -6.83
C GLY B 242 22.17 -4.09 -5.87
N GLN B 243 21.87 -4.58 -4.68
CA GLN B 243 22.89 -4.97 -3.69
C GLN B 243 22.42 -6.28 -3.05
N PHE B 244 22.83 -7.39 -3.65
CA PHE B 244 22.39 -8.70 -3.17
C PHE B 244 23.45 -9.74 -3.54
N ASP B 245 23.44 -10.84 -2.82
CA ASP B 245 24.47 -11.86 -2.96
C ASP B 245 24.17 -12.76 -4.15
N GLN B 246 25.11 -13.66 -4.43
CA GLN B 246 25.13 -14.38 -5.70
C GLN B 246 23.89 -15.24 -5.89
N ASN B 247 23.48 -15.97 -4.86
CA ASN B 247 22.39 -16.92 -5.00
C ASN B 247 21.05 -16.24 -5.26
N MET B 248 20.92 -14.96 -4.92
CA MET B 248 19.70 -14.23 -5.21
C MET B 248 19.74 -13.50 -6.54
N ALA B 249 20.92 -13.33 -7.13
CA ALA B 249 21.01 -12.65 -8.42
C ALA B 249 20.36 -13.48 -9.52
N ALA B 250 20.51 -14.80 -9.48
CA ALA B 250 19.86 -15.64 -10.48
C ALA B 250 18.34 -15.61 -10.32
N LYS B 251 17.84 -15.51 -9.09
CA LYS B 251 16.41 -15.41 -8.89
C LYS B 251 15.88 -14.06 -9.34
N VAL B 252 16.64 -12.99 -9.10
CA VAL B 252 16.21 -11.67 -9.57
C VAL B 252 16.19 -11.63 -11.10
N PHE B 253 17.22 -12.15 -11.74
CA PHE B 253 17.25 -12.13 -13.20
C PHE B 253 16.36 -13.19 -13.82
N CYS B 254 15.80 -14.10 -13.03
CA CYS B 254 14.73 -14.95 -13.55
C CYS B 254 13.36 -14.28 -13.40
N CYS B 255 13.13 -13.62 -12.27
CA CYS B 255 11.87 -12.90 -12.10
C CYS B 255 11.78 -11.70 -13.02
N ALA B 256 12.92 -11.12 -13.42
CA ALA B 256 12.90 -10.03 -14.39
C ALA B 256 12.54 -10.52 -15.78
N TYR B 257 12.89 -11.76 -16.11
CA TYR B 257 12.44 -12.33 -17.37
C TYR B 257 10.97 -12.70 -17.30
N GLU B 258 10.53 -13.26 -16.16
CA GLU B 258 9.11 -13.59 -16.00
C GLU B 258 8.25 -12.33 -16.04
N GLU B 259 8.78 -11.19 -15.62
CA GLU B 259 8.05 -9.93 -15.66
C GLU B 259 8.37 -9.08 -16.88
N ASN B 260 9.44 -9.41 -17.61
CA ASN B 260 9.95 -8.60 -18.72
C ASN B 260 10.46 -7.25 -18.25
N MET B 261 11.26 -7.27 -17.18
CA MET B 261 11.98 -6.08 -16.76
C MET B 261 13.33 -5.96 -17.43
N TYR B 262 13.54 -6.70 -18.52
CA TYR B 262 14.78 -6.67 -19.26
C TYR B 262 14.54 -6.03 -20.62
N GLY B 263 15.62 -5.87 -21.38
CA GLY B 263 15.54 -5.36 -22.72
C GLY B 263 16.19 -4.00 -22.87
N SER B 264 15.88 -3.35 -23.98
CA SER B 264 16.52 -2.10 -24.36
C SER B 264 16.16 -0.93 -23.47
N LYS B 265 15.24 -1.12 -22.51
CA LYS B 265 14.72 -0.01 -21.73
C LYS B 265 15.12 -0.03 -20.26
N TYR B 266 15.68 -1.13 -19.76
CA TYR B 266 16.06 -1.25 -18.37
C TYR B 266 17.55 -1.44 -18.20
N GLN B 267 18.08 -0.90 -17.11
CA GLN B 267 19.50 -1.05 -16.76
C GLN B 267 19.61 -1.62 -15.35
N TRP B 268 20.50 -2.59 -15.18
CA TRP B 268 20.82 -3.18 -13.89
C TRP B 268 22.24 -2.82 -13.51
N ILE B 269 22.42 -2.30 -12.30
CA ILE B 269 23.74 -1.96 -11.77
C ILE B 269 23.92 -2.76 -10.49
N ILE B 270 24.67 -3.86 -10.57
CA ILE B 270 24.78 -4.79 -9.46
C ILE B 270 26.24 -4.95 -9.03
N PRO B 271 26.51 -5.61 -7.90
CA PRO B 271 27.90 -5.90 -7.56
C PRO B 271 28.56 -6.80 -8.57
N GLY B 272 29.87 -6.61 -8.74
CA GLY B 272 30.64 -7.37 -9.70
C GLY B 272 31.58 -8.39 -9.13
N TRP B 273 31.53 -8.66 -7.83
CA TRP B 273 32.47 -9.58 -7.22
C TRP B 273 31.98 -11.03 -7.20
N TYR B 274 30.97 -11.36 -8.01
CA TYR B 274 30.59 -12.76 -8.11
C TYR B 274 31.66 -13.54 -8.85
N GLU B 275 31.72 -14.83 -8.56
CA GLU B 275 32.69 -15.69 -9.22
C GLU B 275 32.38 -15.78 -10.71
N PRO B 276 33.40 -15.96 -11.55
CA PRO B 276 33.16 -16.16 -12.98
C PRO B 276 32.23 -17.34 -13.21
N SER B 277 31.30 -17.17 -14.15
CA SER B 277 30.32 -18.18 -14.52
C SER B 277 29.33 -18.44 -13.39
N TRP B 278 29.02 -17.39 -12.62
CA TRP B 278 28.12 -17.54 -11.48
C TRP B 278 26.69 -17.84 -11.89
N TRP B 279 26.32 -17.54 -13.14
CA TRP B 279 24.95 -17.73 -13.59
C TRP B 279 24.65 -19.18 -13.91
N GLU B 280 25.53 -20.10 -13.53
CA GLU B 280 25.32 -21.52 -13.70
C GLU B 280 24.55 -22.15 -12.54
N GLN B 281 23.76 -21.36 -11.83
CA GLN B 281 22.92 -21.87 -10.76
C GLN B 281 21.71 -22.59 -11.35
N VAL B 282 21.44 -23.79 -10.85
CA VAL B 282 20.32 -24.58 -11.35
C VAL B 282 19.29 -24.79 -10.26
N CYS B 291 12.38 -20.03 -15.52
CA CYS B 291 13.14 -19.65 -16.70
C CYS B 291 14.40 -20.49 -16.86
N LEU B 292 14.74 -20.80 -18.10
CA LEU B 292 15.90 -21.63 -18.41
C LEU B 292 17.14 -20.75 -18.60
N ARG B 293 18.28 -21.39 -18.81
CA ARG B 293 19.51 -20.66 -19.09
C ARG B 293 19.38 -19.83 -20.35
N LYS B 294 18.69 -20.36 -21.37
CA LYS B 294 18.49 -19.62 -22.61
C LYS B 294 17.78 -18.30 -22.36
N ASN B 295 16.89 -18.26 -21.37
CA ASN B 295 16.18 -17.03 -21.04
C ASN B 295 16.84 -16.26 -19.90
N LEU B 296 17.56 -16.95 -19.01
CA LEU B 296 18.28 -16.25 -17.96
C LEU B 296 19.41 -15.40 -18.54
N LEU B 297 20.17 -15.97 -19.49
CA LEU B 297 21.16 -15.18 -20.20
C LEU B 297 20.51 -14.00 -20.92
N ALA B 298 19.34 -14.23 -21.52
CA ALA B 298 18.66 -13.16 -22.24
C ALA B 298 18.22 -12.04 -21.31
N ALA B 299 17.85 -12.38 -20.08
CA ALA B 299 17.50 -11.33 -19.12
C ALA B 299 18.71 -10.71 -18.44
N MET B 300 19.88 -11.35 -18.54
CA MET B 300 21.10 -10.81 -17.94
C MET B 300 21.90 -9.93 -18.89
N GLU B 301 21.55 -9.91 -20.17
CA GLU B 301 22.34 -9.21 -21.18
C GLU B 301 22.52 -7.74 -20.86
N GLY B 302 23.74 -7.34 -20.55
CA GLY B 302 24.07 -5.94 -20.43
C GLY B 302 23.93 -5.36 -19.04
N TYR B 303 23.98 -6.19 -17.99
CA TYR B 303 24.03 -5.65 -16.65
C TYR B 303 25.44 -5.16 -16.35
N ILE B 304 25.52 -4.09 -15.56
CA ILE B 304 26.78 -3.46 -15.22
C ILE B 304 27.15 -3.87 -13.79
N GLY B 305 28.30 -4.54 -13.66
CA GLY B 305 28.81 -4.92 -12.36
C GLY B 305 29.88 -3.93 -11.89
N VAL B 306 29.87 -3.67 -10.59
CA VAL B 306 30.78 -2.70 -9.98
C VAL B 306 31.61 -3.41 -8.92
N ASP B 307 32.94 -3.26 -8.99
CA ASP B 307 33.83 -3.90 -8.03
C ASP B 307 35.11 -3.09 -7.92
N PHE B 308 36.05 -3.57 -7.12
CA PHE B 308 37.35 -2.91 -7.05
C PHE B 308 38.28 -3.50 -8.11
N GLU B 309 39.26 -2.69 -8.52
CA GLU B 309 40.16 -3.07 -9.59
C GLU B 309 41.36 -3.83 -9.03
N PRO B 310 41.57 -5.09 -9.41
CA PRO B 310 42.72 -5.85 -8.87
C PRO B 310 44.08 -5.21 -9.14
N LEU B 311 44.39 -4.89 -10.39
CA LEU B 311 45.67 -4.31 -10.77
C LEU B 311 45.43 -3.09 -11.63
N SER B 312 46.21 -2.03 -11.40
CA SER B 312 46.13 -0.86 -12.25
C SER B 312 46.57 -1.19 -13.67
N SER B 313 45.90 -0.57 -14.64
CA SER B 313 46.20 -0.78 -16.05
C SER B 313 47.35 0.07 -16.57
N LYS B 314 47.86 1.00 -15.77
CA LYS B 314 48.92 1.90 -16.21
C LYS B 314 50.23 1.13 -16.39
N GLN B 315 51.26 1.85 -16.87
CA GLN B 315 52.58 1.27 -17.05
C GLN B 315 53.67 2.14 -16.45
N ILE B 316 53.35 2.96 -15.46
CA ILE B 316 54.36 3.72 -14.75
C ILE B 316 55.18 2.77 -13.87
N LYS B 317 56.47 3.05 -13.75
CA LYS B 317 57.33 2.26 -12.87
C LYS B 317 56.93 2.51 -11.41
N THR B 318 56.53 1.45 -10.72
CA THR B 318 56.10 1.55 -9.34
C THR B 318 57.29 1.71 -8.41
N ILE B 319 57.01 1.83 -7.11
CA ILE B 319 58.05 1.92 -6.10
C ILE B 319 58.92 0.66 -6.08
N SER B 320 58.39 -0.46 -6.56
CA SER B 320 59.15 -1.69 -6.63
C SER B 320 60.16 -1.70 -7.77
N GLY B 321 60.16 -0.67 -8.61
CA GLY B 321 61.00 -0.68 -9.79
C GLY B 321 60.48 -1.53 -10.92
N LYS B 322 59.20 -1.88 -10.88
CA LYS B 322 58.58 -2.68 -11.92
C LYS B 322 57.25 -2.06 -12.31
N THR B 323 56.67 -2.57 -13.39
CA THR B 323 55.36 -2.15 -13.81
C THR B 323 54.33 -3.24 -13.53
N PRO B 324 53.06 -2.89 -13.33
CA PRO B 324 52.06 -3.89 -12.97
C PRO B 324 52.05 -5.14 -13.82
N GLN B 325 52.38 -5.04 -15.11
CA GLN B 325 52.37 -6.23 -15.96
C GLN B 325 53.55 -7.15 -15.65
N GLN B 326 54.71 -6.57 -15.34
CA GLN B 326 55.84 -7.39 -14.92
C GLN B 326 55.55 -8.11 -13.61
N TYR B 327 54.93 -7.40 -12.66
CA TYR B 327 54.57 -8.03 -11.41
C TYR B 327 53.56 -9.14 -11.62
N GLU B 328 52.57 -8.91 -12.47
CA GLU B 328 51.59 -9.97 -12.74
C GLU B 328 52.26 -11.19 -13.36
N ARG B 329 53.22 -10.97 -14.25
CA ARG B 329 53.88 -12.10 -14.90
C ARG B 329 54.73 -12.89 -13.91
N GLU B 330 55.50 -12.18 -13.07
CA GLU B 330 56.34 -12.91 -12.11
C GLU B 330 55.51 -13.56 -11.01
N TYR B 331 54.38 -12.96 -10.64
CA TYR B 331 53.49 -13.59 -9.67
C TYR B 331 52.89 -14.87 -10.24
N ASN B 332 52.41 -14.83 -11.48
CA ASN B 332 51.92 -16.05 -12.09
C ASN B 332 53.03 -17.05 -12.36
N ASN B 333 54.30 -16.61 -12.37
CA ASN B 333 55.39 -17.58 -12.41
C ASN B 333 55.61 -18.23 -11.05
N LYS B 334 55.42 -17.48 -9.95
CA LYS B 334 55.50 -18.09 -8.63
C LYS B 334 54.24 -18.87 -8.30
N ARG B 335 53.08 -18.34 -8.71
CA ARG B 335 51.78 -18.97 -8.48
C ARG B 335 51.70 -20.19 -9.39
N SER B 336 52.41 -21.25 -9.01
CA SER B 336 52.55 -22.39 -9.89
C SER B 336 51.33 -23.29 -9.85
N GLY B 337 51.01 -23.84 -8.69
CA GLY B 337 49.88 -24.74 -8.56
C GLY B 337 48.71 -24.17 -7.80
N VAL B 338 48.98 -23.23 -6.89
CA VAL B 338 47.94 -22.66 -6.04
C VAL B 338 46.94 -21.88 -6.88
N GLY B 339 45.85 -21.45 -6.27
CA GLY B 339 44.85 -20.65 -6.94
C GLY B 339 45.20 -19.18 -6.97
N PRO B 340 44.85 -18.51 -8.07
CA PRO B 340 45.10 -17.07 -8.18
C PRO B 340 44.04 -16.30 -7.42
N SER B 341 44.47 -15.49 -6.46
CA SER B 341 43.57 -14.72 -5.62
C SER B 341 43.58 -13.25 -6.04
N LYS B 342 42.39 -12.67 -6.17
CA LYS B 342 42.24 -11.30 -6.63
C LYS B 342 42.79 -10.27 -5.65
N PHE B 343 43.33 -10.70 -4.51
CA PHE B 343 43.84 -9.80 -3.50
C PHE B 343 45.36 -9.68 -3.50
N HIS B 344 46.06 -10.31 -4.44
CA HIS B 344 47.50 -10.41 -4.37
C HIS B 344 48.17 -9.04 -4.50
N GLY B 345 47.65 -8.17 -5.36
CA GLY B 345 48.26 -6.86 -5.51
C GLY B 345 48.13 -6.04 -4.26
N TYR B 346 47.05 -6.22 -3.51
CA TYR B 346 46.86 -5.47 -2.29
C TYR B 346 47.77 -5.99 -1.18
N ALA B 347 48.11 -7.28 -1.19
CA ALA B 347 49.07 -7.79 -0.23
C ALA B 347 50.49 -7.32 -0.56
N TYR B 348 50.82 -7.26 -1.85
CA TYR B 348 52.09 -6.68 -2.26
C TYR B 348 52.22 -5.24 -1.78
N ASP B 349 51.20 -4.42 -2.09
CA ASP B 349 51.23 -3.04 -1.63
C ASP B 349 51.19 -2.95 -0.11
N GLY B 350 50.62 -3.93 0.56
CA GLY B 350 50.61 -3.91 2.02
C GLY B 350 51.99 -4.11 2.61
N ILE B 351 52.73 -5.09 2.08
CA ILE B 351 54.10 -5.28 2.54
C ILE B 351 54.94 -4.06 2.23
N TRP B 352 54.70 -3.42 1.09
CA TRP B 352 55.48 -2.23 0.78
C TRP B 352 55.13 -1.05 1.69
N VAL B 353 53.86 -0.94 2.09
CA VAL B 353 53.47 0.09 3.04
C VAL B 353 54.12 -0.16 4.39
N ILE B 354 54.15 -1.43 4.81
CA ILE B 354 54.81 -1.80 6.07
C ILE B 354 56.27 -1.39 6.04
N ALA B 355 56.98 -1.74 4.96
CA ALA B 355 58.40 -1.43 4.88
C ALA B 355 58.64 0.08 4.89
N LYS B 356 57.85 0.83 4.13
CA LYS B 356 58.03 2.27 4.10
C LYS B 356 57.68 2.90 5.44
N THR B 357 56.71 2.36 6.16
CA THR B 357 56.33 2.92 7.44
C THR B 357 57.38 2.64 8.49
N LEU B 358 57.93 1.43 8.51
CA LEU B 358 59.01 1.15 9.44
C LEU B 358 60.23 1.99 9.15
N GLN B 359 60.52 2.22 7.87
CA GLN B 359 61.66 3.08 7.52
C GLN B 359 61.41 4.51 7.99
N ARG B 360 60.23 5.05 7.70
CA ARG B 360 59.94 6.43 8.10
C ARG B 360 59.89 6.59 9.61
N ALA B 361 59.51 5.54 10.34
CA ALA B 361 59.51 5.59 11.79
C ALA B 361 60.90 5.39 12.38
N MET B 362 61.80 4.74 11.65
CA MET B 362 63.17 4.59 12.13
C MET B 362 63.91 5.91 12.05
N GLU B 363 63.77 6.62 10.93
CA GLU B 363 64.45 7.89 10.74
C GLU B 363 63.83 9.04 11.52
N THR B 364 62.86 8.78 12.39
CA THR B 364 62.39 9.78 13.34
C THR B 364 62.78 9.44 14.77
N LEU B 365 63.55 8.38 14.97
CA LEU B 365 64.12 8.05 16.27
C LEU B 365 65.59 8.45 16.31
N GLN B 375 65.25 -2.18 18.25
CA GLN B 375 64.72 -1.50 19.43
C GLN B 375 63.92 -2.45 20.30
N ASP B 376 63.91 -2.17 21.60
CA ASP B 376 63.18 -2.98 22.58
C ASP B 376 61.75 -2.46 22.66
N PHE B 377 60.84 -3.16 21.97
CA PHE B 377 59.41 -2.93 22.03
C PHE B 377 58.80 -4.10 22.78
N ASN B 378 57.89 -3.81 23.70
CA ASN B 378 57.34 -4.86 24.54
C ASN B 378 55.83 -4.73 24.72
N TYR B 379 55.18 -3.96 23.84
CA TYR B 379 53.76 -3.63 23.82
C TYR B 379 53.37 -2.62 24.89
N THR B 380 54.31 -2.18 25.73
CA THR B 380 54.03 -1.19 26.75
C THR B 380 54.47 0.21 26.32
N ASP B 381 55.06 0.34 25.13
CA ASP B 381 55.59 1.62 24.66
C ASP B 381 54.51 2.34 23.87
N HIS B 382 53.98 3.42 24.44
CA HIS B 382 52.89 4.15 23.79
C HIS B 382 53.41 5.08 22.70
N THR B 383 54.53 5.76 22.96
CA THR B 383 55.02 6.76 22.02
C THR B 383 55.48 6.14 20.72
N LEU B 384 56.06 4.93 20.77
CA LEU B 384 56.49 4.29 19.53
C LEU B 384 55.30 3.86 18.68
N GLY B 385 54.23 3.38 19.31
CA GLY B 385 53.04 3.07 18.55
C GLY B 385 52.39 4.31 17.96
N ARG B 386 52.45 5.42 18.69
CA ARG B 386 51.93 6.68 18.15
C ARG B 386 52.80 7.17 16.98
N ILE B 387 54.10 6.97 17.07
CA ILE B 387 55.01 7.34 15.99
C ILE B 387 54.71 6.52 14.75
N ILE B 388 54.53 5.21 14.90
CA ILE B 388 54.20 4.38 13.75
C ILE B 388 52.85 4.77 13.17
N LEU B 389 51.90 5.16 14.02
CA LEU B 389 50.60 5.57 13.53
C LEU B 389 50.69 6.85 12.71
N ASN B 390 51.49 7.82 13.17
CA ASN B 390 51.68 9.04 12.39
C ASN B 390 52.50 8.77 11.13
N ALA B 391 53.38 7.78 11.16
CA ALA B 391 54.18 7.44 9.99
C ALA B 391 53.37 6.71 8.94
N MET B 392 52.28 6.06 9.33
CA MET B 392 51.44 5.35 8.38
C MET B 392 50.30 6.20 7.86
N ASN B 393 50.05 7.35 8.48
CA ASN B 393 48.97 8.23 8.07
C ASN B 393 49.36 9.11 6.89
N GLU B 394 50.65 9.20 6.57
CA GLU B 394 51.10 10.03 5.46
C GLU B 394 51.78 9.22 4.37
N THR B 395 51.45 7.94 4.24
CA THR B 395 52.02 7.15 3.17
C THR B 395 51.43 7.60 1.85
N ASN B 396 52.28 7.68 0.82
CA ASN B 396 51.82 8.15 -0.49
C ASN B 396 52.82 7.66 -1.53
N PHE B 397 52.47 6.60 -2.25
CA PHE B 397 53.36 6.13 -3.30
C PHE B 397 52.55 5.40 -4.36
N PHE B 398 53.24 4.87 -5.35
CA PHE B 398 52.60 4.16 -6.46
C PHE B 398 52.92 2.68 -6.38
N GLY B 399 51.89 1.85 -6.25
CA GLY B 399 52.04 0.41 -6.26
C GLY B 399 51.28 -0.22 -7.41
N VAL B 400 51.34 -1.55 -7.46
CA VAL B 400 50.76 -2.29 -8.57
C VAL B 400 49.25 -2.19 -8.64
N THR B 401 48.61 -1.68 -7.59
CA THR B 401 47.17 -1.46 -7.58
C THR B 401 46.80 0.02 -7.73
N GLY B 402 47.76 0.86 -8.09
CA GLY B 402 47.53 2.27 -8.21
C GLY B 402 48.22 3.05 -7.11
N GLN B 403 47.81 4.30 -6.95
CA GLN B 403 48.42 5.14 -5.93
C GLN B 403 47.92 4.75 -4.55
N VAL B 404 48.82 4.25 -3.71
CA VAL B 404 48.52 3.94 -2.33
C VAL B 404 48.60 5.21 -1.52
N VAL B 405 47.46 5.62 -0.97
CA VAL B 405 47.34 6.77 -0.07
C VAL B 405 46.09 6.54 0.78
N PHE B 406 46.16 6.94 2.04
CA PHE B 406 45.09 6.73 3.01
C PHE B 406 44.40 8.05 3.35
N ARG B 407 43.08 7.98 3.51
CA ARG B 407 42.29 9.10 4.02
C ARG B 407 41.43 8.59 5.18
N ASN B 408 41.84 8.93 6.40
CA ASN B 408 41.21 8.41 7.62
C ASN B 408 41.27 6.89 7.66
N GLY B 409 42.45 6.35 7.40
CA GLY B 409 42.68 4.93 7.47
C GLY B 409 42.16 4.13 6.31
N GLU B 410 41.34 4.71 5.45
CA GLU B 410 40.73 3.97 4.35
C GLU B 410 41.50 4.21 3.05
N ARG B 411 41.55 3.17 2.23
CA ARG B 411 42.20 3.27 0.93
C ARG B 411 41.34 4.05 -0.04
N MET B 412 41.98 4.92 -0.82
CA MET B 412 41.34 5.64 -1.93
C MET B 412 41.81 5.01 -3.24
N GLY B 413 41.13 3.94 -3.66
CA GLY B 413 41.54 3.16 -4.79
C GLY B 413 40.69 3.41 -6.02
N THR B 414 40.78 2.48 -6.97
CA THR B 414 40.07 2.57 -8.23
C THR B 414 38.99 1.51 -8.29
N ILE B 415 37.82 1.90 -8.82
CA ILE B 415 36.67 1.02 -8.95
C ILE B 415 36.49 0.65 -10.41
N LYS B 416 36.38 -0.64 -10.67
CA LYS B 416 36.20 -1.17 -12.02
C LYS B 416 34.72 -1.35 -12.31
N PHE B 417 34.31 -0.87 -13.49
CA PHE B 417 33.00 -1.13 -14.07
C PHE B 417 33.15 -2.19 -15.16
N THR B 418 32.31 -3.21 -15.10
CA THR B 418 32.29 -4.22 -16.13
C THR B 418 30.86 -4.43 -16.60
N GLN B 419 30.70 -5.07 -17.74
CA GLN B 419 29.39 -5.27 -18.32
C GLN B 419 29.30 -6.66 -18.93
N PHE B 420 28.17 -7.31 -18.72
CA PHE B 420 27.92 -8.62 -19.31
C PHE B 420 27.70 -8.46 -20.80
N GLN B 421 28.53 -9.11 -21.62
CA GLN B 421 28.40 -9.04 -23.07
C GLN B 421 28.40 -10.47 -23.61
N ASP B 422 27.22 -11.07 -23.62
CA ASP B 422 26.85 -12.21 -24.46
C ASP B 422 27.48 -13.54 -24.04
N SER B 423 28.60 -13.52 -23.32
CA SER B 423 29.06 -14.76 -22.71
C SER B 423 29.75 -14.51 -21.37
N ARG B 424 30.29 -13.31 -21.18
CA ARG B 424 31.14 -13.03 -20.04
C ARG B 424 31.19 -11.53 -19.82
N GLU B 425 31.76 -11.15 -18.69
CA GLU B 425 31.83 -9.75 -18.29
C GLU B 425 33.13 -9.14 -18.79
N VAL B 426 33.03 -8.02 -19.48
CA VAL B 426 34.20 -7.32 -20.01
C VAL B 426 34.28 -5.94 -19.37
N LYS B 427 35.50 -5.46 -19.16
CA LYS B 427 35.70 -4.17 -18.52
C LYS B 427 35.28 -3.04 -19.45
N VAL B 428 34.53 -2.08 -18.93
CA VAL B 428 34.00 -0.98 -19.73
C VAL B 428 34.33 0.39 -19.14
N GLY B 429 35.07 0.45 -18.05
CA GLY B 429 35.38 1.74 -17.45
C GLY B 429 36.03 1.57 -16.11
N GLU B 430 36.55 2.68 -15.61
CA GLU B 430 37.23 2.71 -14.32
C GLU B 430 37.01 4.06 -13.65
N TYR B 431 36.80 4.04 -12.35
CA TYR B 431 36.67 5.23 -11.54
C TYR B 431 37.94 5.43 -10.73
N ASN B 432 38.29 6.68 -10.46
CA ASN B 432 39.51 7.02 -9.74
C ASN B 432 39.12 7.94 -8.59
N ALA B 433 39.22 7.41 -7.36
CA ALA B 433 38.66 8.10 -6.21
C ALA B 433 39.57 9.21 -5.70
N VAL B 434 40.88 9.07 -5.84
CA VAL B 434 41.76 10.13 -5.34
C VAL B 434 41.63 11.38 -6.21
N ALA B 435 41.39 11.20 -7.51
CA ALA B 435 41.08 12.29 -8.42
C ALA B 435 39.58 12.45 -8.65
N ASP B 436 38.78 11.45 -8.28
CA ASP B 436 37.32 11.45 -8.38
C ASP B 436 36.86 11.64 -9.82
N THR B 437 37.50 10.95 -10.74
CA THR B 437 37.19 11.04 -12.16
C THR B 437 36.83 9.66 -12.69
N LEU B 438 35.71 9.58 -13.40
CA LEU B 438 35.33 8.37 -14.10
C LEU B 438 35.79 8.44 -15.55
N GLU B 439 36.27 7.32 -16.07
CA GLU B 439 36.53 7.19 -17.49
C GLU B 439 35.86 5.94 -17.98
N ILE B 440 35.35 5.98 -19.20
CA ILE B 440 34.65 4.85 -19.80
C ILE B 440 35.24 4.54 -21.16
N ILE B 441 35.43 3.25 -21.44
CA ILE B 441 35.95 2.85 -22.74
C ILE B 441 34.72 2.78 -23.65
N ASN B 442 34.60 3.77 -24.53
CA ASN B 442 33.40 3.88 -25.38
C ASN B 442 33.22 2.68 -26.31
N ASP B 443 34.31 2.18 -26.90
CA ASP B 443 34.17 1.04 -27.81
C ASP B 443 33.62 -0.18 -27.07
N THR B 444 34.13 -0.46 -25.87
CA THR B 444 33.73 -1.64 -25.12
C THR B 444 32.28 -1.59 -24.69
N ILE B 445 31.80 -0.46 -24.18
CA ILE B 445 30.43 -0.43 -23.66
C ILE B 445 29.45 -0.52 -24.82
N ARG B 446 28.36 -1.24 -24.58
CA ARG B 446 27.31 -1.42 -25.57
C ARG B 446 25.95 -1.45 -24.91
N PHE B 447 24.94 -0.99 -25.63
CA PHE B 447 23.56 -1.00 -25.16
C PHE B 447 22.71 -1.72 -26.20
N GLN B 448 21.67 -2.39 -25.72
CA GLN B 448 20.79 -3.09 -26.66
C GLN B 448 19.99 -2.11 -27.50
N GLY B 449 19.69 -0.95 -26.93
CA GLY B 449 19.10 0.12 -27.71
C GLY B 449 20.17 0.99 -28.36
N SER B 450 19.74 1.76 -29.35
CA SER B 450 20.69 2.59 -30.08
C SER B 450 21.29 3.68 -29.21
N GLU B 451 20.63 4.05 -28.12
CA GLU B 451 21.07 5.06 -27.20
C GLU B 451 20.95 4.52 -25.78
N PRO B 452 21.63 5.13 -24.81
CA PRO B 452 21.52 4.67 -23.44
C PRO B 452 20.12 4.87 -22.91
N PRO B 453 19.59 3.93 -22.13
CA PRO B 453 18.24 4.08 -21.57
C PRO B 453 18.02 5.38 -20.83
N LYS B 454 16.76 5.79 -20.75
CA LYS B 454 16.37 7.02 -20.07
C LYS B 454 15.80 6.71 -18.70
N ASP B 455 15.88 7.69 -17.80
CA ASP B 455 15.45 7.45 -16.43
C ASP B 455 13.94 7.32 -16.34
N LYS B 456 13.21 8.11 -17.11
CA LYS B 456 11.75 8.22 -16.97
C LYS B 456 11.10 8.27 -18.34
N THR B 457 10.10 7.41 -18.49
CA THR B 457 9.26 7.36 -19.67
C THR B 457 8.27 8.50 -19.47
N ILE B 458 7.96 9.20 -20.55
CA ILE B 458 7.04 10.33 -20.52
C ILE B 458 5.96 10.09 -21.55
N ILE B 459 4.92 10.88 -21.50
CA ILE B 459 3.80 10.69 -22.40
C ILE B 459 3.54 11.98 -23.18
N LEU B 460 3.14 11.84 -24.44
CA LEU B 460 2.87 12.97 -25.31
C LEU B 460 1.39 13.05 -25.63
N GLU B 461 0.87 14.27 -25.80
CA GLU B 461 -0.57 14.47 -25.89
C GLU B 461 -1.16 13.86 -27.16
N GLN B 462 -0.81 14.40 -28.32
CA GLN B 462 -1.29 13.87 -29.59
C GLN B 462 -2.81 13.86 -29.65
N LEU B 463 -3.37 15.07 -29.67
CA LEU B 463 -4.82 15.26 -29.74
C LEU B 463 -5.45 14.41 -30.84
N ARG B 464 -6.54 13.75 -30.50
CA ARG B 464 -7.22 12.88 -31.47
C ARG B 464 -7.92 13.74 -32.52
N LYS B 465 -7.43 13.55 -33.71
CA LYS B 465 -7.98 14.39 -34.77
C LYS B 465 -8.96 13.61 -35.64
N ILE B 466 -9.78 14.36 -36.37
CA ILE B 466 -10.68 13.81 -37.39
C ILE B 466 -10.01 13.93 -38.75
N SER B 467 -10.41 13.05 -39.67
CA SER B 467 -9.79 13.02 -40.99
C SER B 467 -10.24 14.22 -41.80
N LEU B 468 -9.27 15.05 -42.22
CA LEU B 468 -9.62 16.23 -43.01
C LEU B 468 -10.27 15.90 -44.35
N PRO B 469 -9.85 14.90 -45.13
CA PRO B 469 -10.52 14.67 -46.41
C PRO B 469 -11.96 14.21 -46.26
N LEU B 470 -12.30 13.47 -45.20
CA LEU B 470 -13.69 13.11 -44.97
C LEU B 470 -14.52 14.33 -44.60
N TYR B 471 -13.95 15.24 -43.81
CA TYR B 471 -14.62 16.50 -43.52
C TYR B 471 -14.85 17.29 -44.79
N SER B 472 -13.86 17.30 -45.70
CA SER B 472 -14.02 18.06 -46.94
C SER B 472 -15.10 17.45 -47.81
N ILE B 473 -15.14 16.12 -47.90
CA ILE B 473 -16.17 15.46 -48.73
C ILE B 473 -17.56 15.76 -48.18
N LEU B 474 -17.72 15.71 -46.86
CA LEU B 474 -19.05 15.95 -46.31
C LEU B 474 -19.42 17.43 -46.40
N SER B 475 -18.44 18.33 -46.29
CA SER B 475 -18.73 19.74 -46.51
C SER B 475 -19.13 20.02 -47.95
N ALA B 476 -18.54 19.29 -48.91
CA ALA B 476 -18.94 19.48 -50.29
C ALA B 476 -20.35 18.97 -50.54
N LEU B 477 -20.70 17.81 -49.96
CA LEU B 477 -22.07 17.33 -50.12
C LEU B 477 -23.08 18.26 -49.46
N THR B 478 -22.71 18.84 -48.31
CA THR B 478 -23.67 19.74 -47.67
C THR B 478 -23.78 21.08 -48.39
N ILE B 479 -22.71 21.57 -49.01
CA ILE B 479 -22.87 22.80 -49.78
C ILE B 479 -23.68 22.55 -51.05
N LEU B 480 -23.54 21.36 -51.64
CA LEU B 480 -24.40 20.99 -52.75
C LEU B 480 -25.86 20.97 -52.32
N GLY B 481 -26.14 20.35 -51.16
CA GLY B 481 -27.51 20.33 -50.67
C GLY B 481 -28.04 21.71 -50.32
N MET B 482 -27.16 22.59 -49.85
CA MET B 482 -27.61 23.94 -49.49
C MET B 482 -27.98 24.74 -50.73
N ILE B 483 -27.18 24.63 -51.79
CA ILE B 483 -27.56 25.37 -53.00
C ILE B 483 -28.78 24.72 -53.66
N MET B 484 -28.97 23.42 -53.49
CA MET B 484 -30.22 22.81 -53.96
C MET B 484 -31.42 23.36 -53.21
N ALA B 485 -31.32 23.50 -51.89
CA ALA B 485 -32.43 24.03 -51.12
C ALA B 485 -32.71 25.49 -51.46
N SER B 486 -31.64 26.27 -51.73
CA SER B 486 -31.89 27.65 -52.15
C SER B 486 -32.51 27.72 -53.53
N ALA B 487 -32.18 26.76 -54.40
CA ALA B 487 -32.84 26.70 -55.70
C ALA B 487 -34.32 26.35 -55.56
N PHE B 488 -34.65 25.46 -54.62
CA PHE B 488 -36.07 25.15 -54.41
C PHE B 488 -36.82 26.34 -53.81
N LEU B 489 -36.16 27.10 -52.94
CA LEU B 489 -36.82 28.29 -52.40
C LEU B 489 -37.04 29.33 -53.49
N PHE B 490 -36.07 29.51 -54.39
CA PHE B 490 -36.27 30.45 -55.49
C PHE B 490 -37.33 29.97 -56.46
N PHE B 491 -37.43 28.66 -56.69
CA PHE B 491 -38.50 28.12 -57.52
C PHE B 491 -39.86 28.39 -56.87
N ASN B 492 -39.96 28.21 -55.56
CA ASN B 492 -41.23 28.43 -54.88
C ASN B 492 -41.60 29.91 -54.91
N ILE B 493 -40.63 30.80 -54.74
CA ILE B 493 -40.93 32.22 -54.74
C ILE B 493 -41.21 32.73 -56.15
N LYS B 494 -40.71 32.05 -57.18
CA LYS B 494 -40.98 32.46 -58.56
C LYS B 494 -42.44 32.19 -58.92
N ASN B 495 -42.89 30.96 -58.73
CA ASN B 495 -44.26 30.56 -59.07
C ASN B 495 -45.24 30.82 -57.94
N ARG B 496 -45.02 31.88 -57.17
CA ARG B 496 -45.87 32.20 -56.03
C ARG B 496 -47.33 32.33 -56.44
N ASN B 497 -47.62 33.05 -57.52
CA ASN B 497 -48.99 33.34 -57.88
C ASN B 497 -49.66 32.23 -58.67
N GLN B 498 -48.96 31.14 -58.97
CA GLN B 498 -49.60 29.99 -59.61
C GLN B 498 -50.58 29.34 -58.62
N LYS B 499 -51.77 29.00 -59.11
CA LYS B 499 -52.83 28.53 -58.23
C LYS B 499 -52.45 27.23 -57.51
N LEU B 500 -51.67 26.37 -58.16
CA LEU B 500 -51.32 25.11 -57.50
C LEU B 500 -50.38 25.32 -56.33
N ILE B 501 -49.48 26.31 -56.42
CA ILE B 501 -48.69 26.65 -55.24
C ILE B 501 -49.57 27.33 -54.20
N LYS B 502 -50.63 28.00 -54.64
CA LYS B 502 -51.57 28.59 -53.70
C LYS B 502 -52.44 27.55 -53.00
N MET B 503 -52.44 26.30 -53.49
CA MET B 503 -53.13 25.22 -52.81
C MET B 503 -52.34 24.67 -51.63
N SER B 504 -51.20 25.28 -51.32
CA SER B 504 -50.41 24.96 -50.14
C SER B 504 -49.91 26.26 -49.54
N SER B 505 -49.99 26.39 -48.23
CA SER B 505 -49.60 27.64 -47.59
C SER B 505 -48.14 27.90 -47.88
N PRO B 506 -47.81 28.95 -48.62
CA PRO B 506 -46.43 29.11 -49.09
C PRO B 506 -45.48 29.50 -47.99
N TYR B 507 -45.95 30.24 -46.99
CA TYR B 507 -45.07 30.64 -45.89
C TYR B 507 -44.58 29.42 -45.11
N MET B 508 -45.42 28.39 -44.99
CA MET B 508 -44.99 27.18 -44.30
C MET B 508 -43.89 26.47 -45.09
N ASN B 509 -44.01 26.42 -46.41
CA ASN B 509 -42.96 25.79 -47.20
C ASN B 509 -41.68 26.61 -47.20
N ASN B 510 -41.80 27.94 -47.14
CA ASN B 510 -40.60 28.76 -47.05
C ASN B 510 -39.92 28.63 -45.70
N LEU B 511 -40.69 28.44 -44.62
CA LEU B 511 -40.05 28.16 -43.35
C LEU B 511 -39.43 26.78 -43.32
N ILE B 512 -40.04 25.81 -44.02
CA ILE B 512 -39.42 24.49 -44.12
C ILE B 512 -38.08 24.58 -44.85
N ILE B 513 -38.02 25.35 -45.93
CA ILE B 513 -36.77 25.45 -46.68
C ILE B 513 -35.73 26.26 -45.92
N LEU B 514 -36.16 27.25 -45.14
CA LEU B 514 -35.21 27.98 -44.31
C LEU B 514 -34.63 27.08 -43.23
N GLY B 515 -35.47 26.26 -42.59
CA GLY B 515 -34.96 25.34 -41.60
C GLY B 515 -34.05 24.29 -42.19
N GLY B 516 -34.33 23.86 -43.41
CA GLY B 516 -33.43 22.91 -44.06
C GLY B 516 -32.07 23.52 -44.38
N MET B 517 -32.05 24.77 -44.86
CA MET B 517 -30.75 25.38 -45.13
C MET B 517 -29.98 25.67 -43.85
N LEU B 518 -30.66 26.03 -42.76
CA LEU B 518 -29.92 26.23 -41.51
C LEU B 518 -29.42 24.90 -40.94
N SER B 519 -30.18 23.82 -41.11
CA SER B 519 -29.68 22.51 -40.69
C SER B 519 -28.51 22.08 -41.56
N TYR B 520 -28.47 22.53 -42.82
CA TYR B 520 -27.31 22.30 -43.67
C TYR B 520 -26.13 23.21 -43.32
N ALA B 521 -26.38 24.37 -42.71
CA ALA B 521 -25.29 25.28 -42.37
C ALA B 521 -24.72 25.06 -40.99
N SER B 522 -25.45 24.37 -40.11
CA SER B 522 -24.91 24.05 -38.79
C SER B 522 -23.82 22.99 -38.86
N ILE B 523 -23.86 22.15 -39.89
CA ILE B 523 -22.94 21.03 -40.00
C ILE B 523 -21.50 21.50 -40.16
N PHE B 524 -21.28 22.70 -40.69
CA PHE B 524 -19.90 23.18 -40.79
C PHE B 524 -19.30 23.45 -39.43
N LEU B 525 -20.08 24.03 -38.52
CA LEU B 525 -19.63 24.25 -37.15
C LEU B 525 -19.55 22.96 -36.34
N PHE B 526 -20.54 22.09 -36.49
CA PHE B 526 -20.58 20.85 -35.73
C PHE B 526 -19.42 19.92 -36.04
N GLY B 527 -19.00 19.86 -37.29
CA GLY B 527 -17.90 19.05 -37.76
C GLY B 527 -16.53 19.34 -37.22
N LEU B 528 -16.23 20.60 -36.88
CA LEU B 528 -14.88 20.98 -36.50
C LEU B 528 -14.33 20.15 -35.34
N ASP B 529 -13.10 19.69 -35.53
CA ASP B 529 -12.28 18.92 -34.60
C ASP B 529 -11.80 19.72 -33.40
N GLY B 530 -11.50 21.01 -33.58
CA GLY B 530 -10.92 21.84 -32.56
C GLY B 530 -9.45 22.16 -32.77
N SER B 531 -8.80 21.43 -33.68
CA SER B 531 -7.43 21.69 -34.10
C SER B 531 -7.36 22.62 -35.30
N PHE B 532 -8.51 22.94 -35.92
CA PHE B 532 -8.57 23.87 -37.03
C PHE B 532 -8.84 25.30 -36.58
N VAL B 533 -9.17 25.51 -35.31
CA VAL B 533 -9.58 26.81 -34.81
C VAL B 533 -8.89 27.03 -33.47
N SER B 534 -8.84 28.28 -33.04
CA SER B 534 -8.22 28.58 -31.76
C SER B 534 -9.08 28.05 -30.62
N GLU B 535 -8.52 28.13 -29.42
CA GLU B 535 -9.14 27.51 -28.26
C GLU B 535 -10.38 28.28 -27.82
N LYS B 536 -10.22 29.55 -27.47
CA LYS B 536 -11.35 30.30 -26.92
C LYS B 536 -12.40 30.60 -27.98
N THR B 537 -11.98 30.74 -29.24
CA THR B 537 -12.95 30.89 -30.32
C THR B 537 -13.76 29.62 -30.48
N PHE B 538 -13.13 28.47 -30.29
CA PHE B 538 -13.87 27.20 -30.28
C PHE B 538 -14.83 27.14 -29.10
N GLU B 539 -14.41 27.61 -27.92
CA GLU B 539 -15.30 27.55 -26.77
C GLU B 539 -16.50 28.48 -26.92
N THR B 540 -16.39 29.50 -27.77
CA THR B 540 -17.51 30.39 -28.05
C THR B 540 -18.15 30.05 -29.40
N LEU B 541 -17.87 28.87 -29.92
CA LEU B 541 -18.52 28.40 -31.14
C LEU B 541 -19.40 27.18 -30.93
N CYS B 542 -19.19 26.38 -29.87
CA CYS B 542 -20.09 25.26 -29.63
C CYS B 542 -21.48 25.74 -29.25
N THR B 543 -21.63 27.03 -28.92
CA THR B 543 -22.96 27.58 -28.65
C THR B 543 -23.67 27.96 -29.95
N VAL B 544 -22.94 28.46 -30.95
CA VAL B 544 -23.60 28.88 -32.17
C VAL B 544 -24.06 27.66 -32.97
N ARG B 545 -23.28 26.57 -32.92
CA ARG B 545 -23.70 25.36 -33.61
C ARG B 545 -25.03 24.88 -33.07
N THR B 546 -25.22 24.91 -31.74
CA THR B 546 -26.46 24.40 -31.19
C THR B 546 -27.60 25.40 -31.34
N TRP B 547 -27.30 26.71 -31.29
CA TRP B 547 -28.33 27.69 -31.62
C TRP B 547 -28.88 27.45 -33.02
N ILE B 548 -27.99 27.36 -34.01
CA ILE B 548 -28.44 27.22 -35.39
C ILE B 548 -29.11 25.88 -35.60
N LEU B 549 -28.60 24.82 -34.97
CA LEU B 549 -29.20 23.51 -35.17
C LEU B 549 -30.61 23.45 -34.59
N THR B 550 -30.79 23.96 -33.38
CA THR B 550 -32.12 23.90 -32.77
C THR B 550 -33.10 24.86 -33.45
N VAL B 551 -32.63 26.03 -33.92
CA VAL B 551 -33.54 26.93 -34.62
C VAL B 551 -33.95 26.34 -35.96
N GLY B 552 -33.00 25.77 -36.69
CA GLY B 552 -33.34 25.14 -37.95
C GLY B 552 -34.31 23.99 -37.77
N TYR B 553 -34.04 23.13 -36.78
CA TYR B 553 -34.96 22.01 -36.55
C TYR B 553 -36.32 22.50 -36.11
N THR B 554 -36.38 23.49 -35.22
CA THR B 554 -37.67 23.93 -34.71
C THR B 554 -38.52 24.55 -35.82
N THR B 555 -37.93 25.35 -36.71
CA THR B 555 -38.74 25.90 -37.80
C THR B 555 -39.11 24.80 -38.80
N ALA B 556 -38.12 24.02 -39.24
CA ALA B 556 -38.36 23.04 -40.29
C ALA B 556 -39.36 21.97 -39.85
N PHE B 557 -39.45 21.70 -38.54
CA PHE B 557 -40.43 20.74 -38.07
C PHE B 557 -41.74 21.40 -37.65
N GLY B 558 -41.68 22.62 -37.11
CA GLY B 558 -42.89 23.29 -36.70
C GLY B 558 -43.79 23.65 -37.86
N ALA B 559 -43.22 23.94 -39.03
CA ALA B 559 -44.07 24.25 -40.17
C ALA B 559 -44.86 23.03 -40.64
N MET B 560 -44.18 21.89 -40.78
CA MET B 560 -44.89 20.70 -41.22
C MET B 560 -45.81 20.16 -40.12
N PHE B 561 -45.46 20.39 -38.86
CA PHE B 561 -46.35 20.04 -37.77
C PHE B 561 -47.60 20.90 -37.78
N ALA B 562 -47.42 22.21 -37.98
CA ALA B 562 -48.57 23.11 -38.12
C ALA B 562 -49.50 22.63 -39.22
N LYS B 563 -48.94 22.32 -40.39
CA LYS B 563 -49.79 21.88 -41.48
C LYS B 563 -50.50 20.57 -41.16
N THR B 564 -49.80 19.60 -40.55
CA THR B 564 -50.50 18.35 -40.24
C THR B 564 -51.58 18.52 -39.16
N TRP B 565 -51.30 19.30 -38.10
CA TRP B 565 -52.34 19.49 -37.09
C TRP B 565 -53.53 20.24 -37.67
N ARG B 566 -53.29 21.27 -38.48
CA ARG B 566 -54.41 22.02 -39.05
C ARG B 566 -55.23 21.11 -39.95
N VAL B 567 -54.58 20.27 -40.75
CA VAL B 567 -55.33 19.38 -41.64
C VAL B 567 -56.18 18.41 -40.82
N HIS B 568 -55.61 17.90 -39.71
CA HIS B 568 -56.36 16.99 -38.85
C HIS B 568 -57.54 17.70 -38.19
N ALA B 569 -57.34 18.96 -37.76
CA ALA B 569 -58.39 19.69 -37.07
C ALA B 569 -59.52 20.12 -38.01
N ILE B 570 -59.19 20.43 -39.27
CA ILE B 570 -60.21 20.77 -40.25
C ILE B 570 -60.84 19.55 -40.91
N PHE B 571 -60.27 18.36 -40.72
CA PHE B 571 -60.92 17.16 -41.25
C PHE B 571 -62.06 16.71 -40.35
N LYS B 572 -61.83 16.68 -39.04
CA LYS B 572 -62.83 16.16 -38.11
C LYS B 572 -64.13 16.93 -38.18
N ASN B 573 -64.03 18.23 -38.38
CA ASN B 573 -65.23 19.07 -38.42
C ASN B 573 -66.15 18.68 -39.58
N GLN B 584 -51.58 34.22 -41.53
CA GLN B 584 -52.67 34.03 -40.58
C GLN B 584 -52.18 33.32 -39.32
N LYS B 585 -53.12 32.76 -38.56
CA LYS B 585 -52.84 32.06 -37.31
C LYS B 585 -52.08 30.76 -37.50
N LEU B 586 -51.86 30.31 -38.73
CA LEU B 586 -51.12 29.07 -38.94
C LEU B 586 -49.64 29.21 -38.61
N LEU B 587 -49.09 30.43 -38.64
CA LEU B 587 -47.67 30.62 -38.38
C LEU B 587 -47.38 31.01 -36.95
N VAL B 588 -48.39 31.43 -36.19
CA VAL B 588 -48.19 31.85 -34.81
C VAL B 588 -47.67 30.69 -33.96
N ILE B 589 -48.03 29.46 -34.32
CA ILE B 589 -47.63 28.31 -33.50
C ILE B 589 -46.12 28.11 -33.56
N VAL B 590 -45.53 28.23 -34.76
CA VAL B 590 -44.09 28.07 -34.84
C VAL B 590 -43.39 29.27 -34.21
N GLY B 591 -44.03 30.43 -34.24
CA GLY B 591 -43.50 31.57 -33.51
C GLY B 591 -43.41 31.32 -32.02
N GLY B 592 -44.45 30.69 -31.46
CA GLY B 592 -44.41 30.36 -30.05
C GLY B 592 -43.40 29.26 -29.74
N MET B 593 -43.25 28.31 -30.65
CA MET B 593 -42.26 27.26 -30.45
C MET B 593 -40.85 27.82 -30.47
N LEU B 594 -40.56 28.71 -31.43
CA LEU B 594 -39.27 29.38 -31.43
C LEU B 594 -39.10 30.26 -30.21
N LEU B 595 -40.19 30.82 -29.68
CA LEU B 595 -40.04 31.64 -28.48
C LEU B 595 -39.66 30.78 -27.27
N ILE B 596 -40.29 29.61 -27.12
CA ILE B 596 -39.95 28.77 -25.98
C ILE B 596 -38.53 28.23 -26.13
N ASP B 597 -38.13 27.84 -27.34
CA ASP B 597 -36.77 27.36 -27.52
C ASP B 597 -35.74 28.46 -27.32
N LEU B 598 -36.02 29.68 -27.76
CA LEU B 598 -35.09 30.77 -27.51
C LEU B 598 -34.96 31.04 -26.02
N CYS B 599 -36.07 31.00 -25.28
CA CYS B 599 -35.98 31.16 -23.84
C CYS B 599 -35.13 30.07 -23.21
N ILE B 600 -35.33 28.81 -23.63
CA ILE B 600 -34.54 27.71 -23.09
C ILE B 600 -33.06 27.92 -23.38
N LEU B 601 -32.73 28.40 -24.58
CA LEU B 601 -31.33 28.57 -24.94
C LEU B 601 -30.69 29.73 -24.20
N ILE B 602 -31.44 30.82 -24.00
CA ILE B 602 -30.88 31.94 -23.25
C ILE B 602 -30.68 31.56 -21.79
N CYS B 603 -31.58 30.75 -21.22
CA CYS B 603 -31.34 30.26 -19.86
C CYS B 603 -30.13 29.35 -19.82
N TRP B 604 -29.96 28.50 -20.84
CA TRP B 604 -28.78 27.65 -20.95
C TRP B 604 -27.50 28.47 -20.95
N GLN B 605 -27.44 29.49 -21.82
CA GLN B 605 -26.27 30.36 -21.86
C GLN B 605 -26.09 31.13 -20.56
N ALA B 606 -27.18 31.39 -19.83
CA ALA B 606 -27.08 32.23 -18.65
C ALA B 606 -26.58 31.47 -17.42
N VAL B 607 -27.11 30.27 -17.18
CA VAL B 607 -26.85 29.59 -15.91
C VAL B 607 -25.61 28.70 -15.98
N ASP B 608 -25.36 28.03 -17.10
CA ASP B 608 -24.16 27.19 -17.25
C ASP B 608 -23.73 27.20 -18.70
N PRO B 609 -22.94 28.20 -19.10
CA PRO B 609 -22.52 28.29 -20.50
C PRO B 609 -21.67 27.09 -20.90
N LEU B 610 -21.80 26.74 -22.17
CA LEU B 610 -21.11 25.58 -22.61
C LEU B 610 -19.67 25.91 -22.41
N ARG B 611 -19.08 25.07 -21.59
CA ARG B 611 -17.65 25.08 -21.30
C ARG B 611 -16.92 24.15 -22.25
N ARG B 612 -15.59 24.15 -22.12
CA ARG B 612 -14.74 23.27 -22.91
C ARG B 612 -14.06 22.26 -22.00
N THR B 613 -14.27 20.98 -22.28
CA THR B 613 -13.71 19.90 -21.49
C THR B 613 -12.89 19.00 -22.40
N VAL B 614 -12.02 18.21 -21.78
CA VAL B 614 -11.14 17.31 -22.48
C VAL B 614 -11.01 16.01 -21.70
N GLU B 615 -10.97 14.89 -22.40
CA GLU B 615 -10.86 13.57 -21.76
C GLU B 615 -9.66 12.75 -22.29
N LYS B 616 -9.13 11.86 -21.44
CA LYS B 616 -7.97 11.05 -21.81
C LYS B 616 -8.27 9.56 -21.89
N TYR B 617 -7.63 8.88 -22.84
CA TYR B 617 -7.83 7.45 -23.04
C TYR B 617 -6.75 6.65 -22.30
N SER B 618 -6.54 5.40 -22.76
CA SER B 618 -5.71 4.44 -22.04
C SER B 618 -4.26 4.88 -21.84
N MET B 619 -3.76 5.83 -22.63
CA MET B 619 -2.35 6.23 -22.68
C MET B 619 -1.42 5.12 -23.19
N GLU B 620 -1.95 3.96 -23.58
CA GLU B 620 -1.16 2.78 -23.89
C GLU B 620 -0.46 2.75 -25.25
N PRO B 621 -1.16 3.01 -26.36
CA PRO B 621 -0.63 2.60 -27.67
C PRO B 621 0.57 3.44 -28.10
N ASP B 622 1.67 2.78 -28.44
CA ASP B 622 2.82 3.50 -28.99
C ASP B 622 3.13 2.99 -30.39
N PRO B 623 2.72 3.72 -31.44
CA PRO B 623 2.97 3.25 -32.80
C PRO B 623 4.40 3.45 -33.29
N ALA B 624 5.00 4.58 -32.94
CA ALA B 624 6.35 4.90 -33.40
C ALA B 624 7.42 4.35 -32.49
N GLY B 625 7.19 4.41 -31.18
CA GLY B 625 8.10 3.82 -30.24
C GLY B 625 9.32 4.62 -29.89
N ARG B 626 9.16 5.89 -29.50
CA ARG B 626 10.29 6.70 -29.08
C ARG B 626 10.61 6.49 -27.61
N ASP B 627 10.19 5.37 -27.04
CA ASP B 627 10.31 5.08 -25.61
C ASP B 627 9.49 6.06 -24.77
N ILE B 628 8.71 6.91 -25.43
CA ILE B 628 7.88 7.88 -24.72
C ILE B 628 6.48 7.57 -25.17
N SER B 629 5.52 7.48 -24.24
CA SER B 629 4.21 7.11 -24.73
C SER B 629 3.42 8.33 -25.21
N ILE B 630 2.24 8.07 -25.74
CA ILE B 630 1.34 9.08 -26.26
C ILE B 630 0.04 9.04 -25.46
N ARG B 631 -0.55 10.20 -25.24
CA ARG B 631 -1.72 10.33 -24.38
C ARG B 631 -2.94 10.75 -25.17
N PRO B 632 -3.60 9.83 -25.88
CA PRO B 632 -4.72 10.23 -26.74
C PRO B 632 -5.80 10.94 -25.93
N LEU B 633 -5.97 12.22 -26.20
CA LEU B 633 -6.95 13.04 -25.52
C LEU B 633 -7.94 13.59 -26.55
N LEU B 634 -9.18 13.75 -26.12
CA LEU B 634 -10.27 14.16 -26.99
C LEU B 634 -10.92 15.41 -26.44
N GLU B 635 -11.35 16.30 -27.33
CA GLU B 635 -12.01 17.54 -26.95
C GLU B 635 -13.51 17.34 -26.87
N HIS B 636 -14.16 18.21 -26.11
CA HIS B 636 -15.61 18.20 -25.94
C HIS B 636 -16.06 19.57 -25.47
N CYS B 637 -17.33 19.86 -25.69
CA CYS B 637 -17.96 21.05 -25.12
C CYS B 637 -19.11 20.60 -24.23
N GLU B 638 -18.90 20.73 -22.92
CA GLU B 638 -19.84 20.29 -21.89
C GLU B 638 -19.96 21.41 -20.87
N ASN B 639 -20.95 21.15 -19.96
CA ASN B 639 -21.00 21.93 -18.74
C ASN B 639 -21.06 21.01 -17.52
N THR B 640 -21.35 21.60 -16.36
CA THR B 640 -21.29 20.88 -15.10
C THR B 640 -22.21 19.66 -15.09
N HIS B 641 -23.46 19.84 -15.51
CA HIS B 641 -24.48 18.80 -15.42
C HIS B 641 -25.30 18.74 -16.71
N MET B 642 -24.61 18.78 -17.84
CA MET B 642 -25.24 18.81 -19.15
C MET B 642 -26.14 17.61 -19.44
N THR B 643 -26.07 16.55 -18.63
CA THR B 643 -26.95 15.41 -18.90
C THR B 643 -28.42 15.79 -18.71
N ILE B 644 -28.72 16.63 -17.71
CA ILE B 644 -30.10 17.05 -17.53
C ILE B 644 -30.58 17.95 -18.67
N TRP B 645 -29.70 18.79 -19.22
CA TRP B 645 -30.13 19.65 -20.32
C TRP B 645 -30.36 18.85 -21.59
N LEU B 646 -29.46 17.90 -21.88
CA LEU B 646 -29.68 17.03 -23.03
C LEU B 646 -30.95 16.22 -22.87
N GLY B 647 -31.19 15.67 -21.68
CA GLY B 647 -32.43 14.94 -21.47
C GLY B 647 -33.65 15.80 -21.64
N ILE B 648 -33.63 17.02 -21.12
CA ILE B 648 -34.77 17.91 -21.24
C ILE B 648 -35.08 18.21 -22.69
N VAL B 649 -34.06 18.63 -23.46
CA VAL B 649 -34.36 19.04 -24.83
C VAL B 649 -34.69 17.83 -25.70
N TYR B 650 -34.05 16.69 -25.46
CA TYR B 650 -34.36 15.51 -26.26
C TYR B 650 -35.76 15.00 -25.97
N ALA B 651 -36.22 15.07 -24.71
CA ALA B 651 -37.58 14.66 -24.43
C ALA B 651 -38.59 15.63 -25.01
N TYR B 652 -38.32 16.93 -24.86
CA TYR B 652 -39.23 17.95 -25.40
C TYR B 652 -39.36 17.81 -26.91
N LYS B 653 -38.27 17.48 -27.60
CA LYS B 653 -38.38 17.29 -29.05
C LYS B 653 -39.01 15.94 -29.40
N GLY B 654 -38.67 14.88 -28.68
CA GLY B 654 -39.13 13.56 -29.07
C GLY B 654 -40.60 13.33 -28.83
N LEU B 655 -41.15 13.88 -27.74
CA LEU B 655 -42.57 13.68 -27.49
C LEU B 655 -43.40 14.44 -28.52
N LEU B 656 -42.99 15.67 -28.83
CA LEU B 656 -43.68 16.45 -29.85
C LEU B 656 -43.57 15.78 -31.21
N MET B 657 -42.39 15.22 -31.52
CA MET B 657 -42.22 14.54 -32.80
C MET B 657 -43.13 13.32 -32.88
N LEU B 658 -43.25 12.56 -31.79
CA LEU B 658 -44.15 11.41 -31.79
C LEU B 658 -45.59 11.86 -31.96
N PHE B 659 -45.96 12.97 -31.31
CA PHE B 659 -47.31 13.49 -31.42
C PHE B 659 -47.63 13.88 -32.85
N GLY B 660 -46.69 14.56 -33.51
CA GLY B 660 -46.86 14.87 -34.92
C GLY B 660 -46.97 13.63 -35.78
N CYS B 661 -46.21 12.59 -35.45
CA CYS B 661 -46.29 11.35 -36.21
C CYS B 661 -47.65 10.69 -36.05
N PHE B 662 -48.19 10.73 -34.84
CA PHE B 662 -49.52 10.16 -34.61
C PHE B 662 -50.58 10.96 -35.35
N LEU B 663 -50.49 12.28 -35.34
CA LEU B 663 -51.45 13.08 -36.09
C LEU B 663 -51.33 12.82 -37.58
N ALA B 664 -50.11 12.57 -38.07
CA ALA B 664 -49.93 12.25 -39.48
C ALA B 664 -50.51 10.90 -39.83
N TRP B 665 -50.46 9.94 -38.91
CA TRP B 665 -51.07 8.64 -39.20
C TRP B 665 -52.60 8.70 -39.13
N GLU B 666 -53.14 9.43 -38.17
CA GLU B 666 -54.60 9.53 -38.06
C GLU B 666 -55.20 10.25 -39.25
N THR B 667 -54.44 11.14 -39.88
CA THR B 667 -54.92 12.02 -40.93
C THR B 667 -54.17 11.72 -42.22
N ARG B 668 -54.13 10.44 -42.60
CA ARG B 668 -53.34 10.00 -43.76
C ARG B 668 -54.11 9.99 -45.08
N ASN B 669 -55.36 9.53 -45.10
CA ASN B 669 -56.13 9.42 -46.32
C ASN B 669 -57.06 10.60 -46.55
N VAL B 670 -56.82 11.71 -45.89
CA VAL B 670 -57.63 12.91 -46.03
C VAL B 670 -57.24 13.68 -47.28
N SER B 671 -58.19 14.41 -47.84
CA SER B 671 -57.99 15.18 -49.06
C SER B 671 -58.60 16.55 -48.82
N ILE B 672 -57.76 17.57 -48.74
CA ILE B 672 -58.22 18.93 -48.51
C ILE B 672 -57.71 19.83 -49.63
N PRO B 673 -58.59 20.39 -50.45
CA PRO B 673 -58.13 21.29 -51.52
C PRO B 673 -57.34 22.48 -51.01
N ALA B 674 -57.65 23.02 -49.84
CA ALA B 674 -56.93 24.19 -49.36
C ALA B 674 -55.48 23.86 -49.01
N LEU B 675 -55.22 22.66 -48.49
CA LEU B 675 -53.87 22.19 -48.18
C LEU B 675 -53.70 20.83 -48.86
N ASN B 676 -53.28 20.83 -50.12
CA ASN B 676 -53.24 19.60 -50.90
C ASN B 676 -52.07 18.69 -50.55
N ASP B 677 -51.02 19.21 -49.92
CA ASP B 677 -49.83 18.43 -49.59
C ASP B 677 -49.96 17.81 -48.19
N SER B 678 -50.99 16.97 -48.03
CA SER B 678 -51.22 16.35 -46.74
C SER B 678 -50.51 15.02 -46.57
N LYS B 679 -50.52 14.17 -47.60
CA LYS B 679 -49.94 12.84 -47.44
C LYS B 679 -48.41 12.89 -47.44
N TYR B 680 -47.83 13.71 -48.32
CA TYR B 680 -46.37 13.75 -48.42
C TYR B 680 -45.74 14.46 -47.23
N ILE B 681 -46.46 15.41 -46.62
CA ILE B 681 -45.97 15.99 -45.39
C ILE B 681 -45.97 14.93 -44.29
N GLY B 682 -46.92 14.00 -44.32
CA GLY B 682 -46.91 12.91 -43.36
C GLY B 682 -45.73 11.97 -43.56
N MET B 683 -45.44 11.63 -44.82
CA MET B 683 -44.26 10.80 -45.08
C MET B 683 -42.98 11.51 -44.63
N SER B 684 -42.93 12.83 -44.81
CA SER B 684 -41.77 13.58 -44.35
C SER B 684 -41.66 13.56 -42.84
N VAL B 685 -42.80 13.65 -42.13
CA VAL B 685 -42.77 13.55 -40.67
C VAL B 685 -42.23 12.18 -40.25
N TYR B 686 -42.66 11.12 -40.93
CA TYR B 686 -42.16 9.78 -40.59
C TYR B 686 -40.65 9.70 -40.74
N ASN B 687 -40.13 10.17 -41.88
CA ASN B 687 -38.70 10.04 -42.12
C ASN B 687 -37.90 10.94 -41.19
N VAL B 688 -38.38 12.16 -40.93
CA VAL B 688 -37.69 13.02 -39.99
C VAL B 688 -37.62 12.37 -38.62
N GLY B 689 -38.73 11.77 -38.17
CA GLY B 689 -38.75 11.09 -36.89
C GLY B 689 -37.71 10.00 -36.78
N ILE B 690 -37.76 9.07 -37.73
CA ILE B 690 -36.86 7.92 -37.71
C ILE B 690 -35.40 8.39 -37.75
N MET B 691 -35.09 9.30 -38.68
CA MET B 691 -33.70 9.69 -38.87
C MET B 691 -33.19 10.47 -37.67
N CYS B 692 -34.05 11.29 -37.05
CA CYS B 692 -33.59 12.07 -35.91
C CYS B 692 -33.36 11.20 -34.69
N ILE B 693 -34.23 10.23 -34.43
CA ILE B 693 -33.99 9.38 -33.27
C ILE B 693 -32.77 8.49 -33.49
N ILE B 694 -32.56 8.01 -34.72
CA ILE B 694 -31.37 7.20 -34.98
C ILE B 694 -30.11 8.04 -34.86
N GLY B 695 -30.13 9.27 -35.37
CA GLY B 695 -28.97 10.14 -35.27
C GLY B 695 -28.64 10.49 -33.83
N ALA B 696 -29.65 10.77 -33.02
CA ALA B 696 -29.38 11.09 -31.62
C ALA B 696 -28.84 9.88 -30.87
N ALA B 697 -29.39 8.69 -31.14
CA ALA B 697 -28.91 7.50 -30.47
C ALA B 697 -27.45 7.21 -30.83
N VAL B 698 -27.11 7.29 -32.11
CA VAL B 698 -25.73 7.00 -32.51
C VAL B 698 -24.78 8.08 -32.02
N SER B 699 -25.22 9.34 -32.00
CA SER B 699 -24.35 10.40 -31.50
C SER B 699 -24.05 10.21 -30.02
N PHE B 700 -25.05 9.77 -29.24
CA PHE B 700 -24.80 9.56 -27.82
C PHE B 700 -24.07 8.25 -27.55
N LEU B 701 -24.15 7.29 -28.47
CA LEU B 701 -23.58 5.97 -28.24
C LEU B 701 -22.13 5.83 -28.68
N THR B 702 -21.70 6.58 -29.70
CA THR B 702 -20.37 6.38 -30.28
C THR B 702 -19.48 7.60 -30.12
N ARG B 703 -19.43 8.17 -28.92
CA ARG B 703 -18.52 9.29 -28.67
C ARG B 703 -17.05 8.89 -28.72
N ASP B 704 -16.75 7.60 -28.82
CA ASP B 704 -15.36 7.14 -28.78
C ASP B 704 -14.54 7.74 -29.93
N GLN B 705 -14.90 7.39 -31.16
CA GLN B 705 -14.14 7.84 -32.31
C GLN B 705 -14.85 9.02 -32.97
N PRO B 706 -14.25 10.21 -33.02
CA PRO B 706 -14.99 11.36 -33.54
C PRO B 706 -15.19 11.30 -35.05
N ASN B 707 -14.33 10.61 -35.77
CA ASN B 707 -14.49 10.50 -37.21
C ASN B 707 -15.78 9.78 -37.56
N VAL B 708 -16.01 8.60 -36.97
CA VAL B 708 -17.16 7.79 -37.37
C VAL B 708 -18.46 8.45 -36.88
N GLN B 709 -18.45 9.02 -35.68
CA GLN B 709 -19.67 9.64 -35.18
C GLN B 709 -19.99 10.92 -35.95
N PHE B 710 -18.96 11.70 -36.29
CA PHE B 710 -19.20 12.87 -37.13
C PHE B 710 -19.73 12.47 -38.50
N CYS B 711 -19.16 11.42 -39.08
CA CYS B 711 -19.62 10.95 -40.38
C CYS B 711 -21.07 10.51 -40.32
N ILE B 712 -21.44 9.77 -39.28
CA ILE B 712 -22.80 9.27 -39.20
C ILE B 712 -23.77 10.42 -38.98
N VAL B 713 -23.44 11.37 -38.10
CA VAL B 713 -24.34 12.50 -37.87
C VAL B 713 -24.48 13.35 -39.12
N ALA B 714 -23.38 13.52 -39.86
CA ALA B 714 -23.45 14.32 -41.09
C ALA B 714 -24.32 13.62 -42.13
N LEU B 715 -24.12 12.31 -42.32
CA LEU B 715 -24.91 11.59 -43.30
C LEU B 715 -26.39 11.58 -42.92
N VAL B 716 -26.69 11.43 -41.63
CA VAL B 716 -28.10 11.34 -41.25
C VAL B 716 -28.77 12.70 -41.37
N ILE B 717 -28.06 13.79 -41.05
CA ILE B 717 -28.68 15.10 -41.19
C ILE B 717 -28.89 15.44 -42.66
N ILE B 718 -27.88 15.17 -43.50
CA ILE B 718 -28.03 15.49 -44.91
C ILE B 718 -29.14 14.65 -45.53
N PHE B 719 -29.22 13.38 -45.15
CA PHE B 719 -30.24 12.50 -45.73
C PHE B 719 -31.63 12.91 -45.28
N CYS B 720 -31.80 13.21 -43.99
CA CYS B 720 -33.09 13.65 -43.48
C CYS B 720 -33.56 14.91 -44.19
N SER B 721 -32.69 15.92 -44.28
CA SER B 721 -33.13 17.18 -44.87
C SER B 721 -33.37 17.07 -46.37
N THR B 722 -32.54 16.28 -47.07
CA THR B 722 -32.75 16.15 -48.50
C THR B 722 -34.01 15.36 -48.82
N ILE B 723 -34.31 14.32 -48.03
CA ILE B 723 -35.53 13.57 -48.28
C ILE B 723 -36.75 14.41 -47.93
N THR B 724 -36.66 15.22 -46.88
CA THR B 724 -37.77 16.11 -46.54
C THR B 724 -38.04 17.08 -47.67
N LEU B 725 -37.01 17.77 -48.16
CA LEU B 725 -37.22 18.76 -49.21
C LEU B 725 -37.63 18.12 -50.53
N CYS B 726 -37.14 16.91 -50.80
CA CYS B 726 -37.58 16.19 -51.98
C CYS B 726 -39.07 15.87 -51.91
N LEU B 727 -39.49 15.20 -50.83
CA LEU B 727 -40.90 14.83 -50.72
C LEU B 727 -41.82 16.04 -50.67
N VAL B 728 -41.35 17.16 -50.15
CA VAL B 728 -42.21 18.33 -50.09
C VAL B 728 -42.30 19.02 -51.44
N PHE B 729 -41.16 19.36 -52.04
CA PHE B 729 -41.15 20.28 -53.17
C PHE B 729 -41.08 19.61 -54.53
N VAL B 730 -40.49 18.43 -54.65
CA VAL B 730 -40.28 17.83 -55.96
C VAL B 730 -41.59 17.57 -56.70
N PRO B 731 -42.59 16.92 -56.11
CA PRO B 731 -43.81 16.62 -56.91
C PRO B 731 -44.57 17.87 -57.32
N LYS B 732 -44.59 18.91 -56.48
CA LYS B 732 -45.20 20.18 -56.86
C LYS B 732 -44.41 20.92 -57.94
N LEU B 733 -43.31 20.35 -58.40
CA LEU B 733 -42.60 20.83 -59.58
C LEU B 733 -42.77 19.91 -60.78
N ILE B 734 -42.68 18.58 -60.57
CA ILE B 734 -42.83 17.66 -61.68
C ILE B 734 -44.24 17.72 -62.25
N THR B 735 -45.26 17.74 -61.40
CA THR B 735 -46.62 17.78 -61.93
C THR B 735 -47.02 19.16 -62.41
N LEU B 736 -46.28 20.20 -62.04
CA LEU B 736 -46.60 21.56 -62.44
C LEU B 736 -45.93 21.95 -63.74
N ARG B 737 -44.66 21.59 -63.94
CA ARG B 737 -43.97 21.95 -65.16
C ARG B 737 -44.54 21.21 -66.35
N THR B 738 -44.81 19.92 -66.21
CA THR B 738 -45.36 19.14 -67.29
C THR B 738 -46.88 19.26 -67.33
#